data_2G7J
#
_entry.id   2G7J
#
_entity_poly.entity_id   1
_entity_poly.type   'polypeptide(L)'
_entity_poly.pdbx_seq_one_letter_code
;MYLRPDEVARVLEKAGFTVDVVTNKTYGYRRGENYVYVNREARMGRTALIIHPRLKDRSSSLADPASDIKTCDHYQNFPL
YLGGETHEHYGIPHGFSSRIALERYLNGLFGDEKTDLEHHHHHH
;
_entity_poly.pdbx_strand_id   A
#
# COMPACT_ATOMS: atom_id res chain seq x y z
N MET A 1 -1.52 -16.90 -8.24
CA MET A 1 -2.00 -16.52 -6.89
C MET A 1 -1.83 -15.03 -6.69
N TYR A 2 -2.15 -14.55 -5.51
CA TYR A 2 -1.98 -13.15 -5.18
C TYR A 2 -0.50 -12.80 -5.05
N LEU A 3 -0.17 -11.55 -5.33
CA LEU A 3 1.23 -11.11 -5.30
C LEU A 3 1.72 -10.98 -3.88
N ARG A 4 2.78 -11.71 -3.55
CA ARG A 4 3.34 -11.69 -2.21
C ARG A 4 4.10 -10.37 -1.99
N PRO A 5 4.32 -9.97 -0.72
CA PRO A 5 5.00 -8.70 -0.38
C PRO A 5 6.33 -8.53 -1.10
N ASP A 6 7.04 -9.64 -1.28
CA ASP A 6 8.31 -9.67 -2.02
C ASP A 6 8.15 -9.06 -3.40
N GLU A 7 7.09 -9.47 -4.09
CA GLU A 7 6.85 -9.08 -5.48
C GLU A 7 6.39 -7.63 -5.54
N VAL A 8 5.55 -7.23 -4.59
CA VAL A 8 5.04 -5.87 -4.54
C VAL A 8 6.19 -4.86 -4.42
N ALA A 9 7.09 -5.12 -3.49
CA ALA A 9 8.26 -4.27 -3.29
C ALA A 9 9.11 -4.22 -4.56
N ARG A 10 9.26 -5.37 -5.21
CA ARG A 10 10.08 -5.48 -6.41
C ARG A 10 9.58 -4.57 -7.52
N VAL A 11 8.27 -4.57 -7.73
CA VAL A 11 7.67 -3.73 -8.76
C VAL A 11 7.88 -2.25 -8.46
N LEU A 12 7.74 -1.90 -7.19
CA LEU A 12 7.95 -0.52 -6.75
C LEU A 12 9.37 -0.05 -7.05
N GLU A 13 10.35 -0.93 -6.84
CA GLU A 13 11.74 -0.63 -7.16
C GLU A 13 11.88 -0.22 -8.62
N LYS A 14 11.29 -1.04 -9.48
CA LYS A 14 11.41 -0.88 -10.92
C LYS A 14 10.75 0.43 -11.38
N ALA A 15 9.69 0.82 -10.68
CA ALA A 15 8.90 2.00 -11.05
C ALA A 15 9.58 3.31 -10.66
N GLY A 16 10.82 3.23 -10.19
CA GLY A 16 11.57 4.44 -9.86
C GLY A 16 11.21 5.00 -8.52
N PHE A 17 10.87 4.13 -7.58
CA PHE A 17 10.51 4.55 -6.23
C PHE A 17 11.72 4.62 -5.32
N THR A 18 11.49 5.10 -4.11
CA THR A 18 12.50 5.15 -3.07
C THR A 18 11.91 4.65 -1.76
N VAL A 19 12.76 4.36 -0.78
CA VAL A 19 12.27 3.80 0.48
C VAL A 19 11.98 4.90 1.49
N ASP A 20 10.84 4.81 2.15
CA ASP A 20 10.41 5.80 3.13
C ASP A 20 10.72 5.32 4.54
N VAL A 21 10.31 4.09 4.84
CA VAL A 21 10.55 3.50 6.16
C VAL A 21 10.68 1.99 6.03
N VAL A 22 11.78 1.44 6.53
CA VAL A 22 12.03 0.02 6.42
C VAL A 22 11.89 -0.67 7.77
N THR A 23 11.04 -1.69 7.82
CA THR A 23 10.87 -2.50 9.02
C THR A 23 10.64 -3.95 8.62
N ASN A 24 10.75 -4.85 9.59
CA ASN A 24 10.51 -6.28 9.34
C ASN A 24 9.02 -6.54 9.13
N LYS A 25 8.21 -5.50 9.27
CA LYS A 25 6.77 -5.62 9.12
C LYS A 25 6.29 -5.01 7.81
N THR A 26 7.11 -4.16 7.19
CA THR A 26 6.66 -3.44 6.00
C THR A 26 7.82 -2.73 5.30
N TYR A 27 7.66 -2.55 4.00
CA TYR A 27 8.55 -1.71 3.22
C TYR A 27 7.82 -0.42 2.85
N GLY A 28 8.05 0.61 3.62
CA GLY A 28 7.48 1.91 3.30
C GLY A 28 8.11 2.47 2.04
N TYR A 29 7.30 2.79 1.06
CA TYR A 29 7.81 3.18 -0.24
C TYR A 29 7.23 4.52 -0.67
N ARG A 30 8.04 5.33 -1.32
CA ARG A 30 7.61 6.64 -1.75
C ARG A 30 8.27 7.06 -3.05
N ARG A 31 7.55 7.84 -3.84
CA ARG A 31 8.10 8.46 -5.02
C ARG A 31 7.58 9.88 -5.12
N GLY A 32 8.36 10.83 -4.66
CA GLY A 32 7.89 12.19 -4.53
C GLY A 32 6.99 12.33 -3.33
N GLU A 33 5.78 12.84 -3.57
CA GLU A 33 4.80 12.98 -2.50
C GLU A 33 3.81 11.82 -2.51
N ASN A 34 4.15 10.78 -3.27
CA ASN A 34 3.33 9.57 -3.33
C ASN A 34 3.89 8.54 -2.35
N TYR A 35 3.09 8.19 -1.35
CA TYR A 35 3.53 7.27 -0.32
C TYR A 35 2.69 6.00 -0.32
N VAL A 36 3.36 4.85 -0.26
CA VAL A 36 2.70 3.56 -0.13
C VAL A 36 3.47 2.69 0.86
N TYR A 37 2.88 1.57 1.26
CA TYR A 37 3.51 0.71 2.24
C TYR A 37 3.32 -0.76 1.85
N VAL A 38 4.42 -1.47 1.62
CA VAL A 38 4.35 -2.88 1.31
C VAL A 38 4.15 -3.70 2.58
N ASN A 39 2.95 -4.24 2.76
CA ASN A 39 2.63 -5.01 3.95
C ASN A 39 3.37 -6.34 3.91
N ARG A 40 4.44 -6.44 4.69
CA ARG A 40 5.26 -7.64 4.70
C ARG A 40 4.60 -8.73 5.52
N GLU A 41 3.52 -8.35 6.21
CA GLU A 41 2.76 -9.29 7.00
C GLU A 41 1.83 -10.11 6.12
N ALA A 42 1.82 -9.79 4.83
CA ALA A 42 0.93 -10.43 3.88
C ALA A 42 1.41 -11.84 3.55
N ARG A 43 1.02 -12.79 4.40
CA ARG A 43 1.29 -14.19 4.14
C ARG A 43 0.51 -14.64 2.91
N MET A 44 -0.65 -14.01 2.74
CA MET A 44 -1.39 -14.09 1.49
C MET A 44 -1.34 -12.72 0.85
N GLY A 45 -1.02 -12.67 -0.44
CA GLY A 45 -0.80 -11.39 -1.11
C GLY A 45 -2.07 -10.62 -1.42
N ARG A 46 -3.02 -10.65 -0.50
CA ARG A 46 -4.29 -9.97 -0.69
C ARG A 46 -4.26 -8.60 -0.02
N THR A 47 -3.53 -8.50 1.08
CA THR A 47 -3.42 -7.24 1.81
C THR A 47 -2.01 -6.68 1.68
N ALA A 48 -1.32 -7.06 0.61
CA ALA A 48 0.09 -6.75 0.44
C ALA A 48 0.34 -5.28 0.11
N LEU A 49 -0.54 -4.69 -0.69
CA LEU A 49 -0.31 -3.32 -1.14
C LEU A 49 -1.13 -2.32 -0.35
N ILE A 50 -0.48 -1.63 0.56
CA ILE A 50 -1.12 -0.53 1.25
C ILE A 50 -0.68 0.76 0.57
N ILE A 51 -1.61 1.65 0.28
CA ILE A 51 -1.24 2.92 -0.33
C ILE A 51 -1.34 4.07 0.67
N HIS A 52 -2.53 4.64 0.80
CA HIS A 52 -2.76 5.81 1.63
C HIS A 52 -4.24 6.17 1.52
N PRO A 53 -4.83 6.75 2.58
CA PRO A 53 -6.17 7.37 2.50
C PRO A 53 -6.26 8.40 1.37
N ARG A 54 -7.33 9.19 1.35
CA ARG A 54 -7.55 10.21 0.31
C ARG A 54 -7.98 9.55 -1.01
N LEU A 55 -7.22 8.54 -1.42
CA LEU A 55 -7.42 7.86 -2.69
C LEU A 55 -8.41 6.70 -2.58
N LYS A 56 -9.17 6.65 -1.51
CA LYS A 56 -9.98 5.47 -1.20
C LYS A 56 -10.92 5.10 -2.34
N ASP A 57 -11.78 6.03 -2.75
CA ASP A 57 -12.74 5.76 -3.82
C ASP A 57 -12.05 5.65 -5.17
N ARG A 58 -11.04 6.50 -5.38
CA ARG A 58 -10.31 6.55 -6.63
C ARG A 58 -9.58 5.23 -6.87
N SER A 59 -8.78 4.85 -5.89
CA SER A 59 -7.96 3.66 -5.98
C SER A 59 -8.82 2.41 -6.21
N SER A 60 -9.93 2.33 -5.47
CA SER A 60 -10.85 1.20 -5.59
C SER A 60 -11.46 1.09 -6.99
N SER A 61 -11.44 2.19 -7.74
CA SER A 61 -12.00 2.19 -9.09
C SER A 61 -11.02 1.56 -10.07
N LEU A 62 -9.76 1.50 -9.68
CA LEU A 62 -8.73 0.86 -10.49
C LEU A 62 -8.48 -0.56 -10.01
N ALA A 63 -8.65 -0.78 -8.71
CA ALA A 63 -8.51 -2.09 -8.12
C ALA A 63 -9.22 -2.16 -6.78
N ASP A 64 -9.97 -3.23 -6.58
CA ASP A 64 -10.78 -3.40 -5.37
C ASP A 64 -9.89 -3.59 -4.15
N PRO A 65 -10.34 -3.10 -2.98
CA PRO A 65 -9.63 -3.28 -1.72
C PRO A 65 -9.81 -4.68 -1.15
N ALA A 66 -8.90 -5.09 -0.29
CA ALA A 66 -8.99 -6.39 0.35
C ALA A 66 -9.76 -6.30 1.66
N SER A 67 -9.99 -5.07 2.09
CA SER A 67 -10.68 -4.78 3.33
C SER A 67 -11.29 -3.40 3.26
N ASP A 68 -10.75 -2.53 4.06
CA ASP A 68 -11.14 -1.13 4.09
C ASP A 68 -10.03 -0.29 4.69
N ILE A 69 -9.81 -0.47 5.98
CA ILE A 69 -8.78 0.25 6.69
C ILE A 69 -8.01 -0.70 7.61
N LYS A 70 -6.70 -0.59 7.55
CA LYS A 70 -5.80 -1.42 8.35
C LYS A 70 -5.07 -0.54 9.35
N THR A 71 -5.26 -0.82 10.63
CA THR A 71 -4.72 0.04 11.68
C THR A 71 -3.22 -0.17 11.86
N CYS A 72 -2.49 0.84 11.41
CA CYS A 72 -1.05 0.81 11.29
C CYS A 72 -0.35 1.04 12.63
N ASP A 73 0.75 0.35 12.83
CA ASP A 73 1.66 0.66 13.92
C ASP A 73 2.87 1.41 13.39
N HIS A 74 3.32 1.04 12.18
CA HIS A 74 4.49 1.65 11.56
C HIS A 74 4.10 2.68 10.52
N TYR A 75 3.10 2.36 9.70
CA TYR A 75 2.74 3.22 8.58
C TYR A 75 1.97 4.44 9.07
N GLN A 76 2.67 5.56 9.23
CA GLN A 76 2.06 6.76 9.78
C GLN A 76 0.83 7.21 8.98
N ASN A 77 1.00 7.44 7.68
CA ASN A 77 -0.09 7.90 6.79
C ASN A 77 -0.58 9.32 7.12
N PHE A 78 -0.48 9.71 8.41
CA PHE A 78 -0.94 11.01 8.97
C PHE A 78 -2.28 10.93 9.74
N PRO A 79 -3.39 10.39 9.17
CA PRO A 79 -4.75 10.51 9.74
C PRO A 79 -4.99 9.74 11.04
N LEU A 80 -3.90 9.25 11.67
CA LEU A 80 -3.89 8.61 13.01
C LEU A 80 -5.27 8.61 13.69
N TYR A 81 -5.90 7.44 13.72
CA TYR A 81 -7.28 7.29 14.18
C TYR A 81 -7.42 7.71 15.64
N LEU A 82 -8.02 8.88 15.85
CA LEU A 82 -8.19 9.44 17.18
C LEU A 82 -9.46 8.89 17.84
N GLY A 83 -10.37 8.36 17.02
CA GLY A 83 -11.64 7.87 17.52
C GLY A 83 -11.56 6.49 18.12
N GLY A 84 -10.68 6.32 19.09
CA GLY A 84 -10.51 5.04 19.75
C GLY A 84 -9.65 5.16 20.98
N GLU A 85 -9.60 4.09 21.79
CA GLU A 85 -8.76 4.07 22.98
C GLU A 85 -7.29 4.18 22.57
N THR A 86 -6.85 3.21 21.79
CA THR A 86 -5.53 3.26 21.21
C THR A 86 -5.59 3.94 19.85
N HIS A 87 -4.78 4.96 19.66
CA HIS A 87 -4.79 5.68 18.41
C HIS A 87 -3.77 5.07 17.47
N GLU A 88 -4.28 4.37 16.48
CA GLU A 88 -3.45 3.70 15.51
C GLU A 88 -3.76 4.24 14.13
N HIS A 89 -2.74 4.32 13.31
CA HIS A 89 -2.88 4.91 11.99
C HIS A 89 -3.74 3.98 11.14
N TYR A 90 -4.09 4.36 9.94
CA TYR A 90 -4.83 3.45 9.09
C TYR A 90 -4.49 3.62 7.63
N GLY A 91 -4.23 2.50 6.98
CA GLY A 91 -3.97 2.48 5.57
C GLY A 91 -5.01 1.64 4.85
N ILE A 92 -5.07 1.75 3.54
CA ILE A 92 -6.09 1.02 2.79
C ILE A 92 -5.47 -0.18 2.08
N PRO A 93 -5.87 -1.40 2.52
CA PRO A 93 -5.35 -2.65 1.96
C PRO A 93 -5.82 -2.93 0.54
N HIS A 94 -4.85 -3.12 -0.35
CA HIS A 94 -5.12 -3.52 -1.73
C HIS A 94 -4.32 -4.77 -2.04
N GLY A 95 -4.52 -5.33 -3.22
CA GLY A 95 -3.82 -6.54 -3.58
C GLY A 95 -4.15 -6.96 -4.99
N PHE A 96 -3.31 -7.82 -5.55
CA PHE A 96 -3.46 -8.25 -6.94
C PHE A 96 -3.12 -9.72 -7.07
N SER A 97 -3.07 -10.17 -8.31
CA SER A 97 -2.69 -11.53 -8.63
C SER A 97 -2.07 -11.56 -10.02
N SER A 98 -1.63 -10.38 -10.45
CA SER A 98 -0.95 -10.19 -11.72
C SER A 98 0.07 -9.06 -11.56
N ARG A 99 1.34 -9.38 -11.70
CA ARG A 99 2.40 -8.40 -11.50
C ARG A 99 2.29 -7.24 -12.48
N ILE A 100 2.02 -7.57 -13.73
CA ILE A 100 1.84 -6.56 -14.77
C ILE A 100 0.66 -5.62 -14.44
N ALA A 101 -0.34 -6.14 -13.72
CA ALA A 101 -1.49 -5.32 -13.34
C ALA A 101 -1.07 -4.29 -12.32
N LEU A 102 -0.19 -4.68 -11.41
CA LEU A 102 0.36 -3.75 -10.44
C LEU A 102 1.16 -2.67 -11.14
N GLU A 103 1.85 -3.05 -12.21
CA GLU A 103 2.58 -2.11 -13.04
C GLU A 103 1.63 -1.08 -13.63
N ARG A 104 0.56 -1.56 -14.24
CA ARG A 104 -0.46 -0.71 -14.84
C ARG A 104 -1.22 0.07 -13.77
N TYR A 105 -1.28 -0.47 -12.57
CA TYR A 105 -1.93 0.20 -11.45
C TYR A 105 -1.14 1.44 -11.06
N LEU A 106 0.16 1.26 -10.85
CA LEU A 106 1.06 2.37 -10.59
C LEU A 106 1.06 3.33 -11.77
N ASN A 107 0.89 2.79 -12.96
CA ASN A 107 0.77 3.57 -14.19
C ASN A 107 -0.43 4.48 -14.13
N GLY A 108 -1.57 3.89 -13.83
CA GLY A 108 -2.79 4.67 -13.69
C GLY A 108 -2.73 5.62 -12.51
N LEU A 109 -2.87 5.07 -11.31
CA LEU A 109 -3.09 5.85 -10.10
C LEU A 109 -1.95 6.82 -9.79
N PHE A 110 -0.72 6.46 -10.16
CA PHE A 110 0.43 7.26 -9.79
C PHE A 110 1.19 7.79 -10.99
N GLY A 111 0.85 7.34 -12.19
CA GLY A 111 1.60 7.74 -13.36
C GLY A 111 0.87 8.72 -14.26
N ASP A 112 -0.02 8.20 -15.10
CA ASP A 112 -0.53 8.95 -16.25
C ASP A 112 -1.88 9.56 -16.01
N MET A 1 -2.69 -15.63 -9.29
CA MET A 1 -2.35 -15.82 -7.86
C MET A 1 -1.79 -14.53 -7.29
N TYR A 2 -2.05 -14.30 -6.02
CA TYR A 2 -1.67 -13.04 -5.37
C TYR A 2 -0.16 -12.89 -5.32
N LEU A 3 0.28 -11.65 -5.24
CA LEU A 3 1.71 -11.34 -5.26
C LEU A 3 2.26 -11.18 -3.86
N ARG A 4 3.46 -11.71 -3.65
CA ARG A 4 4.16 -11.52 -2.39
C ARG A 4 4.49 -10.05 -2.18
N PRO A 5 4.48 -9.58 -0.92
CA PRO A 5 4.87 -8.20 -0.59
C PRO A 5 6.25 -7.87 -1.15
N ASP A 6 7.16 -8.82 -1.04
CA ASP A 6 8.51 -8.71 -1.59
C ASP A 6 8.47 -8.52 -3.11
N GLU A 7 7.59 -9.26 -3.78
CA GLU A 7 7.43 -9.16 -5.23
C GLU A 7 6.86 -7.78 -5.59
N VAL A 8 5.88 -7.33 -4.81
CA VAL A 8 5.28 -6.01 -4.99
C VAL A 8 6.34 -4.92 -4.85
N ALA A 9 7.22 -5.08 -3.86
CA ALA A 9 8.29 -4.13 -3.62
C ALA A 9 9.16 -3.95 -4.87
N ARG A 10 9.42 -5.06 -5.56
CA ARG A 10 10.17 -5.01 -6.82
C ARG A 10 9.48 -4.13 -7.86
N VAL A 11 8.19 -4.37 -8.07
CA VAL A 11 7.43 -3.63 -9.08
C VAL A 11 7.34 -2.15 -8.73
N LEU A 12 7.27 -1.84 -7.45
CA LEU A 12 7.29 -0.45 -7.01
C LEU A 12 8.59 0.23 -7.43
N GLU A 13 9.71 -0.41 -7.14
CA GLU A 13 11.01 0.13 -7.52
C GLU A 13 11.12 0.28 -9.04
N LYS A 14 10.48 -0.64 -9.76
CA LYS A 14 10.42 -0.59 -11.22
C LYS A 14 9.77 0.72 -11.67
N ALA A 15 8.72 1.12 -10.98
CA ALA A 15 8.01 2.36 -11.28
C ALA A 15 8.77 3.58 -10.76
N GLY A 16 9.94 3.35 -10.21
CA GLY A 16 10.78 4.45 -9.74
C GLY A 16 10.50 4.83 -8.30
N PHE A 17 9.86 3.95 -7.56
CA PHE A 17 9.58 4.20 -6.15
C PHE A 17 10.79 3.90 -5.28
N THR A 18 10.90 4.63 -4.18
CA THR A 18 11.98 4.43 -3.24
C THR A 18 11.43 4.04 -1.87
N VAL A 19 12.30 3.56 -0.98
CA VAL A 19 11.88 3.14 0.35
C VAL A 19 11.69 4.35 1.26
N ASP A 20 10.66 4.27 2.11
CA ASP A 20 10.38 5.31 3.10
C ASP A 20 10.92 4.88 4.46
N VAL A 21 10.28 3.87 5.03
CA VAL A 21 10.70 3.33 6.32
C VAL A 21 10.76 1.80 6.27
N VAL A 22 11.96 1.27 6.34
CA VAL A 22 12.14 -0.18 6.32
C VAL A 22 12.01 -0.76 7.73
N THR A 23 11.09 -1.69 7.88
CA THR A 23 10.85 -2.35 9.15
C THR A 23 10.66 -3.85 8.92
N ASN A 24 10.81 -4.65 9.97
CA ASN A 24 10.76 -6.10 9.84
C ASN A 24 9.33 -6.62 9.79
N LYS A 25 8.37 -5.71 9.66
CA LYS A 25 6.97 -6.08 9.52
C LYS A 25 6.34 -5.29 8.38
N THR A 26 7.11 -4.36 7.83
CA THR A 26 6.55 -3.40 6.90
C THR A 26 7.63 -2.78 6.01
N TYR A 27 7.33 -2.63 4.73
CA TYR A 27 8.20 -1.90 3.82
C TYR A 27 7.55 -0.58 3.44
N GLY A 28 7.93 0.48 4.14
CA GLY A 28 7.44 1.80 3.78
C GLY A 28 8.01 2.23 2.45
N TYR A 29 7.17 2.81 1.60
CA TYR A 29 7.58 3.16 0.26
C TYR A 29 7.05 4.53 -0.15
N ARG A 30 7.83 5.23 -0.96
CA ARG A 30 7.46 6.58 -1.39
C ARG A 30 8.17 6.95 -2.70
N ARG A 31 7.51 7.76 -3.49
CA ARG A 31 8.12 8.33 -4.69
C ARG A 31 7.85 9.81 -4.72
N GLY A 32 8.43 10.50 -3.75
CA GLY A 32 8.13 11.90 -3.56
C GLY A 32 7.09 12.10 -2.47
N GLU A 33 6.05 12.86 -2.76
CA GLU A 33 5.04 13.19 -1.75
C GLU A 33 3.94 12.14 -1.67
N ASN A 34 4.04 11.12 -2.52
CA ASN A 34 3.11 10.00 -2.49
C ASN A 34 3.67 8.87 -1.63
N TYR A 35 2.92 8.47 -0.62
CA TYR A 35 3.38 7.47 0.33
C TYR A 35 2.52 6.21 0.31
N VAL A 36 3.19 5.07 0.34
CA VAL A 36 2.53 3.77 0.45
C VAL A 36 3.29 2.87 1.41
N TYR A 37 2.62 1.86 1.94
CA TYR A 37 3.26 0.95 2.87
C TYR A 37 2.99 -0.49 2.46
N VAL A 38 4.05 -1.23 2.21
CA VAL A 38 3.93 -2.63 1.84
C VAL A 38 3.94 -3.51 3.08
N ASN A 39 2.82 -4.17 3.33
CA ASN A 39 2.69 -5.05 4.48
C ASN A 39 3.56 -6.28 4.28
N ARG A 40 4.65 -6.37 5.02
CA ARG A 40 5.59 -7.47 4.87
C ARG A 40 4.94 -8.80 5.24
N GLU A 41 4.09 -8.76 6.24
CA GLU A 41 3.39 -9.96 6.69
C GLU A 41 2.07 -10.16 5.96
N ALA A 42 1.98 -9.64 4.74
CA ALA A 42 0.83 -9.91 3.90
C ALA A 42 0.98 -11.28 3.27
N ARG A 43 0.79 -12.30 4.09
CA ARG A 43 1.05 -13.68 3.70
C ARG A 43 -0.05 -14.20 2.78
N MET A 44 -1.10 -13.41 2.65
CA MET A 44 -2.19 -13.71 1.74
C MET A 44 -1.93 -13.07 0.38
N GLY A 45 -1.08 -12.06 0.37
CA GLY A 45 -0.83 -11.29 -0.85
C GLY A 45 -1.99 -10.38 -1.19
N ARG A 46 -2.98 -10.35 -0.31
CA ARG A 46 -4.20 -9.59 -0.54
C ARG A 46 -4.11 -8.18 0.04
N THR A 47 -3.18 -8.00 0.96
CA THR A 47 -3.09 -6.76 1.70
C THR A 47 -1.68 -6.17 1.63
N ALA A 48 -0.99 -6.47 0.54
CA ALA A 48 0.41 -6.09 0.39
C ALA A 48 0.57 -4.60 0.11
N LEU A 49 -0.35 -4.03 -0.66
CA LEU A 49 -0.20 -2.65 -1.11
C LEU A 49 -1.16 -1.73 -0.37
N ILE A 50 -0.64 -0.99 0.58
CA ILE A 50 -1.44 -0.10 1.39
C ILE A 50 -1.14 1.36 1.05
N ILE A 51 -2.17 2.12 0.70
CA ILE A 51 -1.98 3.49 0.20
C ILE A 51 -2.50 4.54 1.17
N HIS A 52 -2.22 5.80 0.81
CA HIS A 52 -2.64 6.96 1.59
C HIS A 52 -4.12 7.26 1.38
N PRO A 53 -4.85 7.56 2.47
CA PRO A 53 -6.27 7.95 2.43
C PRO A 53 -6.49 9.21 1.61
N ARG A 54 -6.90 9.03 0.36
CA ARG A 54 -6.96 10.16 -0.57
C ARG A 54 -7.18 9.61 -1.96
N LEU A 55 -6.52 8.49 -2.25
CA LEU A 55 -6.60 7.86 -3.54
C LEU A 55 -7.51 6.65 -3.53
N LYS A 56 -8.32 6.55 -2.48
CA LYS A 56 -9.26 5.44 -2.34
C LYS A 56 -10.25 5.44 -3.50
N ASP A 57 -10.88 6.60 -3.73
CA ASP A 57 -11.89 6.75 -4.77
C ASP A 57 -11.26 6.56 -6.16
N ARG A 58 -10.03 7.01 -6.30
CA ARG A 58 -9.29 6.84 -7.55
C ARG A 58 -8.96 5.37 -7.78
N SER A 59 -8.37 4.76 -6.76
CA SER A 59 -7.96 3.35 -6.83
C SER A 59 -9.14 2.41 -7.08
N SER A 60 -10.31 2.77 -6.57
CA SER A 60 -11.49 1.91 -6.66
C SER A 60 -11.89 1.61 -8.10
N SER A 61 -11.57 2.51 -9.02
CA SER A 61 -11.94 2.33 -10.43
C SER A 61 -10.97 1.39 -11.15
N LEU A 62 -9.90 1.01 -10.46
CA LEU A 62 -8.86 0.18 -11.05
C LEU A 62 -8.73 -1.15 -10.31
N ALA A 63 -8.57 -1.06 -9.00
CA ALA A 63 -8.39 -2.24 -8.17
C ALA A 63 -9.08 -2.06 -6.83
N ASP A 64 -9.98 -2.98 -6.51
CA ASP A 64 -10.75 -2.91 -5.27
C ASP A 64 -9.90 -3.32 -4.08
N PRO A 65 -10.10 -2.66 -2.92
CA PRO A 65 -9.34 -2.93 -1.70
C PRO A 65 -9.74 -4.25 -1.03
N ALA A 66 -8.79 -4.88 -0.36
CA ALA A 66 -9.04 -6.15 0.32
C ALA A 66 -9.68 -5.92 1.68
N SER A 67 -9.90 -4.66 1.98
CA SER A 67 -10.45 -4.24 3.26
C SER A 67 -10.97 -2.82 3.13
N ASP A 68 -10.57 -2.00 4.06
CA ASP A 68 -10.93 -0.58 4.05
C ASP A 68 -9.91 0.19 4.87
N ILE A 69 -9.61 -0.35 6.04
CA ILE A 69 -8.64 0.24 6.94
C ILE A 69 -7.93 -0.84 7.74
N LYS A 70 -6.65 -0.62 7.98
CA LYS A 70 -5.85 -1.51 8.80
C LYS A 70 -4.95 -0.71 9.72
N THR A 71 -4.88 -1.11 10.98
CA THR A 71 -4.05 -0.43 11.95
C THR A 71 -2.67 -1.07 12.01
N CYS A 72 -1.66 -0.24 12.28
CA CYS A 72 -0.27 -0.66 12.44
C CYS A 72 0.61 0.56 12.63
N ASP A 73 1.34 0.59 13.73
CA ASP A 73 2.18 1.75 14.10
C ASP A 73 3.16 2.11 12.98
N HIS A 74 3.50 1.15 12.15
CA HIS A 74 4.47 1.36 11.08
C HIS A 74 3.92 2.30 10.01
N TYR A 75 2.63 2.27 9.76
CA TYR A 75 2.07 3.10 8.69
C TYR A 75 1.58 4.42 9.26
N GLN A 76 2.47 5.36 9.55
CA GLN A 76 2.02 6.67 9.97
C GLN A 76 1.16 7.27 8.86
N ASN A 77 1.68 7.17 7.61
CA ASN A 77 0.91 7.41 6.41
C ASN A 77 0.39 8.84 6.29
N PHE A 78 0.65 9.63 7.34
CA PHE A 78 0.29 11.07 7.46
C PHE A 78 -0.95 11.31 8.34
N PRO A 79 -2.16 10.79 8.01
CA PRO A 79 -3.39 11.15 8.72
C PRO A 79 -3.39 10.78 10.21
N LEU A 80 -3.19 9.49 10.50
CA LEU A 80 -3.31 8.98 11.87
C LEU A 80 -4.75 9.08 12.37
N TYR A 81 -5.34 7.94 12.69
CA TYR A 81 -6.74 7.89 13.05
C TYR A 81 -7.00 8.62 14.37
N LEU A 82 -7.99 9.49 14.35
CA LEU A 82 -8.36 10.23 15.54
C LEU A 82 -9.41 9.46 16.34
N GLY A 83 -8.96 8.54 17.18
CA GLY A 83 -9.86 7.79 18.02
C GLY A 83 -9.85 8.30 19.44
N GLY A 84 -9.92 9.62 19.59
CA GLY A 84 -9.83 10.24 20.89
C GLY A 84 -8.40 10.24 21.39
N GLU A 85 -8.13 9.39 22.36
CA GLU A 85 -6.76 9.23 22.87
C GLU A 85 -5.94 8.44 21.87
N THR A 86 -6.43 7.25 21.57
CA THR A 86 -5.75 6.35 20.66
C THR A 86 -5.67 6.93 19.25
N HIS A 87 -4.46 7.15 18.77
CA HIS A 87 -4.25 7.55 17.39
C HIS A 87 -3.48 6.47 16.67
N GLU A 88 -4.22 5.60 15.99
CA GLU A 88 -3.61 4.46 15.35
C GLU A 88 -3.18 4.80 13.94
N HIS A 89 -1.95 4.41 13.64
CA HIS A 89 -1.40 4.59 12.32
C HIS A 89 -2.10 3.59 11.39
N TYR A 90 -2.67 4.07 10.29
CA TYR A 90 -3.53 3.21 9.49
C TYR A 90 -3.36 3.45 7.99
N GLY A 91 -3.86 2.51 7.21
CA GLY A 91 -3.82 2.62 5.76
C GLY A 91 -4.89 1.75 5.11
N ILE A 92 -4.98 1.83 3.79
CA ILE A 92 -5.99 1.08 3.05
C ILE A 92 -5.36 -0.05 2.24
N PRO A 93 -5.65 -1.31 2.62
CA PRO A 93 -5.06 -2.51 2.00
C PRO A 93 -5.53 -2.77 0.57
N HIS A 94 -4.59 -3.17 -0.28
CA HIS A 94 -4.89 -3.57 -1.66
C HIS A 94 -4.09 -4.81 -2.00
N GLY A 95 -4.33 -5.38 -3.16
CA GLY A 95 -3.66 -6.60 -3.56
C GLY A 95 -4.02 -7.00 -4.98
N PHE A 96 -3.18 -7.81 -5.58
CA PHE A 96 -3.31 -8.12 -7.00
C PHE A 96 -3.11 -9.61 -7.23
N SER A 97 -2.95 -9.99 -8.49
CA SER A 97 -2.83 -11.40 -8.84
C SER A 97 -2.01 -11.56 -10.12
N SER A 98 -1.33 -10.48 -10.51
CA SER A 98 -0.43 -10.48 -11.67
C SER A 98 0.50 -9.28 -11.58
N ARG A 99 1.78 -9.48 -11.89
CA ARG A 99 2.76 -8.41 -11.86
C ARG A 99 2.42 -7.28 -12.81
N ILE A 100 2.10 -7.63 -14.05
CA ILE A 100 1.71 -6.62 -15.05
C ILE A 100 0.47 -5.85 -14.59
N ALA A 101 -0.42 -6.54 -13.87
CA ALA A 101 -1.60 -5.91 -13.33
C ALA A 101 -1.20 -4.78 -12.39
N LEU A 102 -0.38 -5.11 -11.40
CA LEU A 102 0.14 -4.12 -10.47
C LEU A 102 0.86 -3.00 -11.23
N GLU A 103 1.63 -3.38 -12.24
CA GLU A 103 2.41 -2.43 -13.03
C GLU A 103 1.49 -1.40 -13.69
N ARG A 104 0.52 -1.87 -14.48
CA ARG A 104 -0.39 -0.98 -15.20
C ARG A 104 -1.38 -0.29 -14.26
N TYR A 105 -1.67 -0.89 -13.13
CA TYR A 105 -2.55 -0.28 -12.15
C TYR A 105 -1.85 0.85 -11.41
N LEU A 106 -0.56 0.67 -11.10
CA LEU A 106 0.25 1.77 -10.56
C LEU A 106 0.28 2.90 -11.58
N ASN A 107 0.39 2.51 -12.85
CA ASN A 107 0.34 3.41 -13.98
C ASN A 107 -0.93 4.27 -13.95
N GLY A 108 -2.05 3.59 -13.80
CA GLY A 108 -3.33 4.27 -13.74
C GLY A 108 -3.52 5.10 -12.47
N LEU A 109 -3.12 4.53 -11.33
CA LEU A 109 -3.36 5.15 -10.04
C LEU A 109 -2.39 6.31 -9.76
N PHE A 110 -1.11 6.00 -9.68
CA PHE A 110 -0.10 6.99 -9.32
C PHE A 110 0.46 7.68 -10.56
N GLY A 111 0.21 7.10 -11.71
CA GLY A 111 0.73 7.64 -12.95
C GLY A 111 -0.11 8.77 -13.49
N ASP A 112 -0.27 9.82 -12.69
CA ASP A 112 -0.91 11.05 -13.15
C ASP A 112 0.09 11.87 -13.93
N MET A 1 -0.71 -16.43 -8.28
CA MET A 1 -0.58 -16.87 -6.87
C MET A 1 -0.59 -15.67 -5.95
N TYR A 2 -1.06 -14.55 -6.49
CA TYR A 2 -0.97 -13.25 -5.84
C TYR A 2 0.48 -12.79 -5.76
N LEU A 3 0.68 -11.52 -5.47
CA LEU A 3 2.02 -10.99 -5.38
C LEU A 3 2.46 -10.91 -3.92
N ARG A 4 3.57 -11.54 -3.61
CA ARG A 4 4.15 -11.42 -2.28
C ARG A 4 4.61 -10.00 -2.05
N PRO A 5 4.71 -9.57 -0.79
CA PRO A 5 5.20 -8.23 -0.43
C PRO A 5 6.54 -7.95 -1.10
N ASP A 6 7.34 -9.00 -1.24
CA ASP A 6 8.60 -8.93 -1.93
C ASP A 6 8.40 -8.51 -3.39
N GLU A 7 7.60 -9.29 -4.12
CA GLU A 7 7.33 -9.00 -5.53
C GLU A 7 6.75 -7.61 -5.73
N VAL A 8 5.84 -7.21 -4.84
CA VAL A 8 5.25 -5.88 -4.90
C VAL A 8 6.33 -4.81 -4.83
N ALA A 9 7.24 -4.95 -3.87
CA ALA A 9 8.36 -4.04 -3.73
C ALA A 9 9.25 -4.05 -4.96
N ARG A 10 9.48 -5.24 -5.51
CA ARG A 10 10.32 -5.40 -6.71
C ARG A 10 9.74 -4.62 -7.90
N VAL A 11 8.42 -4.68 -8.06
CA VAL A 11 7.77 -3.93 -9.13
C VAL A 11 7.92 -2.44 -8.91
N LEU A 12 7.78 -2.02 -7.66
CA LEU A 12 7.96 -0.62 -7.30
C LEU A 12 9.37 -0.15 -7.64
N GLU A 13 10.36 -0.98 -7.32
CA GLU A 13 11.75 -0.66 -7.64
C GLU A 13 11.93 -0.46 -9.14
N LYS A 14 11.23 -1.28 -9.92
CA LYS A 14 11.27 -1.20 -11.38
C LYS A 14 10.71 0.13 -11.85
N ALA A 15 9.70 0.59 -11.13
CA ALA A 15 9.07 1.89 -11.42
C ALA A 15 9.93 3.06 -10.94
N GLY A 16 11.06 2.74 -10.31
CA GLY A 16 11.96 3.79 -9.84
C GLY A 16 11.68 4.19 -8.41
N PHE A 17 10.90 3.39 -7.71
CA PHE A 17 10.55 3.67 -6.34
C PHE A 17 11.68 3.29 -5.39
N THR A 18 11.74 3.99 -4.26
CA THR A 18 12.80 3.78 -3.28
C THR A 18 12.22 3.58 -1.89
N VAL A 19 13.03 3.04 -0.98
CA VAL A 19 12.58 2.78 0.39
C VAL A 19 12.49 4.08 1.20
N ASP A 20 11.39 4.21 1.93
CA ASP A 20 11.18 5.35 2.83
C ASP A 20 11.50 4.92 4.25
N VAL A 21 11.01 3.75 4.60
CA VAL A 21 11.19 3.17 5.92
C VAL A 21 11.01 1.66 5.84
N VAL A 22 11.42 0.94 6.86
CA VAL A 22 11.24 -0.49 6.90
C VAL A 22 10.98 -0.95 8.33
N THR A 23 9.79 -1.51 8.55
CA THR A 23 9.43 -2.00 9.87
C THR A 23 9.10 -3.48 9.82
N ASN A 24 9.09 -4.12 10.99
CA ASN A 24 8.85 -5.56 11.11
C ASN A 24 7.51 -5.98 10.51
N LYS A 25 6.57 -5.06 10.42
CA LYS A 25 5.23 -5.40 9.95
C LYS A 25 4.96 -4.91 8.54
N THR A 26 5.78 -3.99 8.04
CA THR A 26 5.54 -3.41 6.72
C THR A 26 6.70 -2.53 6.25
N TYR A 27 6.90 -2.50 4.94
CA TYR A 27 7.88 -1.62 4.32
C TYR A 27 7.25 -0.25 4.08
N GLY A 28 8.08 0.75 3.92
CA GLY A 28 7.63 2.05 3.48
C GLY A 28 8.31 2.42 2.19
N TYR A 29 7.54 2.80 1.20
CA TYR A 29 8.07 3.04 -0.14
C TYR A 29 7.61 4.40 -0.67
N ARG A 30 8.49 5.07 -1.39
CA ARG A 30 8.18 6.40 -1.91
C ARG A 30 8.91 6.69 -3.22
N ARG A 31 8.26 7.48 -4.07
CA ARG A 31 8.91 8.08 -5.23
C ARG A 31 8.28 9.44 -5.48
N GLY A 32 9.09 10.48 -5.46
CA GLY A 32 8.57 11.83 -5.56
C GLY A 32 7.74 12.17 -4.32
N GLU A 33 6.44 12.31 -4.50
CA GLU A 33 5.55 12.55 -3.37
C GLU A 33 4.56 11.41 -3.22
N ASN A 34 4.82 10.32 -3.93
CA ASN A 34 3.96 9.14 -3.87
C ASN A 34 4.44 8.20 -2.78
N TYR A 35 3.68 8.13 -1.69
CA TYR A 35 4.04 7.28 -0.57
C TYR A 35 3.13 6.06 -0.52
N VAL A 36 3.73 4.89 -0.39
CA VAL A 36 2.99 3.64 -0.26
C VAL A 36 3.67 2.73 0.76
N TYR A 37 2.88 1.96 1.48
CA TYR A 37 3.43 1.01 2.44
C TYR A 37 3.22 -0.42 1.96
N VAL A 38 4.31 -1.15 1.80
CA VAL A 38 4.25 -2.54 1.38
C VAL A 38 4.23 -3.44 2.60
N ASN A 39 3.05 -3.92 2.93
CA ASN A 39 2.84 -4.67 4.18
C ASN A 39 3.68 -5.95 4.18
N ARG A 40 4.42 -6.15 5.26
CA ARG A 40 5.38 -7.25 5.34
C ARG A 40 4.71 -8.53 5.77
N GLU A 41 3.60 -8.37 6.46
CA GLU A 41 2.84 -9.51 6.98
C GLU A 41 1.95 -10.09 5.88
N ALA A 42 2.24 -9.72 4.64
CA ALA A 42 1.44 -10.12 3.50
C ALA A 42 1.73 -11.56 3.09
N ARG A 43 1.37 -12.50 3.95
CA ARG A 43 1.44 -13.91 3.60
C ARG A 43 0.33 -14.23 2.62
N MET A 44 -0.62 -13.31 2.54
CA MET A 44 -1.66 -13.34 1.54
C MET A 44 -1.59 -12.05 0.72
N GLY A 45 -1.24 -12.18 -0.55
CA GLY A 45 -1.07 -11.02 -1.41
C GLY A 45 -2.35 -10.25 -1.73
N ARG A 46 -3.36 -10.34 -0.88
CA ARG A 46 -4.53 -9.50 -0.97
C ARG A 46 -4.31 -8.25 -0.13
N THR A 47 -3.32 -8.33 0.73
CA THR A 47 -3.01 -7.30 1.67
C THR A 47 -1.52 -7.08 1.67
N ALA A 48 -1.06 -6.17 0.85
CA ALA A 48 0.36 -6.01 0.60
C ALA A 48 0.69 -4.64 0.02
N LEU A 49 -0.26 -4.02 -0.65
CA LEU A 49 -0.05 -2.65 -1.12
C LEU A 49 -0.99 -1.72 -0.38
N ILE A 50 -0.44 -0.95 0.54
CA ILE A 50 -1.25 -0.01 1.28
C ILE A 50 -0.85 1.41 0.92
N ILE A 51 -1.62 2.00 0.03
CA ILE A 51 -1.31 3.31 -0.54
C ILE A 51 -1.53 4.44 0.47
N HIS A 52 -2.77 4.88 0.60
CA HIS A 52 -3.13 6.03 1.40
C HIS A 52 -4.64 6.18 1.34
N PRO A 53 -5.29 6.49 2.48
CA PRO A 53 -6.72 6.85 2.52
C PRO A 53 -7.07 7.98 1.54
N ARG A 54 -8.30 8.48 1.62
CA ARG A 54 -8.77 9.54 0.71
C ARG A 54 -8.97 9.02 -0.72
N LEU A 55 -8.00 8.26 -1.20
CA LEU A 55 -8.02 7.68 -2.54
C LEU A 55 -8.91 6.46 -2.62
N LYS A 56 -9.71 6.25 -1.58
CA LYS A 56 -10.57 5.07 -1.47
C LYS A 56 -11.50 4.96 -2.67
N ASP A 57 -12.23 6.03 -2.96
CA ASP A 57 -13.22 6.02 -4.03
C ASP A 57 -12.55 6.01 -5.40
N ARG A 58 -11.37 6.60 -5.49
CA ARG A 58 -10.61 6.62 -6.74
C ARG A 58 -9.99 5.26 -7.03
N SER A 59 -9.21 4.76 -6.08
CA SER A 59 -8.46 3.54 -6.24
C SER A 59 -9.38 2.33 -6.51
N SER A 60 -10.59 2.36 -5.95
CA SER A 60 -11.54 1.26 -6.13
C SER A 60 -11.91 1.04 -7.60
N SER A 61 -11.74 2.08 -8.42
CA SER A 61 -12.02 1.98 -9.85
C SER A 61 -10.96 1.13 -10.55
N LEU A 62 -9.84 0.92 -9.88
CA LEU A 62 -8.72 0.21 -10.45
C LEU A 62 -8.48 -1.11 -9.72
N ALA A 63 -8.41 -1.04 -8.40
CA ALA A 63 -8.07 -2.20 -7.60
C ALA A 63 -9.04 -2.37 -6.44
N ASP A 64 -9.45 -3.61 -6.21
CA ASP A 64 -10.40 -3.91 -5.15
C ASP A 64 -9.69 -4.04 -3.82
N PRO A 65 -10.16 -3.31 -2.80
CA PRO A 65 -9.62 -3.40 -1.44
C PRO A 65 -10.00 -4.72 -0.78
N ALA A 66 -9.02 -5.38 -0.17
CA ALA A 66 -9.24 -6.66 0.48
C ALA A 66 -9.83 -6.47 1.87
N SER A 67 -10.10 -5.23 2.22
CA SER A 67 -10.59 -4.88 3.53
C SER A 67 -11.22 -3.50 3.48
N ASP A 68 -10.81 -2.67 4.41
CA ASP A 68 -11.29 -1.31 4.51
C ASP A 68 -10.28 -0.47 5.26
N ILE A 69 -9.80 -1.03 6.36
CA ILE A 69 -8.80 -0.37 7.19
C ILE A 69 -7.92 -1.38 7.89
N LYS A 70 -6.64 -1.05 7.97
CA LYS A 70 -5.68 -1.84 8.72
C LYS A 70 -4.97 -0.91 9.70
N THR A 71 -5.34 -1.01 10.97
CA THR A 71 -4.85 -0.10 12.00
C THR A 71 -3.56 -0.62 12.64
N CYS A 72 -2.64 0.31 12.88
CA CYS A 72 -1.33 0.04 13.46
C CYS A 72 -0.47 1.27 13.28
N ASP A 73 0.08 1.79 14.38
CA ASP A 73 0.79 3.06 14.34
C ASP A 73 2.14 2.96 13.61
N HIS A 74 2.05 2.61 12.34
CA HIS A 74 3.19 2.60 11.43
C HIS A 74 2.83 3.39 10.18
N TYR A 75 1.64 3.14 9.65
CA TYR A 75 1.16 3.82 8.45
C TYR A 75 0.61 5.20 8.81
N GLN A 76 1.48 6.17 8.97
CA GLN A 76 1.07 7.49 9.42
C GLN A 76 0.04 8.12 8.47
N ASN A 77 0.39 8.21 7.20
CA ASN A 77 -0.49 8.77 6.16
C ASN A 77 -0.85 10.23 6.43
N PHE A 78 -1.88 10.45 7.24
CA PHE A 78 -2.35 11.81 7.51
C PHE A 78 -3.47 11.85 8.57
N PRO A 79 -4.63 11.19 8.33
CA PRO A 79 -5.83 11.38 9.17
C PRO A 79 -5.76 10.62 10.50
N LEU A 80 -5.22 9.40 10.43
CA LEU A 80 -5.13 8.45 11.56
C LEU A 80 -6.42 8.30 12.38
N TYR A 81 -6.92 7.08 12.34
CA TYR A 81 -8.16 6.70 13.02
C TYR A 81 -7.85 5.57 14.00
N LEU A 82 -8.20 5.78 15.28
CA LEU A 82 -7.87 4.81 16.31
C LEU A 82 -8.82 3.62 16.18
N GLY A 83 -8.41 2.43 16.59
CA GLY A 83 -9.37 1.35 16.74
C GLY A 83 -10.33 1.62 17.90
N GLY A 84 -11.09 2.69 17.77
CA GLY A 84 -11.96 3.15 18.82
C GLY A 84 -12.18 4.66 18.69
N GLU A 85 -11.19 5.43 19.13
CA GLU A 85 -11.17 6.87 18.90
C GLU A 85 -10.70 7.15 17.47
N THR A 86 -10.03 8.27 17.25
CA THR A 86 -9.45 8.56 15.96
C THR A 86 -8.02 9.11 16.09
N HIS A 87 -7.02 8.21 16.04
CA HIS A 87 -5.62 8.63 16.07
C HIS A 87 -4.64 7.50 15.77
N GLU A 88 -5.12 6.37 15.26
CA GLU A 88 -4.23 5.25 14.98
C GLU A 88 -3.82 5.27 13.53
N HIS A 89 -2.54 5.12 13.31
CA HIS A 89 -2.01 5.08 11.96
C HIS A 89 -2.66 3.92 11.22
N TYR A 90 -3.15 4.16 10.02
CA TYR A 90 -3.92 3.16 9.32
C TYR A 90 -3.79 3.32 7.81
N GLY A 91 -4.13 2.27 7.09
CA GLY A 91 -4.16 2.33 5.64
C GLY A 91 -5.19 1.38 5.06
N ILE A 92 -5.30 1.37 3.74
CA ILE A 92 -6.28 0.52 3.06
C ILE A 92 -5.57 -0.60 2.29
N PRO A 93 -5.79 -1.85 2.72
CA PRO A 93 -5.16 -3.04 2.11
C PRO A 93 -5.52 -3.25 0.65
N HIS A 94 -4.49 -3.31 -0.19
CA HIS A 94 -4.66 -3.68 -1.59
C HIS A 94 -3.78 -4.88 -1.90
N GLY A 95 -3.97 -5.48 -3.07
CA GLY A 95 -3.20 -6.63 -3.46
C GLY A 95 -3.53 -7.09 -4.86
N PHE A 96 -2.60 -7.83 -5.48
CA PHE A 96 -2.70 -8.17 -6.89
C PHE A 96 -2.18 -9.56 -7.15
N SER A 97 -1.99 -9.90 -8.42
CA SER A 97 -1.51 -11.22 -8.80
C SER A 97 -0.78 -11.17 -10.15
N SER A 98 -0.40 -9.97 -10.57
CA SER A 98 0.27 -9.80 -11.85
C SER A 98 1.13 -8.54 -11.84
N ARG A 99 2.29 -8.63 -12.48
CA ARG A 99 3.24 -7.51 -12.55
C ARG A 99 2.59 -6.30 -13.23
N ILE A 100 2.14 -6.52 -14.46
CA ILE A 100 1.52 -5.47 -15.26
C ILE A 100 0.27 -4.91 -14.58
N ALA A 101 -0.43 -5.75 -13.82
CA ALA A 101 -1.62 -5.30 -13.09
C ALA A 101 -1.26 -4.16 -12.15
N LEU A 102 -0.30 -4.41 -11.27
CA LEU A 102 0.17 -3.39 -10.34
C LEU A 102 0.72 -2.18 -11.12
N GLU A 103 1.46 -2.47 -12.17
CA GLU A 103 2.12 -1.46 -12.97
C GLU A 103 1.12 -0.46 -13.54
N ARG A 104 0.08 -0.97 -14.20
CA ARG A 104 -0.92 -0.12 -14.84
C ARG A 104 -1.78 0.60 -13.81
N TYR A 105 -1.93 0.02 -12.62
CA TYR A 105 -2.67 0.65 -11.56
C TYR A 105 -1.87 1.80 -10.95
N LEU A 106 -0.56 1.63 -10.83
CA LEU A 106 0.32 2.73 -10.42
C LEU A 106 0.20 3.86 -11.45
N ASN A 107 0.22 3.45 -12.70
CA ASN A 107 0.04 4.34 -13.84
C ASN A 107 -1.23 5.16 -13.71
N GLY A 108 -2.35 4.46 -13.60
CA GLY A 108 -3.65 5.11 -13.52
C GLY A 108 -3.87 5.91 -12.25
N LEU A 109 -3.68 5.27 -11.09
CA LEU A 109 -4.00 5.87 -9.80
C LEU A 109 -3.18 7.13 -9.55
N PHE A 110 -1.88 7.02 -9.62
CA PHE A 110 -1.00 8.14 -9.33
C PHE A 110 -0.80 9.01 -10.57
N GLY A 111 -0.38 8.38 -11.66
CA GLY A 111 -0.12 9.10 -12.88
C GLY A 111 1.06 10.03 -12.74
N ASP A 112 2.17 9.49 -12.28
CA ASP A 112 3.34 10.25 -12.02
C ASP A 112 4.21 10.25 -13.26
N MET A 1 -4.33 -15.91 -8.18
CA MET A 1 -3.39 -15.80 -7.04
C MET A 1 -3.15 -14.34 -6.71
N TYR A 2 -2.11 -14.07 -5.93
CA TYR A 2 -1.78 -12.71 -5.55
C TYR A 2 -0.30 -12.44 -5.83
N LEU A 3 0.23 -11.40 -5.20
CA LEU A 3 1.64 -11.07 -5.33
C LEU A 3 2.31 -11.10 -3.96
N ARG A 4 3.51 -11.65 -3.90
CA ARG A 4 4.28 -11.67 -2.65
C ARG A 4 4.58 -10.25 -2.20
N PRO A 5 4.78 -10.03 -0.89
CA PRO A 5 5.17 -8.72 -0.37
C PRO A 5 6.45 -8.22 -1.04
N ASP A 6 7.48 -9.07 -1.03
CA ASP A 6 8.75 -8.77 -1.71
C ASP A 6 8.55 -8.60 -3.22
N GLU A 7 7.59 -9.35 -3.79
CA GLU A 7 7.31 -9.29 -5.21
C GLU A 7 6.79 -7.90 -5.60
N VAL A 8 5.89 -7.36 -4.77
CA VAL A 8 5.36 -6.03 -4.96
C VAL A 8 6.49 -5.01 -4.93
N ALA A 9 7.42 -5.20 -4.00
CA ALA A 9 8.58 -4.33 -3.87
C ALA A 9 9.42 -4.32 -5.15
N ARG A 10 9.54 -5.47 -5.79
CA ARG A 10 10.29 -5.59 -7.03
C ARG A 10 9.70 -4.69 -8.11
N VAL A 11 8.39 -4.76 -8.26
CA VAL A 11 7.68 -3.97 -9.26
C VAL A 11 7.87 -2.48 -9.00
N LEU A 12 7.78 -2.11 -7.72
CA LEU A 12 7.95 -0.72 -7.32
C LEU A 12 9.32 -0.19 -7.73
N GLU A 13 10.37 -0.89 -7.29
CA GLU A 13 11.75 -0.49 -7.60
C GLU A 13 12.00 -0.47 -9.10
N LYS A 14 11.33 -1.35 -9.83
CA LYS A 14 11.45 -1.40 -11.28
C LYS A 14 10.90 -0.13 -11.89
N ALA A 15 9.78 0.30 -11.37
CA ALA A 15 9.11 1.53 -11.83
C ALA A 15 9.90 2.78 -11.46
N GLY A 16 10.89 2.62 -10.58
CA GLY A 16 11.71 3.75 -10.18
C GLY A 16 11.47 4.16 -8.73
N PHE A 17 10.65 3.39 -8.04
CA PHE A 17 10.36 3.64 -6.64
C PHE A 17 11.52 3.23 -5.75
N THR A 18 11.65 3.86 -4.59
CA THR A 18 12.68 3.49 -3.63
C THR A 18 12.10 3.45 -2.22
N VAL A 19 12.67 2.62 -1.37
CA VAL A 19 12.20 2.52 0.02
C VAL A 19 12.82 3.60 0.88
N ASP A 20 12.05 4.11 1.82
CA ASP A 20 12.52 5.12 2.76
C ASP A 20 12.74 4.50 4.13
N VAL A 21 11.67 3.98 4.70
CA VAL A 21 11.73 3.31 5.99
C VAL A 21 11.47 1.82 5.80
N VAL A 22 12.14 0.99 6.58
CA VAL A 22 11.83 -0.43 6.57
C VAL A 22 11.55 -0.91 7.98
N THR A 23 10.42 -1.57 8.14
CA THR A 23 10.09 -2.22 9.39
C THR A 23 9.68 -3.64 9.06
N ASN A 24 9.80 -4.55 10.01
CA ASN A 24 9.45 -5.94 9.75
C ASN A 24 7.94 -6.09 9.51
N LYS A 25 7.19 -5.04 9.85
CA LYS A 25 5.76 -5.01 9.59
C LYS A 25 5.44 -4.46 8.20
N THR A 26 6.24 -3.52 7.73
CA THR A 26 5.94 -2.84 6.47
C THR A 26 7.15 -2.08 5.94
N TYR A 27 7.22 -1.97 4.62
CA TYR A 27 8.24 -1.17 3.97
C TYR A 27 7.64 0.14 3.50
N GLY A 28 8.18 1.25 3.98
CA GLY A 28 7.69 2.55 3.59
C GLY A 28 8.35 3.03 2.32
N TYR A 29 7.65 2.88 1.21
CA TYR A 29 8.19 3.22 -0.10
C TYR A 29 7.83 4.65 -0.49
N ARG A 30 8.75 5.32 -1.18
CA ARG A 30 8.56 6.72 -1.52
C ARG A 30 8.98 7.02 -2.96
N ARG A 31 8.26 7.95 -3.56
CA ARG A 31 8.65 8.56 -4.83
C ARG A 31 7.70 9.70 -5.14
N GLY A 32 8.10 10.92 -4.81
CA GLY A 32 7.21 12.06 -4.96
C GLY A 32 6.36 12.23 -3.73
N GLU A 33 5.06 12.43 -3.92
CA GLU A 33 4.14 12.52 -2.79
C GLU A 33 3.51 11.15 -2.54
N ASN A 34 3.98 10.17 -3.29
CA ASN A 34 3.45 8.82 -3.20
C ASN A 34 4.24 8.01 -2.18
N TYR A 35 3.70 7.92 -0.96
CA TYR A 35 4.32 7.14 0.09
C TYR A 35 3.44 5.94 0.41
N VAL A 36 3.87 4.78 -0.07
CA VAL A 36 3.08 3.56 0.11
C VAL A 36 3.74 2.63 1.12
N TYR A 37 2.92 1.90 1.85
CA TYR A 37 3.41 0.98 2.86
C TYR A 37 3.21 -0.46 2.40
N VAL A 38 4.31 -1.16 2.18
CA VAL A 38 4.26 -2.55 1.76
C VAL A 38 4.20 -3.46 2.98
N ASN A 39 3.02 -4.00 3.25
CA ASN A 39 2.81 -4.85 4.42
C ASN A 39 3.66 -6.10 4.32
N ARG A 40 4.64 -6.21 5.20
CA ARG A 40 5.56 -7.33 5.19
C ARG A 40 4.94 -8.57 5.79
N GLU A 41 3.86 -8.37 6.51
CA GLU A 41 3.18 -9.44 7.19
C GLU A 41 2.07 -10.00 6.31
N ALA A 42 2.01 -9.53 5.07
CA ALA A 42 1.09 -10.08 4.10
C ALA A 42 1.76 -11.24 3.38
N ARG A 43 1.94 -12.33 4.11
CA ARG A 43 2.73 -13.46 3.65
C ARG A 43 1.98 -14.26 2.58
N MET A 44 0.68 -14.01 2.46
CA MET A 44 -0.11 -14.60 1.39
C MET A 44 -0.37 -13.58 0.28
N GLY A 45 0.22 -12.40 0.44
CA GLY A 45 0.09 -11.34 -0.55
C GLY A 45 -1.32 -10.77 -0.64
N ARG A 46 -2.09 -10.91 0.43
CA ARG A 46 -3.47 -10.44 0.45
C ARG A 46 -3.54 -8.94 0.70
N THR A 47 -2.90 -8.51 1.77
CA THR A 47 -2.99 -7.12 2.20
C THR A 47 -1.65 -6.39 2.02
N ALA A 48 -0.95 -6.72 0.95
CA ALA A 48 0.43 -6.28 0.75
C ALA A 48 0.55 -4.78 0.54
N LEU A 49 -0.26 -4.22 -0.34
CA LEU A 49 -0.07 -2.83 -0.73
C LEU A 49 -1.06 -1.90 -0.02
N ILE A 50 -0.51 -0.97 0.75
CA ILE A 50 -1.31 0.08 1.38
C ILE A 50 -0.99 1.42 0.72
N ILE A 51 -2.00 2.06 0.13
CA ILE A 51 -1.77 3.22 -0.71
C ILE A 51 -2.28 4.53 -0.08
N HIS A 52 -2.38 4.56 1.26
CA HIS A 52 -2.84 5.76 1.99
C HIS A 52 -4.36 5.95 1.83
N PRO A 53 -5.05 6.45 2.88
CA PRO A 53 -6.47 6.82 2.79
C PRO A 53 -6.75 7.89 1.74
N ARG A 54 -7.94 8.48 1.79
CA ARG A 54 -8.38 9.50 0.82
C ARG A 54 -8.65 8.88 -0.55
N LEU A 55 -7.69 8.13 -1.05
CA LEU A 55 -7.76 7.53 -2.37
C LEU A 55 -8.62 6.28 -2.38
N LYS A 56 -9.57 6.21 -1.45
CA LYS A 56 -10.40 5.02 -1.30
C LYS A 56 -11.18 4.74 -2.58
N ASP A 57 -12.18 5.58 -2.87
CA ASP A 57 -13.03 5.36 -4.03
C ASP A 57 -12.26 5.61 -5.33
N ARG A 58 -11.26 6.47 -5.25
CA ARG A 58 -10.37 6.70 -6.39
C ARG A 58 -9.70 5.41 -6.81
N SER A 59 -8.99 4.80 -5.87
CA SER A 59 -8.31 3.53 -6.10
C SER A 59 -9.29 2.43 -6.46
N SER A 60 -10.49 2.45 -5.88
CA SER A 60 -11.49 1.41 -6.13
C SER A 60 -11.89 1.34 -7.61
N SER A 61 -11.74 2.43 -8.34
CA SER A 61 -12.05 2.46 -9.76
C SER A 61 -10.96 1.77 -10.58
N LEU A 62 -9.88 1.40 -9.91
CA LEU A 62 -8.74 0.75 -10.55
C LEU A 62 -8.52 -0.63 -9.94
N ALA A 63 -8.27 -0.64 -8.64
CA ALA A 63 -8.02 -1.87 -7.92
C ALA A 63 -8.82 -1.91 -6.62
N ASP A 64 -9.76 -2.84 -6.54
CA ASP A 64 -10.64 -2.97 -5.39
C ASP A 64 -9.85 -3.38 -4.15
N PRO A 65 -10.09 -2.70 -3.01
CA PRO A 65 -9.41 -3.00 -1.75
C PRO A 65 -9.54 -4.45 -1.32
N ALA A 66 -8.51 -4.96 -0.66
CA ALA A 66 -8.48 -6.35 -0.20
C ALA A 66 -9.17 -6.48 1.16
N SER A 67 -9.86 -5.42 1.54
CA SER A 67 -10.47 -5.32 2.85
C SER A 67 -11.30 -4.07 2.92
N ASP A 68 -10.92 -3.18 3.78
CA ASP A 68 -11.54 -1.87 3.91
C ASP A 68 -10.58 -0.91 4.57
N ILE A 69 -10.28 -1.17 5.82
CA ILE A 69 -9.36 -0.35 6.58
C ILE A 69 -8.42 -1.21 7.40
N LYS A 70 -7.22 -0.72 7.59
CA LYS A 70 -6.19 -1.42 8.35
C LYS A 70 -5.61 -0.51 9.43
N THR A 71 -5.95 -0.78 10.67
CA THR A 71 -5.48 0.01 11.79
C THR A 71 -4.14 -0.51 12.31
N CYS A 72 -3.20 0.40 12.50
CA CYS A 72 -1.85 0.03 12.92
C CYS A 72 -1.08 1.26 13.41
N ASP A 73 0.22 1.08 13.66
CA ASP A 73 1.04 2.11 14.29
C ASP A 73 2.00 2.80 13.30
N HIS A 74 2.79 2.00 12.60
CA HIS A 74 3.87 2.51 11.73
C HIS A 74 3.33 3.33 10.57
N TYR A 75 2.05 3.18 10.26
CA TYR A 75 1.43 3.91 9.16
C TYR A 75 1.09 5.34 9.58
N GLN A 76 2.00 5.97 10.29
CA GLN A 76 1.73 7.25 10.93
C GLN A 76 1.72 8.41 9.94
N ASN A 77 2.10 8.15 8.69
CA ASN A 77 2.00 9.17 7.64
C ASN A 77 0.55 9.29 7.18
N PHE A 78 -0.30 8.46 7.77
CA PHE A 78 -1.73 8.50 7.47
C PHE A 78 -2.44 9.30 8.55
N PRO A 79 -3.54 10.01 8.17
CA PRO A 79 -4.30 10.92 9.03
C PRO A 79 -4.67 10.37 10.43
N LEU A 80 -4.66 9.04 10.56
CA LEU A 80 -4.98 8.36 11.83
C LEU A 80 -6.49 8.38 12.08
N TYR A 81 -7.02 7.22 12.46
CA TYR A 81 -8.45 7.03 12.66
C TYR A 81 -8.85 7.47 14.06
N LEU A 82 -9.64 8.53 14.13
CA LEU A 82 -10.09 9.07 15.40
C LEU A 82 -11.30 8.26 15.90
N GLY A 83 -11.04 7.32 16.79
CA GLY A 83 -12.12 6.54 17.39
C GLY A 83 -12.48 7.06 18.77
N GLY A 84 -12.50 6.16 19.74
CA GLY A 84 -12.85 6.55 21.09
C GLY A 84 -11.63 6.71 21.97
N GLU A 85 -11.20 5.64 22.59
CA GLU A 85 -10.05 5.67 23.48
C GLU A 85 -8.76 5.54 22.67
N THR A 86 -8.53 4.36 22.12
CA THR A 86 -7.33 4.10 21.33
C THR A 86 -7.55 4.54 19.87
N HIS A 87 -6.67 5.40 19.38
CA HIS A 87 -6.74 5.85 18.00
C HIS A 87 -5.55 5.29 17.24
N GLU A 88 -5.79 4.75 16.06
CA GLU A 88 -4.75 4.04 15.33
C GLU A 88 -4.62 4.61 13.92
N HIS A 89 -3.45 4.44 13.32
CA HIS A 89 -3.22 4.93 11.98
C HIS A 89 -3.73 3.91 10.97
N TYR A 90 -4.78 4.27 10.25
CA TYR A 90 -5.44 3.34 9.36
C TYR A 90 -5.02 3.55 7.92
N GLY A 91 -4.84 2.44 7.21
CA GLY A 91 -4.59 2.48 5.79
C GLY A 91 -5.59 1.61 5.05
N ILE A 92 -5.49 1.55 3.73
CA ILE A 92 -6.42 0.76 2.95
C ILE A 92 -5.71 -0.42 2.29
N PRO A 93 -6.00 -1.65 2.76
CA PRO A 93 -5.39 -2.88 2.22
C PRO A 93 -5.72 -3.11 0.76
N HIS A 94 -4.73 -3.52 -0.02
CA HIS A 94 -4.92 -3.83 -1.43
C HIS A 94 -4.17 -5.11 -1.78
N GLY A 95 -4.45 -5.60 -2.98
CA GLY A 95 -3.85 -6.83 -3.44
C GLY A 95 -4.26 -7.10 -4.86
N PHE A 96 -3.48 -7.91 -5.56
CA PHE A 96 -3.65 -8.08 -7.00
C PHE A 96 -3.54 -9.55 -7.36
N SER A 97 -3.22 -9.83 -8.62
CA SER A 97 -3.07 -11.19 -9.09
C SER A 97 -2.09 -11.24 -10.27
N SER A 98 -1.40 -10.13 -10.50
CA SER A 98 -0.44 -10.04 -11.59
C SER A 98 0.37 -8.76 -11.46
N ARG A 99 1.68 -8.89 -11.63
CA ARG A 99 2.60 -7.76 -11.53
C ARG A 99 2.28 -6.70 -12.57
N ILE A 100 2.07 -7.14 -13.79
CA ILE A 100 1.74 -6.24 -14.91
C ILE A 100 0.48 -5.43 -14.59
N ALA A 101 -0.47 -6.03 -13.87
CA ALA A 101 -1.68 -5.34 -13.48
C ALA A 101 -1.35 -4.20 -12.53
N LEU A 102 -0.50 -4.50 -11.55
CA LEU A 102 -0.02 -3.50 -10.61
C LEU A 102 0.72 -2.38 -11.35
N GLU A 103 1.51 -2.77 -12.35
CA GLU A 103 2.26 -1.81 -13.14
C GLU A 103 1.33 -0.78 -13.77
N ARG A 104 0.21 -1.27 -14.31
CA ARG A 104 -0.78 -0.40 -14.95
C ARG A 104 -1.49 0.47 -13.91
N TYR A 105 -1.74 -0.10 -12.74
CA TYR A 105 -2.43 0.61 -11.68
C TYR A 105 -1.56 1.70 -11.10
N LEU A 106 -0.25 1.45 -11.00
CA LEU A 106 0.70 2.48 -10.57
C LEU A 106 0.65 3.64 -11.56
N ASN A 107 0.53 3.30 -12.83
CA ASN A 107 0.47 4.28 -13.91
C ASN A 107 -0.80 5.11 -13.85
N GLY A 108 -1.87 4.52 -13.34
CA GLY A 108 -3.14 5.21 -13.29
C GLY A 108 -3.35 5.98 -12.00
N LEU A 109 -3.02 5.35 -10.87
CA LEU A 109 -3.29 5.93 -9.57
C LEU A 109 -2.23 6.97 -9.18
N PHE A 110 -0.96 6.63 -9.36
CA PHE A 110 0.12 7.48 -8.87
C PHE A 110 0.80 8.25 -10.00
N GLY A 111 0.71 7.74 -11.21
CA GLY A 111 1.35 8.37 -12.34
C GLY A 111 0.36 8.99 -13.30
N ASP A 112 -0.55 9.78 -12.76
CA ASP A 112 -1.60 10.36 -13.54
C ASP A 112 -1.27 11.81 -13.81
N MET A 1 -4.96 -16.66 -6.98
CA MET A 1 -3.53 -16.38 -6.73
C MET A 1 -3.33 -14.91 -6.39
N TYR A 2 -2.28 -14.60 -5.65
CA TYR A 2 -1.93 -13.23 -5.36
C TYR A 2 -0.43 -13.00 -5.55
N LEU A 3 -0.02 -11.77 -5.30
CA LEU A 3 1.39 -11.41 -5.35
C LEU A 3 1.91 -11.26 -3.92
N ARG A 4 3.03 -11.90 -3.63
CA ARG A 4 3.61 -11.82 -2.29
C ARG A 4 4.21 -10.44 -2.05
N PRO A 5 4.42 -10.04 -0.78
CA PRO A 5 4.95 -8.72 -0.43
C PRO A 5 6.27 -8.42 -1.15
N ASP A 6 7.15 -9.40 -1.19
CA ASP A 6 8.45 -9.27 -1.86
C ASP A 6 8.26 -8.96 -3.34
N GLU A 7 7.26 -9.63 -3.93
CA GLU A 7 6.93 -9.44 -5.34
C GLU A 7 6.47 -8.01 -5.58
N VAL A 8 5.51 -7.56 -4.77
CA VAL A 8 4.95 -6.22 -4.89
C VAL A 8 6.03 -5.16 -4.71
N ALA A 9 6.88 -5.33 -3.71
CA ALA A 9 7.94 -4.38 -3.42
C ALA A 9 8.89 -4.22 -4.60
N ARG A 10 9.28 -5.34 -5.20
CA ARG A 10 10.19 -5.31 -6.33
C ARG A 10 9.60 -4.54 -7.51
N VAL A 11 8.29 -4.66 -7.70
CA VAL A 11 7.61 -3.93 -8.77
C VAL A 11 7.65 -2.42 -8.50
N LEU A 12 7.39 -2.05 -7.25
CA LEU A 12 7.45 -0.65 -6.84
C LEU A 12 8.85 -0.10 -7.07
N GLU A 13 9.86 -0.87 -6.65
CA GLU A 13 11.25 -0.50 -6.83
C GLU A 13 11.55 -0.26 -8.32
N LYS A 14 11.01 -1.14 -9.14
CA LYS A 14 11.18 -1.09 -10.60
C LYS A 14 10.61 0.20 -11.17
N ALA A 15 9.44 0.56 -10.68
CA ALA A 15 8.69 1.72 -11.17
C ALA A 15 9.31 3.06 -10.75
N GLY A 16 10.50 3.02 -10.17
CA GLY A 16 11.22 4.24 -9.87
C GLY A 16 10.85 4.80 -8.50
N PHE A 17 10.53 3.93 -7.57
CA PHE A 17 10.20 4.35 -6.22
C PHE A 17 11.41 4.30 -5.31
N THR A 18 11.30 4.98 -4.17
CA THR A 18 12.36 4.99 -3.18
C THR A 18 11.82 4.56 -1.82
N VAL A 19 12.69 4.08 -0.95
CA VAL A 19 12.28 3.69 0.39
C VAL A 19 12.24 4.91 1.31
N ASP A 20 11.31 4.90 2.26
CA ASP A 20 11.18 5.98 3.22
C ASP A 20 11.40 5.46 4.64
N VAL A 21 10.55 4.55 5.06
CA VAL A 21 10.64 3.97 6.38
C VAL A 21 10.68 2.44 6.31
N VAL A 22 11.82 1.87 6.66
CA VAL A 22 12.00 0.44 6.56
C VAL A 22 11.74 -0.25 7.90
N THR A 23 10.51 -0.73 8.08
CA THR A 23 10.19 -1.56 9.22
C THR A 23 10.23 -3.02 8.78
N ASN A 24 10.60 -3.91 9.69
CA ASN A 24 10.77 -5.32 9.34
C ASN A 24 9.41 -5.99 9.12
N LYS A 25 8.35 -5.21 9.18
CA LYS A 25 7.00 -5.71 8.98
C LYS A 25 6.35 -5.02 7.79
N THR A 26 6.99 -3.95 7.32
CA THR A 26 6.38 -3.08 6.33
C THR A 26 7.43 -2.18 5.66
N TYR A 27 7.45 -2.20 4.34
CA TYR A 27 8.36 -1.33 3.58
C TYR A 27 7.66 -0.01 3.27
N GLY A 28 8.05 1.04 3.97
CA GLY A 28 7.55 2.35 3.64
C GLY A 28 8.17 2.85 2.36
N TYR A 29 7.34 3.04 1.35
CA TYR A 29 7.81 3.36 0.01
C TYR A 29 7.15 4.63 -0.49
N ARG A 30 7.91 5.49 -1.15
CA ARG A 30 7.34 6.70 -1.71
C ARG A 30 8.06 7.14 -2.97
N ARG A 31 7.37 7.91 -3.77
CA ARG A 31 7.92 8.54 -4.96
C ARG A 31 7.26 9.90 -5.12
N GLY A 32 7.77 10.89 -4.41
CA GLY A 32 7.08 12.15 -4.29
C GLY A 32 5.90 12.02 -3.36
N GLU A 33 4.72 12.38 -3.84
CA GLU A 33 3.50 12.19 -3.06
C GLU A 33 2.87 10.83 -3.33
N ASN A 34 3.64 9.93 -3.93
CA ASN A 34 3.19 8.56 -4.14
C ASN A 34 3.59 7.72 -2.94
N TYR A 35 2.73 7.70 -1.92
CA TYR A 35 3.04 7.00 -0.68
C TYR A 35 2.38 5.64 -0.63
N VAL A 36 3.20 4.61 -0.49
CA VAL A 36 2.71 3.24 -0.32
C VAL A 36 3.51 2.52 0.77
N TYR A 37 2.94 1.46 1.30
CA TYR A 37 3.59 0.68 2.34
C TYR A 37 3.43 -0.81 2.04
N VAL A 38 4.54 -1.47 1.78
CA VAL A 38 4.50 -2.89 1.44
C VAL A 38 4.45 -3.73 2.72
N ASN A 39 3.30 -4.31 2.98
CA ASN A 39 3.12 -5.11 4.18
C ASN A 39 3.77 -6.48 4.01
N ARG A 40 4.84 -6.73 4.76
CA ARG A 40 5.52 -8.03 4.70
C ARG A 40 4.68 -9.10 5.39
N GLU A 41 3.65 -8.64 6.09
CA GLU A 41 2.75 -9.52 6.82
C GLU A 41 1.61 -9.99 5.92
N ALA A 42 1.78 -9.83 4.62
CA ALA A 42 0.77 -10.23 3.67
C ALA A 42 0.71 -11.76 3.57
N ARG A 43 -0.24 -12.34 4.30
CA ARG A 43 -0.44 -13.78 4.36
C ARG A 43 -0.47 -14.41 2.96
N MET A 44 -1.52 -14.13 2.21
CA MET A 44 -1.66 -14.65 0.85
C MET A 44 -1.09 -13.66 -0.15
N GLY A 45 -0.73 -12.48 0.34
CA GLY A 45 -0.35 -11.38 -0.53
C GLY A 45 -1.55 -10.53 -0.90
N ARG A 46 -2.70 -10.93 -0.37
CA ARG A 46 -3.97 -10.25 -0.65
C ARG A 46 -3.98 -8.82 -0.08
N THR A 47 -3.24 -8.60 1.00
CA THR A 47 -3.23 -7.29 1.65
C THR A 47 -1.82 -6.70 1.69
N ALA A 48 -1.05 -6.96 0.65
CA ALA A 48 0.34 -6.55 0.61
C ALA A 48 0.51 -5.06 0.36
N LEU A 49 -0.26 -4.51 -0.57
CA LEU A 49 -0.07 -3.13 -1.00
C LEU A 49 -0.92 -2.16 -0.20
N ILE A 50 -0.33 -1.53 0.79
CA ILE A 50 -1.00 -0.49 1.54
C ILE A 50 -0.69 0.86 0.90
N ILE A 51 -1.65 1.77 0.87
CA ILE A 51 -1.41 3.08 0.28
C ILE A 51 -1.80 4.19 1.26
N HIS A 52 -1.36 5.41 0.94
CA HIS A 52 -1.78 6.59 1.66
C HIS A 52 -3.29 6.79 1.50
N PRO A 53 -3.99 7.25 2.56
CA PRO A 53 -5.42 7.59 2.49
C PRO A 53 -5.74 8.65 1.44
N ARG A 54 -6.95 9.21 1.49
CA ARG A 54 -7.42 10.21 0.52
C ARG A 54 -7.67 9.61 -0.86
N LEU A 55 -6.76 8.76 -1.32
CA LEU A 55 -6.82 8.19 -2.65
C LEU A 55 -7.66 6.91 -2.70
N LYS A 56 -8.41 6.64 -1.64
CA LYS A 56 -9.15 5.38 -1.55
C LYS A 56 -10.15 5.24 -2.70
N ASP A 57 -10.95 6.28 -2.91
CA ASP A 57 -11.96 6.27 -3.99
C ASP A 57 -11.28 6.13 -5.36
N ARG A 58 -10.32 7.01 -5.62
CA ARG A 58 -9.54 6.96 -6.86
C ARG A 58 -8.94 5.57 -7.07
N SER A 59 -8.34 5.04 -6.01
CA SER A 59 -7.74 3.72 -6.03
C SER A 59 -8.76 2.62 -6.33
N SER A 60 -9.89 2.62 -5.60
CA SER A 60 -10.91 1.59 -5.77
C SER A 60 -11.48 1.58 -7.20
N SER A 61 -11.43 2.73 -7.86
CA SER A 61 -11.88 2.85 -9.23
C SER A 61 -11.00 2.01 -10.16
N LEU A 62 -9.76 1.78 -9.73
CA LEU A 62 -8.83 0.97 -10.50
C LEU A 62 -8.82 -0.46 -9.96
N ALA A 63 -8.61 -0.58 -8.67
CA ALA A 63 -8.64 -1.87 -8.00
C ALA A 63 -9.11 -1.70 -6.57
N ASP A 64 -10.21 -2.36 -6.26
CA ASP A 64 -10.87 -2.22 -4.96
C ASP A 64 -9.97 -2.70 -3.83
N PRO A 65 -10.14 -2.12 -2.63
CA PRO A 65 -9.39 -2.52 -1.44
C PRO A 65 -9.68 -3.97 -1.07
N ALA A 66 -8.65 -4.67 -0.60
CA ALA A 66 -8.78 -6.07 -0.23
C ALA A 66 -9.58 -6.21 1.06
N SER A 67 -9.46 -5.21 1.90
CA SER A 67 -10.17 -5.19 3.16
C SER A 67 -10.65 -3.77 3.43
N ASP A 68 -11.05 -3.49 4.65
CA ASP A 68 -11.45 -2.15 5.03
C ASP A 68 -10.23 -1.25 5.12
N ILE A 69 -9.53 -1.39 6.24
CA ILE A 69 -8.28 -0.67 6.48
C ILE A 69 -7.43 -1.50 7.43
N LYS A 70 -6.11 -1.36 7.35
CA LYS A 70 -5.25 -2.02 8.31
C LYS A 70 -4.83 -1.06 9.40
N THR A 71 -5.37 -1.30 10.59
CA THR A 71 -5.05 -0.49 11.75
C THR A 71 -3.85 -1.09 12.50
N CYS A 72 -2.80 -0.28 12.62
CA CYS A 72 -1.53 -0.73 13.20
C CYS A 72 -0.54 0.42 13.19
N ASP A 73 0.31 0.51 14.23
CA ASP A 73 1.23 1.63 14.36
C ASP A 73 2.42 1.49 13.40
N HIS A 74 2.12 1.66 12.13
CA HIS A 74 3.14 1.73 11.07
C HIS A 74 2.71 2.76 10.04
N TYR A 75 1.42 2.76 9.72
CA TYR A 75 0.89 3.63 8.70
C TYR A 75 0.21 4.83 9.35
N GLN A 76 1.01 5.77 9.84
CA GLN A 76 0.48 6.96 10.45
C GLN A 76 0.09 7.97 9.38
N ASN A 77 0.95 8.09 8.36
CA ASN A 77 0.72 8.99 7.23
C ASN A 77 0.61 10.43 7.68
N PHE A 78 -0.62 10.85 7.98
CA PHE A 78 -0.93 12.24 8.31
C PHE A 78 -2.23 12.33 9.13
N PRO A 79 -3.33 11.71 8.68
CA PRO A 79 -4.65 11.92 9.27
C PRO A 79 -4.87 11.13 10.57
N LEU A 80 -4.50 9.85 10.56
CA LEU A 80 -4.88 8.91 11.61
C LEU A 80 -6.40 8.69 11.55
N TYR A 81 -6.84 7.47 11.80
CA TYR A 81 -8.25 7.14 11.67
C TYR A 81 -9.09 7.98 12.63
N LEU A 82 -10.29 8.33 12.21
CA LEU A 82 -11.21 9.04 13.07
C LEU A 82 -12.51 8.25 13.21
N GLY A 83 -13.53 8.62 12.43
CA GLY A 83 -14.81 7.94 12.48
C GLY A 83 -15.36 7.84 13.90
N GLY A 84 -15.96 6.69 14.21
CA GLY A 84 -16.38 6.44 15.57
C GLY A 84 -15.49 5.40 16.22
N GLU A 85 -14.53 4.93 15.45
CA GLU A 85 -13.60 3.89 15.90
C GLU A 85 -12.46 4.48 16.70
N THR A 86 -12.22 5.76 16.46
CA THR A 86 -11.31 6.58 17.26
C THR A 86 -9.84 6.19 17.08
N HIS A 87 -9.26 6.68 15.97
CA HIS A 87 -7.83 6.58 15.69
C HIS A 87 -7.34 5.14 15.55
N GLU A 88 -6.01 5.00 15.63
CA GLU A 88 -5.26 3.77 15.32
C GLU A 88 -4.78 3.86 13.88
N HIS A 89 -3.47 3.96 13.75
CA HIS A 89 -2.82 4.30 12.48
C HIS A 89 -3.29 3.34 11.38
N TYR A 90 -3.83 3.86 10.29
CA TYR A 90 -4.50 3.01 9.32
C TYR A 90 -3.99 3.25 7.91
N GLY A 91 -4.11 2.22 7.08
CA GLY A 91 -3.82 2.34 5.67
C GLY A 91 -4.73 1.43 4.86
N ILE A 92 -4.92 1.74 3.59
CA ILE A 92 -5.84 0.97 2.76
C ILE A 92 -5.10 -0.19 2.08
N PRO A 93 -5.51 -1.44 2.38
CA PRO A 93 -4.87 -2.64 1.85
C PRO A 93 -5.34 -3.02 0.44
N HIS A 94 -4.41 -3.51 -0.38
CA HIS A 94 -4.71 -3.93 -1.74
C HIS A 94 -3.96 -5.21 -2.08
N GLY A 95 -4.25 -5.75 -3.26
CA GLY A 95 -3.62 -6.97 -3.70
C GLY A 95 -4.02 -7.32 -5.11
N PHE A 96 -3.22 -8.13 -5.76
CA PHE A 96 -3.40 -8.45 -7.17
C PHE A 96 -3.12 -9.93 -7.40
N SER A 97 -2.66 -10.26 -8.61
CA SER A 97 -2.35 -11.64 -8.96
C SER A 97 -1.28 -11.65 -10.05
N SER A 98 -1.36 -10.69 -10.95
CA SER A 98 -0.36 -10.53 -11.99
C SER A 98 0.43 -9.24 -11.77
N ARG A 99 1.75 -9.34 -11.82
CA ARG A 99 2.62 -8.19 -11.62
C ARG A 99 2.36 -7.11 -12.65
N ILE A 100 2.02 -7.52 -13.88
CA ILE A 100 1.69 -6.59 -14.95
C ILE A 100 0.48 -5.72 -14.56
N ALA A 101 -0.45 -6.31 -13.81
CA ALA A 101 -1.62 -5.57 -13.35
C ALA A 101 -1.21 -4.51 -12.35
N LEU A 102 -0.32 -4.89 -11.44
CA LEU A 102 0.25 -3.93 -10.50
C LEU A 102 1.03 -2.84 -11.23
N GLU A 103 1.74 -3.26 -12.28
CA GLU A 103 2.50 -2.34 -13.13
C GLU A 103 1.60 -1.23 -13.67
N ARG A 104 0.60 -1.63 -14.45
CA ARG A 104 -0.33 -0.69 -15.06
C ARG A 104 -1.13 0.08 -14.00
N TYR A 105 -1.32 -0.56 -12.85
CA TYR A 105 -2.00 0.06 -11.72
C TYR A 105 -1.24 1.29 -11.25
N LEU A 106 0.07 1.14 -11.09
CA LEU A 106 0.94 2.23 -10.64
C LEU A 106 0.89 3.40 -11.63
N ASN A 107 0.72 3.07 -12.90
CA ASN A 107 0.64 4.08 -13.96
C ASN A 107 -0.62 4.91 -13.82
N GLY A 108 -1.74 4.24 -13.62
CA GLY A 108 -3.01 4.95 -13.52
C GLY A 108 -3.15 5.72 -12.23
N LEU A 109 -2.82 5.10 -11.12
CA LEU A 109 -3.03 5.70 -9.81
C LEU A 109 -1.93 6.71 -9.46
N PHE A 110 -0.68 6.31 -9.66
CA PHE A 110 0.45 7.12 -9.22
C PHE A 110 1.12 7.87 -10.37
N GLY A 111 0.61 7.67 -11.57
CA GLY A 111 1.09 8.42 -12.71
C GLY A 111 0.02 9.35 -13.23
N ASP A 112 -0.49 10.21 -12.36
CA ASP A 112 -1.64 11.04 -12.67
C ASP A 112 -1.20 12.40 -13.18
N MET A 1 -2.40 -17.04 -8.27
CA MET A 1 -1.55 -16.75 -7.09
C MET A 1 -1.47 -15.25 -6.86
N TYR A 2 -1.55 -14.85 -5.61
CA TYR A 2 -1.47 -13.44 -5.26
C TYR A 2 -0.02 -12.99 -5.27
N LEU A 3 0.19 -11.68 -5.32
CA LEU A 3 1.52 -11.12 -5.30
C LEU A 3 1.99 -10.93 -3.86
N ARG A 4 3.13 -11.52 -3.55
CA ARG A 4 3.72 -11.38 -2.21
C ARG A 4 4.22 -9.96 -2.01
N PRO A 5 4.37 -9.52 -0.75
CA PRO A 5 4.97 -8.22 -0.43
C PRO A 5 6.32 -8.04 -1.10
N ASP A 6 7.08 -9.12 -1.17
CA ASP A 6 8.37 -9.15 -1.84
C ASP A 6 8.22 -8.80 -3.32
N GLU A 7 7.20 -9.36 -3.95
CA GLU A 7 6.97 -9.17 -5.37
C GLU A 7 6.48 -7.76 -5.64
N VAL A 8 5.57 -7.29 -4.78
CA VAL A 8 5.01 -5.95 -4.92
C VAL A 8 6.08 -4.88 -4.76
N ALA A 9 6.84 -4.95 -3.67
CA ALA A 9 7.89 -3.99 -3.39
C ALA A 9 8.94 -3.99 -4.49
N ARG A 10 9.24 -5.18 -5.01
CA ARG A 10 10.22 -5.33 -6.07
C ARG A 10 9.79 -4.57 -7.32
N VAL A 11 8.52 -4.65 -7.65
CA VAL A 11 7.97 -3.93 -8.79
C VAL A 11 8.01 -2.43 -8.54
N LEU A 12 7.82 -2.03 -7.29
CA LEU A 12 7.91 -0.62 -6.92
C LEU A 12 9.30 -0.07 -7.23
N GLU A 13 10.33 -0.88 -7.00
CA GLU A 13 11.70 -0.52 -7.36
C GLU A 13 11.74 -0.17 -8.85
N LYS A 14 11.24 -1.10 -9.65
CA LYS A 14 11.21 -0.98 -11.10
C LYS A 14 10.39 0.22 -11.56
N ALA A 15 9.31 0.49 -10.84
CA ALA A 15 8.43 1.61 -11.17
C ALA A 15 9.09 2.97 -10.92
N GLY A 16 10.24 2.96 -10.25
CA GLY A 16 10.96 4.20 -10.02
C GLY A 16 10.83 4.72 -8.60
N PHE A 17 10.28 3.89 -7.73
CA PHE A 17 10.05 4.30 -6.35
C PHE A 17 11.30 4.11 -5.49
N THR A 18 11.23 4.63 -4.27
CA THR A 18 12.31 4.48 -3.29
C THR A 18 11.73 4.15 -1.92
N VAL A 19 12.59 3.78 -0.98
CA VAL A 19 12.13 3.41 0.35
C VAL A 19 11.93 4.64 1.25
N ASP A 20 11.02 4.52 2.19
CA ASP A 20 10.74 5.59 3.15
C ASP A 20 11.05 5.14 4.56
N VAL A 21 10.30 4.15 5.04
CA VAL A 21 10.50 3.61 6.37
C VAL A 21 10.47 2.07 6.33
N VAL A 22 11.57 1.45 6.67
CA VAL A 22 11.67 0.00 6.62
C VAL A 22 11.57 -0.60 8.03
N THR A 23 10.65 -1.55 8.19
CA THR A 23 10.52 -2.24 9.46
C THR A 23 10.38 -3.74 9.21
N ASN A 24 10.47 -4.53 10.26
CA ASN A 24 10.36 -5.97 10.14
C ASN A 24 8.97 -6.39 9.63
N LYS A 25 8.02 -5.46 9.67
CA LYS A 25 6.65 -5.77 9.29
C LYS A 25 6.21 -5.00 8.05
N THR A 26 6.99 -4.02 7.60
CA THR A 26 6.58 -3.20 6.47
C THR A 26 7.73 -2.72 5.63
N TYR A 27 7.40 -2.33 4.41
CA TYR A 27 8.29 -1.56 3.60
C TYR A 27 7.61 -0.26 3.19
N GLY A 28 7.93 0.81 3.90
CA GLY A 28 7.44 2.11 3.50
C GLY A 28 8.07 2.52 2.20
N TYR A 29 7.26 2.87 1.22
CA TYR A 29 7.75 3.16 -0.11
C TYR A 29 7.18 4.48 -0.61
N ARG A 30 7.99 5.23 -1.33
CA ARG A 30 7.62 6.57 -1.76
C ARG A 30 8.30 6.95 -3.07
N ARG A 31 7.70 7.90 -3.77
CA ARG A 31 8.33 8.51 -4.93
C ARG A 31 7.84 9.96 -5.05
N GLY A 32 8.30 10.81 -4.15
CA GLY A 32 7.85 12.18 -4.09
C GLY A 32 6.75 12.37 -3.08
N GLU A 33 5.62 12.92 -3.53
CA GLU A 33 4.50 13.19 -2.63
C GLU A 33 3.57 12.00 -2.50
N ASN A 34 3.85 10.94 -3.27
CA ASN A 34 3.08 9.71 -3.18
C ASN A 34 3.78 8.72 -2.26
N TYR A 35 3.03 8.17 -1.31
CA TYR A 35 3.57 7.24 -0.33
C TYR A 35 2.71 5.99 -0.25
N VAL A 36 3.35 4.84 -0.18
CA VAL A 36 2.66 3.56 -0.02
C VAL A 36 3.38 2.69 1.00
N TYR A 37 2.66 1.74 1.59
CA TYR A 37 3.25 0.84 2.56
C TYR A 37 3.07 -0.61 2.13
N VAL A 38 4.18 -1.29 1.89
CA VAL A 38 4.12 -2.70 1.55
C VAL A 38 4.01 -3.53 2.81
N ASN A 39 2.93 -4.28 2.92
CA ASN A 39 2.69 -5.12 4.08
C ASN A 39 3.58 -6.36 4.00
N ARG A 40 4.66 -6.34 4.76
CA ARG A 40 5.61 -7.44 4.75
C ARG A 40 4.99 -8.67 5.42
N GLU A 41 3.98 -8.42 6.25
CA GLU A 41 3.25 -9.47 6.92
C GLU A 41 2.12 -10.01 6.03
N ALA A 42 2.07 -9.54 4.79
CA ALA A 42 1.00 -9.94 3.88
C ALA A 42 1.25 -11.31 3.28
N ARG A 43 1.18 -12.32 4.12
CA ARG A 43 1.33 -13.70 3.68
C ARG A 43 0.02 -14.20 3.11
N MET A 44 -0.99 -13.34 3.17
CA MET A 44 -2.29 -13.62 2.56
C MET A 44 -2.30 -13.13 1.12
N GLY A 45 -1.44 -12.15 0.83
CA GLY A 45 -1.36 -11.61 -0.51
C GLY A 45 -2.40 -10.54 -0.79
N ARG A 46 -3.55 -10.64 -0.13
CA ARG A 46 -4.65 -9.73 -0.34
C ARG A 46 -4.37 -8.34 0.21
N THR A 47 -3.44 -8.25 1.14
CA THR A 47 -3.21 -7.01 1.85
C THR A 47 -1.79 -6.51 1.65
N ALA A 48 -1.15 -6.97 0.59
CA ALA A 48 0.27 -6.69 0.38
C ALA A 48 0.53 -5.24 0.00
N LEU A 49 -0.43 -4.63 -0.69
CA LEU A 49 -0.23 -3.28 -1.19
C LEU A 49 -1.13 -2.30 -0.46
N ILE A 50 -0.63 -1.76 0.61
CA ILE A 50 -1.37 -0.79 1.38
C ILE A 50 -0.89 0.60 1.02
N ILE A 51 -1.51 1.16 -0.01
CA ILE A 51 -1.06 2.43 -0.59
C ILE A 51 -1.18 3.59 0.39
N HIS A 52 -2.35 4.18 0.50
CA HIS A 52 -2.56 5.38 1.28
C HIS A 52 -4.04 5.76 1.21
N PRO A 53 -4.60 6.30 2.31
CA PRO A 53 -5.94 6.92 2.28
C PRO A 53 -6.01 8.08 1.27
N ARG A 54 -7.04 8.92 1.37
CA ARG A 54 -7.26 10.04 0.43
C ARG A 54 -7.70 9.51 -0.94
N LEU A 55 -6.94 8.58 -1.49
CA LEU A 55 -7.14 8.09 -2.85
C LEU A 55 -8.03 6.85 -2.90
N LYS A 56 -8.75 6.57 -1.82
CA LYS A 56 -9.55 5.33 -1.74
C LYS A 56 -10.45 5.15 -2.96
N ASP A 57 -11.28 6.17 -3.25
CA ASP A 57 -12.24 6.07 -4.34
C ASP A 57 -11.54 5.95 -5.70
N ARG A 58 -10.59 6.84 -5.96
CA ARG A 58 -9.81 6.79 -7.20
C ARG A 58 -9.14 5.44 -7.37
N SER A 59 -8.50 4.99 -6.30
CA SER A 59 -7.83 3.69 -6.27
C SER A 59 -8.82 2.54 -6.51
N SER A 60 -9.94 2.57 -5.81
CA SER A 60 -10.95 1.51 -5.89
C SER A 60 -11.50 1.38 -7.31
N SER A 61 -11.55 2.49 -8.04
CA SER A 61 -12.06 2.49 -9.41
C SER A 61 -11.11 1.72 -10.33
N LEU A 62 -9.87 1.54 -9.90
CA LEU A 62 -8.91 0.78 -10.66
C LEU A 62 -8.82 -0.65 -10.14
N ALA A 63 -8.76 -0.77 -8.82
CA ALA A 63 -8.68 -2.07 -8.16
C ALA A 63 -9.26 -1.99 -6.76
N ASP A 64 -10.13 -2.94 -6.45
CA ASP A 64 -10.82 -2.98 -5.17
C ASP A 64 -9.87 -3.36 -4.03
N PRO A 65 -10.08 -2.78 -2.85
CA PRO A 65 -9.32 -3.11 -1.65
C PRO A 65 -9.78 -4.42 -1.01
N ALA A 66 -8.91 -5.02 -0.19
CA ALA A 66 -9.24 -6.28 0.46
C ALA A 66 -10.03 -6.04 1.73
N SER A 67 -9.96 -4.82 2.24
CA SER A 67 -10.64 -4.45 3.47
C SER A 67 -10.90 -2.95 3.47
N ASP A 68 -11.38 -2.45 4.59
CA ASP A 68 -11.62 -1.02 4.76
C ASP A 68 -10.32 -0.31 5.07
N ILE A 69 -9.91 -0.40 6.33
CA ILE A 69 -8.64 0.15 6.77
C ILE A 69 -7.98 -0.83 7.71
N LYS A 70 -6.66 -0.91 7.66
CA LYS A 70 -5.93 -1.80 8.55
C LYS A 70 -5.16 -0.98 9.58
N THR A 71 -5.54 -1.13 10.83
CA THR A 71 -4.90 -0.41 11.92
C THR A 71 -3.63 -1.14 12.38
N CYS A 72 -2.54 -0.39 12.49
CA CYS A 72 -1.24 -0.97 12.81
C CYS A 72 -0.20 0.14 12.85
N ASP A 73 0.53 0.19 13.96
CA ASP A 73 1.54 1.21 14.23
C ASP A 73 2.51 1.48 13.07
N HIS A 74 2.58 0.57 12.10
CA HIS A 74 3.57 0.67 11.04
C HIS A 74 3.04 1.42 9.81
N TYR A 75 1.83 1.98 9.86
CA TYR A 75 1.28 2.72 8.72
C TYR A 75 0.81 4.13 9.11
N GLN A 76 1.73 5.06 9.29
CA GLN A 76 1.34 6.42 9.68
C GLN A 76 0.62 7.13 8.54
N ASN A 77 1.19 7.06 7.35
CA ASN A 77 0.66 7.74 6.18
C ASN A 77 0.76 9.26 6.33
N PHE A 78 -0.21 9.84 7.02
CA PHE A 78 -0.27 11.27 7.24
C PHE A 78 -1.23 11.63 8.39
N PRO A 79 -2.52 11.25 8.29
CA PRO A 79 -3.54 11.69 9.25
C PRO A 79 -3.56 10.89 10.55
N LEU A 80 -3.38 9.57 10.43
CA LEU A 80 -3.59 8.64 11.54
C LEU A 80 -5.08 8.58 11.90
N TYR A 81 -5.50 7.46 12.48
CA TYR A 81 -6.88 7.30 12.89
C TYR A 81 -7.18 8.27 14.02
N LEU A 82 -7.90 9.33 13.70
CA LEU A 82 -8.19 10.37 14.67
C LEU A 82 -9.37 9.96 15.55
N GLY A 83 -9.06 9.18 16.57
CA GLY A 83 -10.05 8.81 17.54
C GLY A 83 -9.78 9.47 18.87
N GLY A 84 -10.80 9.54 19.72
CA GLY A 84 -10.64 10.16 21.02
C GLY A 84 -9.76 9.33 21.93
N GLU A 85 -9.76 8.03 21.70
CA GLU A 85 -8.94 7.11 22.46
C GLU A 85 -7.63 6.85 21.74
N THR A 86 -7.74 6.27 20.57
CA THR A 86 -6.60 5.74 19.86
C THR A 86 -6.31 6.50 18.57
N HIS A 87 -5.09 7.00 18.46
CA HIS A 87 -4.60 7.56 17.22
C HIS A 87 -3.75 6.51 16.55
N GLU A 88 -4.39 5.67 15.78
CA GLU A 88 -3.74 4.48 15.26
C GLU A 88 -3.30 4.70 13.84
N HIS A 89 -2.17 4.12 13.52
CA HIS A 89 -1.62 4.20 12.20
C HIS A 89 -2.43 3.28 11.29
N TYR A 90 -3.06 3.84 10.25
CA TYR A 90 -3.97 3.05 9.44
C TYR A 90 -3.70 3.25 7.95
N GLY A 91 -3.84 2.17 7.19
CA GLY A 91 -3.75 2.26 5.75
C GLY A 91 -4.82 1.41 5.08
N ILE A 92 -5.00 1.57 3.77
CA ILE A 92 -6.02 0.83 3.05
C ILE A 92 -5.41 -0.35 2.29
N PRO A 93 -5.73 -1.59 2.70
CA PRO A 93 -5.14 -2.81 2.14
C PRO A 93 -5.62 -3.13 0.72
N HIS A 94 -4.67 -3.30 -0.19
CA HIS A 94 -4.98 -3.74 -1.55
C HIS A 94 -4.16 -4.97 -1.89
N GLY A 95 -4.39 -5.55 -3.05
CA GLY A 95 -3.69 -6.75 -3.43
C GLY A 95 -4.04 -7.18 -4.83
N PHE A 96 -3.21 -8.03 -5.42
CA PHE A 96 -3.35 -8.41 -6.81
C PHE A 96 -2.95 -9.87 -7.01
N SER A 97 -2.82 -10.27 -8.26
CA SER A 97 -2.43 -11.63 -8.59
C SER A 97 -1.74 -11.65 -9.96
N SER A 98 -1.33 -10.47 -10.41
CA SER A 98 -0.63 -10.32 -11.68
C SER A 98 0.32 -9.12 -11.62
N ARG A 99 1.59 -9.36 -11.91
CA ARG A 99 2.61 -8.31 -11.83
C ARG A 99 2.31 -7.17 -12.79
N ILE A 100 2.04 -7.50 -14.04
CA ILE A 100 1.75 -6.48 -15.04
C ILE A 100 0.52 -5.64 -14.67
N ALA A 101 -0.42 -6.24 -13.95
CA ALA A 101 -1.59 -5.49 -13.51
C ALA A 101 -1.17 -4.42 -12.52
N LEU A 102 -0.25 -4.78 -11.64
CA LEU A 102 0.33 -3.83 -10.70
C LEU A 102 1.09 -2.75 -11.45
N GLU A 103 1.77 -3.16 -12.52
CA GLU A 103 2.50 -2.23 -13.39
C GLU A 103 1.54 -1.17 -13.93
N ARG A 104 0.50 -1.62 -14.64
CA ARG A 104 -0.48 -0.73 -15.23
C ARG A 104 -1.25 0.04 -14.15
N TYR A 105 -1.40 -0.59 -12.99
CA TYR A 105 -2.09 0.02 -11.87
C TYR A 105 -1.39 1.28 -11.41
N LEU A 106 -0.09 1.18 -11.16
CA LEU A 106 0.70 2.32 -10.73
C LEU A 106 0.67 3.43 -11.78
N ASN A 107 0.63 3.03 -13.04
CA ASN A 107 0.57 3.97 -14.16
C ASN A 107 -0.75 4.72 -14.20
N GLY A 108 -1.83 4.05 -13.82
CA GLY A 108 -3.13 4.68 -13.82
C GLY A 108 -3.39 5.48 -12.56
N LEU A 109 -2.88 4.99 -11.44
CA LEU A 109 -3.08 5.63 -10.15
C LEU A 109 -2.12 6.80 -9.95
N PHE A 110 -0.83 6.53 -10.04
CA PHE A 110 0.19 7.54 -9.77
C PHE A 110 0.75 8.14 -11.06
N GLY A 111 0.24 7.69 -12.19
CA GLY A 111 0.72 8.19 -13.47
C GLY A 111 -0.01 9.44 -13.90
N ASP A 112 -1.03 9.82 -13.15
CA ASP A 112 -1.84 11.02 -13.44
C ASP A 112 -1.16 12.23 -12.86
N MET A 1 -3.46 -16.80 -8.11
CA MET A 1 -2.40 -16.46 -7.14
C MET A 1 -2.29 -14.94 -7.01
N TYR A 2 -1.94 -14.49 -5.81
CA TYR A 2 -1.76 -13.06 -5.56
C TYR A 2 -0.29 -12.69 -5.69
N LEU A 3 0.03 -11.45 -5.32
CA LEU A 3 1.39 -10.96 -5.35
C LEU A 3 1.89 -10.74 -3.93
N ARG A 4 2.96 -11.43 -3.58
CA ARG A 4 3.57 -11.30 -2.27
C ARG A 4 4.19 -9.91 -2.07
N PRO A 5 4.46 -9.51 -0.82
CA PRO A 5 5.02 -8.19 -0.49
C PRO A 5 6.28 -7.88 -1.30
N ASP A 6 7.20 -8.83 -1.34
CA ASP A 6 8.45 -8.68 -2.08
C ASP A 6 8.18 -8.47 -3.57
N GLU A 7 7.16 -9.15 -4.09
CA GLU A 7 6.79 -9.05 -5.50
C GLU A 7 6.30 -7.65 -5.81
N VAL A 8 5.46 -7.13 -4.94
CA VAL A 8 4.95 -5.76 -5.07
C VAL A 8 6.11 -4.76 -5.05
N ALA A 9 7.06 -4.99 -4.16
CA ALA A 9 8.23 -4.15 -4.04
C ALA A 9 9.03 -4.14 -5.36
N ARG A 10 9.13 -5.29 -6.00
CA ARG A 10 9.85 -5.40 -7.27
C ARG A 10 9.25 -4.45 -8.31
N VAL A 11 7.92 -4.43 -8.39
CA VAL A 11 7.23 -3.56 -9.32
C VAL A 11 7.43 -2.10 -8.93
N LEU A 12 7.41 -1.82 -7.63
CA LEU A 12 7.66 -0.47 -7.12
C LEU A 12 9.06 0.00 -7.51
N GLU A 13 10.05 -0.89 -7.44
CA GLU A 13 11.41 -0.58 -7.86
C GLU A 13 11.43 -0.11 -9.32
N LYS A 14 10.65 -0.79 -10.15
CA LYS A 14 10.50 -0.43 -11.56
C LYS A 14 9.98 1.00 -11.69
N ALA A 15 8.98 1.29 -10.89
CA ALA A 15 8.32 2.60 -10.89
C ALA A 15 9.21 3.70 -10.33
N GLY A 16 10.40 3.33 -9.86
CA GLY A 16 11.35 4.32 -9.37
C GLY A 16 11.13 4.67 -7.91
N PHE A 17 10.71 3.69 -7.13
CA PHE A 17 10.44 3.90 -5.71
C PHE A 17 11.69 3.66 -4.86
N THR A 18 11.62 4.12 -3.61
CA THR A 18 12.68 3.92 -2.64
C THR A 18 12.07 3.75 -1.24
N VAL A 19 12.68 2.93 -0.41
CA VAL A 19 12.16 2.67 0.93
C VAL A 19 12.53 3.82 1.88
N ASP A 20 11.52 4.44 2.50
CA ASP A 20 11.79 5.53 3.46
C ASP A 20 11.94 4.95 4.84
N VAL A 21 11.20 3.91 5.13
CA VAL A 21 11.23 3.30 6.44
C VAL A 21 11.15 1.78 6.35
N VAL A 22 12.04 1.10 7.03
CA VAL A 22 12.05 -0.35 7.00
C VAL A 22 11.76 -0.93 8.39
N THR A 23 10.64 -1.62 8.49
CA THR A 23 10.24 -2.25 9.74
C THR A 23 9.86 -3.70 9.49
N ASN A 24 9.96 -4.52 10.53
CA ASN A 24 9.59 -5.93 10.42
C ASN A 24 8.13 -6.09 10.00
N LYS A 25 7.36 -5.04 10.25
CA LYS A 25 5.93 -5.05 9.99
C LYS A 25 5.62 -4.64 8.55
N THR A 26 6.41 -3.72 8.00
CA THR A 26 6.10 -3.14 6.71
C THR A 26 7.28 -2.34 6.14
N TYR A 27 7.34 -2.27 4.82
CA TYR A 27 8.32 -1.44 4.13
C TYR A 27 7.67 -0.15 3.68
N GLY A 28 8.09 0.97 4.25
CA GLY A 28 7.61 2.25 3.77
C GLY A 28 8.26 2.60 2.46
N TYR A 29 7.45 2.86 1.46
CA TYR A 29 7.95 3.07 0.12
C TYR A 29 7.62 4.46 -0.38
N ARG A 30 8.63 5.31 -0.47
CA ARG A 30 8.46 6.70 -0.83
C ARG A 30 8.87 6.95 -2.27
N ARG A 31 8.30 7.98 -2.85
CA ARG A 31 8.72 8.48 -4.16
C ARG A 31 8.20 9.90 -4.34
N GLY A 32 8.99 10.87 -3.90
CA GLY A 32 8.53 12.24 -3.86
C GLY A 32 7.58 12.44 -2.70
N GLU A 33 6.39 12.97 -2.98
CA GLU A 33 5.36 13.08 -1.96
C GLU A 33 4.40 11.91 -2.08
N ASN A 34 4.74 10.96 -2.94
CA ASN A 34 3.93 9.76 -3.12
C ASN A 34 4.42 8.67 -2.17
N TYR A 35 3.72 8.52 -1.05
CA TYR A 35 4.12 7.54 -0.04
C TYR A 35 3.17 6.36 -0.01
N VAL A 36 3.73 5.16 -0.16
CA VAL A 36 2.97 3.93 -0.01
C VAL A 36 3.71 3.02 0.98
N TYR A 37 3.08 1.93 1.37
CA TYR A 37 3.66 1.02 2.34
C TYR A 37 3.46 -0.43 1.90
N VAL A 38 4.51 -1.21 1.97
CA VAL A 38 4.44 -2.62 1.62
C VAL A 38 4.30 -3.47 2.87
N ASN A 39 3.15 -4.08 3.04
CA ASN A 39 2.89 -4.91 4.20
C ASN A 39 3.79 -6.15 4.17
N ARG A 40 4.79 -6.16 5.04
CA ARG A 40 5.75 -7.25 5.09
C ARG A 40 5.10 -8.48 5.70
N GLU A 41 4.04 -8.25 6.44
CA GLU A 41 3.31 -9.32 7.09
C GLU A 41 2.27 -9.92 6.16
N ALA A 42 2.30 -9.52 4.89
CA ALA A 42 1.34 -10.01 3.91
C ALA A 42 1.73 -11.39 3.41
N ARG A 43 1.71 -12.36 4.31
CA ARG A 43 2.01 -13.74 3.97
C ARG A 43 0.91 -14.30 3.08
N MET A 44 -0.28 -13.72 3.19
CA MET A 44 -1.40 -14.12 2.34
C MET A 44 -1.29 -13.47 0.96
N GLY A 45 -0.56 -12.37 0.89
CA GLY A 45 -0.41 -11.64 -0.36
C GLY A 45 -1.65 -10.87 -0.75
N ARG A 46 -2.61 -10.81 0.15
CA ARG A 46 -3.90 -10.18 -0.14
C ARG A 46 -3.96 -8.78 0.50
N THR A 47 -2.96 -8.46 1.30
CA THR A 47 -2.90 -7.16 1.97
C THR A 47 -1.55 -6.50 1.76
N ALA A 48 -0.89 -6.85 0.67
CA ALA A 48 0.50 -6.46 0.43
C ALA A 48 0.64 -4.96 0.17
N LEU A 49 -0.09 -4.44 -0.80
CA LEU A 49 0.09 -3.06 -1.21
C LEU A 49 -0.79 -2.11 -0.41
N ILE A 50 -0.15 -1.31 0.44
CA ILE A 50 -0.85 -0.28 1.18
C ILE A 50 -0.58 1.07 0.54
N ILE A 51 -1.63 1.79 0.20
CA ILE A 51 -1.46 3.12 -0.38
C ILE A 51 -1.97 4.19 0.58
N HIS A 52 -1.64 5.43 0.29
CA HIS A 52 -2.15 6.57 1.03
C HIS A 52 -3.67 6.64 0.92
N PRO A 53 -4.38 6.92 2.03
CA PRO A 53 -5.83 7.17 2.03
C PRO A 53 -6.24 8.30 1.08
N ARG A 54 -7.48 8.77 1.19
CA ARG A 54 -8.04 9.79 0.29
C ARG A 54 -8.31 9.19 -1.10
N LEU A 55 -7.53 8.17 -1.44
CA LEU A 55 -7.61 7.53 -2.75
C LEU A 55 -8.53 6.32 -2.73
N LYS A 56 -9.36 6.19 -1.69
CA LYS A 56 -10.27 5.06 -1.59
C LYS A 56 -11.06 4.88 -2.86
N ASP A 57 -11.81 5.92 -3.20
CA ASP A 57 -12.77 5.84 -4.27
C ASP A 57 -12.07 5.70 -5.62
N ARG A 58 -11.01 6.49 -5.80
CA ARG A 58 -10.21 6.43 -7.01
C ARG A 58 -9.60 5.04 -7.19
N SER A 59 -8.99 4.54 -6.13
CA SER A 59 -8.37 3.22 -6.17
C SER A 59 -9.38 2.11 -6.46
N SER A 60 -10.53 2.15 -5.79
CA SER A 60 -11.54 1.10 -5.96
C SER A 60 -12.05 1.01 -7.40
N SER A 61 -11.90 2.10 -8.14
CA SER A 61 -12.30 2.15 -9.54
C SER A 61 -11.33 1.33 -10.40
N LEU A 62 -10.12 1.16 -9.89
CA LEU A 62 -9.07 0.44 -10.61
C LEU A 62 -8.78 -0.90 -9.93
N ALA A 63 -8.26 -0.82 -8.72
CA ALA A 63 -7.87 -1.99 -7.97
C ALA A 63 -8.70 -2.11 -6.69
N ASP A 64 -9.52 -3.14 -6.63
CA ASP A 64 -10.45 -3.34 -5.52
C ASP A 64 -9.68 -3.72 -4.26
N PRO A 65 -9.98 -3.04 -3.14
CA PRO A 65 -9.33 -3.30 -1.85
C PRO A 65 -9.78 -4.63 -1.24
N ALA A 66 -8.88 -5.27 -0.50
CA ALA A 66 -9.18 -6.55 0.13
C ALA A 66 -10.08 -6.34 1.34
N SER A 67 -9.52 -5.71 2.37
CA SER A 67 -10.28 -5.39 3.56
C SER A 67 -11.14 -4.18 3.34
N ASP A 68 -10.46 -3.08 3.38
CA ASP A 68 -11.00 -1.74 3.16
C ASP A 68 -9.94 -0.73 3.58
N ILE A 69 -9.64 -0.80 4.87
CA ILE A 69 -8.57 -0.01 5.47
C ILE A 69 -7.78 -0.89 6.43
N LYS A 70 -6.52 -0.59 6.61
CA LYS A 70 -5.65 -1.38 7.47
C LYS A 70 -4.97 -0.49 8.50
N THR A 71 -5.33 -0.70 9.76
CA THR A 71 -4.78 0.10 10.84
C THR A 71 -3.46 -0.49 11.34
N CYS A 72 -2.50 0.39 11.60
CA CYS A 72 -1.15 0.00 11.99
C CYS A 72 -0.30 1.26 12.07
N ASP A 73 0.23 1.55 13.25
CA ASP A 73 0.92 2.81 13.50
C ASP A 73 2.31 2.86 12.87
N HIS A 74 2.43 2.25 11.70
CA HIS A 74 3.64 2.39 10.89
C HIS A 74 3.31 3.13 9.60
N TYR A 75 2.03 3.15 9.23
CA TYR A 75 1.59 3.88 8.05
C TYR A 75 1.06 5.24 8.46
N GLN A 76 1.91 6.25 8.52
CA GLN A 76 1.50 7.57 8.97
C GLN A 76 0.46 8.18 8.04
N ASN A 77 0.89 8.53 6.85
CA ASN A 77 0.06 9.10 5.80
C ASN A 77 -0.54 10.47 6.13
N PHE A 78 -0.66 10.79 7.44
CA PHE A 78 -1.25 12.04 7.97
C PHE A 78 -2.70 11.89 8.51
N PRO A 79 -3.69 11.41 7.70
CA PRO A 79 -5.12 11.40 8.09
C PRO A 79 -5.48 10.37 9.17
N LEU A 80 -4.45 9.79 9.83
CA LEU A 80 -4.61 8.69 10.79
C LEU A 80 -5.97 8.65 11.50
N TYR A 81 -6.52 7.44 11.55
CA TYR A 81 -7.90 7.21 11.97
C TYR A 81 -8.16 7.82 13.35
N LEU A 82 -9.28 8.52 13.45
CA LEU A 82 -9.62 9.25 14.66
C LEU A 82 -10.02 8.32 15.79
N GLY A 83 -10.30 7.07 15.45
CA GLY A 83 -10.66 6.09 16.46
C GLY A 83 -9.53 5.81 17.41
N GLY A 84 -9.69 6.22 18.66
CA GLY A 84 -8.66 5.99 19.66
C GLY A 84 -8.01 7.26 20.12
N GLU A 85 -7.55 7.26 21.36
CA GLU A 85 -6.93 8.42 21.99
C GLU A 85 -5.72 8.89 21.19
N THR A 86 -4.82 7.96 20.92
CA THR A 86 -3.58 8.25 20.23
C THR A 86 -3.81 8.36 18.72
N HIS A 87 -5.00 7.94 18.28
CA HIS A 87 -5.33 7.80 16.86
C HIS A 87 -4.48 6.70 16.23
N GLU A 88 -5.03 6.00 15.25
CA GLU A 88 -4.34 4.86 14.70
C GLU A 88 -3.94 5.10 13.26
N HIS A 89 -2.65 4.96 13.01
CA HIS A 89 -2.11 5.13 11.67
C HIS A 89 -2.72 4.08 10.76
N TYR A 90 -2.97 4.41 9.51
CA TYR A 90 -3.67 3.49 8.64
C TYR A 90 -3.33 3.71 7.18
N GLY A 91 -3.62 2.70 6.39
CA GLY A 91 -3.51 2.79 4.96
C GLY A 91 -4.55 1.90 4.31
N ILE A 92 -4.59 1.87 3.00
CA ILE A 92 -5.58 1.05 2.30
C ILE A 92 -4.94 -0.20 1.70
N PRO A 93 -5.39 -1.39 2.16
CA PRO A 93 -4.82 -2.68 1.74
C PRO A 93 -5.31 -3.13 0.37
N HIS A 94 -4.41 -3.71 -0.40
CA HIS A 94 -4.74 -4.17 -1.75
C HIS A 94 -4.12 -5.53 -2.02
N GLY A 95 -4.38 -6.03 -3.20
CA GLY A 95 -3.87 -7.30 -3.64
C GLY A 95 -4.26 -7.56 -5.06
N PHE A 96 -3.54 -8.43 -5.74
CA PHE A 96 -3.70 -8.60 -7.17
C PHE A 96 -3.54 -10.07 -7.54
N SER A 97 -3.14 -10.31 -8.77
CA SER A 97 -2.92 -11.67 -9.24
C SER A 97 -1.91 -11.67 -10.38
N SER A 98 -1.96 -10.62 -11.20
CA SER A 98 -1.00 -10.46 -12.27
C SER A 98 -0.05 -9.32 -11.95
N ARG A 99 1.23 -9.54 -12.19
CA ARG A 99 2.25 -8.54 -11.98
C ARG A 99 2.00 -7.31 -12.83
N ILE A 100 1.65 -7.54 -14.10
CA ILE A 100 1.30 -6.45 -15.01
C ILE A 100 0.08 -5.67 -14.52
N ALA A 101 -0.82 -6.37 -13.83
CA ALA A 101 -1.99 -5.71 -13.26
C ALA A 101 -1.56 -4.62 -12.30
N LEU A 102 -0.67 -4.98 -11.38
CA LEU A 102 -0.11 -4.01 -10.44
C LEU A 102 0.58 -2.87 -11.18
N GLU A 103 1.35 -3.23 -12.19
CA GLU A 103 2.10 -2.26 -13.00
C GLU A 103 1.15 -1.20 -13.59
N ARG A 104 0.14 -1.65 -14.32
CA ARG A 104 -0.81 -0.75 -14.98
C ARG A 104 -1.72 -0.05 -13.96
N TYR A 105 -1.94 -0.66 -12.81
CA TYR A 105 -2.75 -0.05 -11.78
C TYR A 105 -2.00 1.07 -11.06
N LEU A 106 -0.71 0.88 -10.81
CA LEU A 106 0.13 1.96 -10.29
C LEU A 106 0.12 3.11 -11.29
N ASN A 107 0.18 2.73 -12.56
CA ASN A 107 0.12 3.65 -13.68
C ASN A 107 -1.11 4.55 -13.59
N GLY A 108 -2.28 3.92 -13.55
CA GLY A 108 -3.53 4.65 -13.54
C GLY A 108 -3.82 5.34 -12.23
N LEU A 109 -3.28 4.82 -11.13
CA LEU A 109 -3.54 5.35 -9.81
C LEU A 109 -2.80 6.66 -9.58
N PHE A 110 -1.50 6.66 -9.83
CA PHE A 110 -0.68 7.83 -9.59
C PHE A 110 -0.53 8.67 -10.85
N GLY A 111 -0.36 8.02 -12.00
CA GLY A 111 -0.32 8.72 -13.27
C GLY A 111 0.92 9.60 -13.43
N ASP A 112 2.08 8.98 -13.44
CA ASP A 112 3.31 9.68 -13.59
C ASP A 112 4.05 9.13 -14.80
N MET A 1 -3.31 -17.67 -6.03
CA MET A 1 -2.30 -16.96 -5.20
C MET A 1 -2.29 -15.48 -5.51
N TYR A 2 -1.63 -14.72 -4.66
CA TYR A 2 -1.46 -13.30 -4.85
C TYR A 2 0.02 -12.97 -4.88
N LEU A 3 0.34 -11.69 -5.00
CA LEU A 3 1.73 -11.26 -5.03
C LEU A 3 2.27 -11.12 -3.61
N ARG A 4 3.49 -11.62 -3.42
CA ARG A 4 4.15 -11.50 -2.12
C ARG A 4 4.52 -10.05 -1.85
N PRO A 5 4.60 -9.64 -0.58
CA PRO A 5 5.03 -8.29 -0.20
C PRO A 5 6.38 -7.93 -0.83
N ASP A 6 7.26 -8.94 -0.90
CA ASP A 6 8.56 -8.79 -1.53
C ASP A 6 8.43 -8.42 -3.01
N GLU A 7 7.51 -9.08 -3.70
CA GLU A 7 7.32 -8.87 -5.13
C GLU A 7 6.72 -7.49 -5.41
N VAL A 8 5.78 -7.07 -4.56
CA VAL A 8 5.17 -5.76 -4.68
C VAL A 8 6.24 -4.68 -4.67
N ALA A 9 7.20 -4.84 -3.75
CA ALA A 9 8.33 -3.93 -3.64
C ALA A 9 9.13 -3.89 -4.94
N ARG A 10 9.41 -5.05 -5.49
CA ARG A 10 10.20 -5.16 -6.73
C ARG A 10 9.51 -4.44 -7.89
N VAL A 11 8.19 -4.55 -7.97
CA VAL A 11 7.43 -3.87 -9.01
C VAL A 11 7.53 -2.37 -8.82
N LEU A 12 7.41 -1.92 -7.58
CA LEU A 12 7.57 -0.51 -7.24
C LEU A 12 8.96 0.00 -7.61
N GLU A 13 9.97 -0.85 -7.42
CA GLU A 13 11.34 -0.52 -7.81
C GLU A 13 11.43 -0.18 -9.29
N LYS A 14 10.73 -0.97 -10.10
CA LYS A 14 10.69 -0.74 -11.55
C LYS A 14 10.01 0.58 -11.86
N ALA A 15 8.92 0.83 -11.14
CA ALA A 15 8.12 2.04 -11.32
C ALA A 15 8.88 3.30 -10.89
N GLY A 16 10.03 3.12 -10.26
CA GLY A 16 10.84 4.26 -9.87
C GLY A 16 10.53 4.73 -8.47
N PHE A 17 10.14 3.81 -7.61
CA PHE A 17 9.84 4.13 -6.22
C PHE A 17 11.08 4.00 -5.35
N THR A 18 10.97 4.43 -4.10
CA THR A 18 12.07 4.37 -3.16
C THR A 18 11.57 3.95 -1.78
N VAL A 19 12.39 3.20 -1.05
CA VAL A 19 12.04 2.81 0.31
C VAL A 19 12.33 3.98 1.26
N ASP A 20 11.41 4.25 2.16
CA ASP A 20 11.63 5.27 3.17
C ASP A 20 11.75 4.66 4.54
N VAL A 21 10.85 3.73 4.86
CA VAL A 21 10.86 3.10 6.15
C VAL A 21 10.74 1.58 6.05
N VAL A 22 11.86 0.90 6.23
CA VAL A 22 11.89 -0.55 6.20
C VAL A 22 11.88 -1.11 7.62
N THR A 23 10.88 -1.94 7.92
CA THR A 23 10.78 -2.56 9.23
C THR A 23 10.47 -4.04 9.09
N ASN A 24 10.58 -4.77 10.19
CA ASN A 24 10.27 -6.19 10.20
C ASN A 24 8.78 -6.44 9.98
N LYS A 25 8.02 -5.36 9.84
CA LYS A 25 6.57 -5.47 9.68
C LYS A 25 6.10 -4.76 8.41
N THR A 26 6.92 -3.88 7.84
CA THR A 26 6.49 -3.08 6.70
C THR A 26 7.61 -2.80 5.73
N TYR A 27 7.23 -2.43 4.53
CA TYR A 27 8.16 -1.87 3.58
C TYR A 27 7.64 -0.55 3.05
N GLY A 28 8.12 0.54 3.61
CA GLY A 28 7.73 1.86 3.16
C GLY A 28 8.21 2.14 1.76
N TYR A 29 7.33 2.62 0.91
CA TYR A 29 7.64 2.77 -0.50
C TYR A 29 6.98 4.01 -1.09
N ARG A 30 7.76 5.05 -1.28
CA ARG A 30 7.21 6.30 -1.75
C ARG A 30 7.90 6.79 -3.01
N ARG A 31 7.21 7.63 -3.75
CA ARG A 31 7.76 8.26 -4.94
C ARG A 31 7.27 9.70 -5.01
N GLY A 32 8.16 10.64 -4.79
CA GLY A 32 7.75 12.01 -4.62
C GLY A 32 7.01 12.18 -3.31
N GLU A 33 5.80 12.72 -3.38
CA GLU A 33 4.96 12.84 -2.20
C GLU A 33 3.85 11.80 -2.23
N ASN A 34 4.02 10.81 -3.11
CA ASN A 34 3.06 9.71 -3.22
C ASN A 34 3.48 8.59 -2.28
N TYR A 35 2.75 8.45 -1.19
CA TYR A 35 3.10 7.52 -0.14
C TYR A 35 2.28 6.23 -0.21
N VAL A 36 2.94 5.12 -0.51
CA VAL A 36 2.34 3.81 -0.35
C VAL A 36 3.24 2.98 0.55
N TYR A 37 2.70 1.95 1.16
CA TYR A 37 3.46 1.19 2.14
C TYR A 37 3.13 -0.29 2.04
N VAL A 38 4.12 -1.06 1.62
CA VAL A 38 3.94 -2.49 1.44
C VAL A 38 3.84 -3.19 2.79
N ASN A 39 2.80 -3.99 2.94
CA ASN A 39 2.56 -4.70 4.19
C ASN A 39 3.35 -5.99 4.23
N ARG A 40 4.35 -6.05 5.10
CA ARG A 40 5.18 -7.23 5.23
C ARG A 40 4.45 -8.29 6.04
N GLU A 41 3.28 -7.93 6.54
CA GLU A 41 2.44 -8.83 7.32
C GLU A 41 1.53 -9.64 6.40
N ALA A 42 1.74 -9.51 5.10
CA ALA A 42 0.87 -10.17 4.12
C ALA A 42 1.11 -11.67 4.09
N ARG A 43 0.35 -12.39 4.93
CA ARG A 43 0.42 -13.85 4.96
C ARG A 43 -0.15 -14.43 3.66
N MET A 44 -1.19 -13.77 3.15
CA MET A 44 -1.89 -14.23 1.97
C MET A 44 -1.33 -13.59 0.70
N GLY A 45 -0.72 -12.42 0.87
CA GLY A 45 -0.33 -11.61 -0.29
C GLY A 45 -1.45 -10.70 -0.75
N ARG A 46 -2.66 -10.98 -0.28
CA ARG A 46 -3.85 -10.22 -0.68
C ARG A 46 -3.84 -8.81 -0.08
N THR A 47 -3.17 -8.66 1.04
CA THR A 47 -3.14 -7.39 1.75
C THR A 47 -1.75 -6.75 1.71
N ALA A 48 -1.00 -7.06 0.66
CA ALA A 48 0.40 -6.64 0.57
C ALA A 48 0.55 -5.16 0.24
N LEU A 49 -0.42 -4.58 -0.46
CA LEU A 49 -0.29 -3.21 -0.91
C LEU A 49 -1.18 -2.26 -0.11
N ILE A 50 -0.57 -1.50 0.78
CA ILE A 50 -1.30 -0.47 1.51
C ILE A 50 -0.98 0.89 0.93
N ILE A 51 -1.99 1.73 0.79
CA ILE A 51 -1.80 3.08 0.28
C ILE A 51 -2.25 4.12 1.29
N HIS A 52 -1.86 5.36 1.06
CA HIS A 52 -2.35 6.48 1.86
C HIS A 52 -3.86 6.63 1.66
N PRO A 53 -4.60 6.96 2.74
CA PRO A 53 -6.04 7.26 2.63
C PRO A 53 -6.30 8.47 1.73
N ARG A 54 -7.51 9.01 1.77
CA ARG A 54 -7.87 10.21 0.99
C ARG A 54 -8.06 9.85 -0.50
N LEU A 55 -7.21 8.96 -0.99
CA LEU A 55 -7.26 8.51 -2.37
C LEU A 55 -8.09 7.24 -2.52
N LYS A 56 -8.88 6.92 -1.50
CA LYS A 56 -9.67 5.70 -1.50
C LYS A 56 -10.64 5.66 -2.69
N ASP A 57 -11.34 6.76 -2.89
CA ASP A 57 -12.32 6.85 -3.98
C ASP A 57 -11.66 6.62 -5.34
N ARG A 58 -10.54 7.30 -5.55
CA ARG A 58 -9.76 7.17 -6.78
C ARG A 58 -9.24 5.74 -6.95
N SER A 59 -8.52 5.26 -5.94
CA SER A 59 -7.88 3.96 -6.00
C SER A 59 -8.86 2.81 -6.20
N SER A 60 -10.00 2.86 -5.53
CA SER A 60 -10.98 1.76 -5.57
C SER A 60 -11.48 1.49 -6.99
N SER A 61 -11.44 2.50 -7.85
CA SER A 61 -11.92 2.36 -9.22
C SER A 61 -10.84 1.73 -10.11
N LEU A 62 -9.67 1.50 -9.54
CA LEU A 62 -8.56 0.91 -10.27
C LEU A 62 -8.11 -0.37 -9.61
N ALA A 63 -7.64 -0.25 -8.38
CA ALA A 63 -7.01 -1.35 -7.68
C ALA A 63 -7.97 -2.01 -6.69
N ASP A 64 -8.07 -3.32 -6.75
CA ASP A 64 -8.97 -4.09 -5.90
C ASP A 64 -8.61 -3.95 -4.43
N PRO A 65 -9.57 -3.49 -3.61
CA PRO A 65 -9.42 -3.40 -2.17
C PRO A 65 -9.64 -4.77 -1.50
N ALA A 66 -8.64 -5.23 -0.78
CA ALA A 66 -8.71 -6.53 -0.14
C ALA A 66 -9.70 -6.52 1.02
N SER A 67 -9.62 -5.47 1.83
CA SER A 67 -10.47 -5.30 2.97
C SER A 67 -11.19 -3.97 2.91
N ASP A 68 -10.72 -3.09 3.74
CA ASP A 68 -11.21 -1.72 3.81
C ASP A 68 -10.14 -0.84 4.45
N ILE A 69 -9.73 -1.24 5.64
CA ILE A 69 -8.70 -0.53 6.38
C ILE A 69 -7.73 -1.51 7.04
N LYS A 70 -6.51 -1.05 7.19
CA LYS A 70 -5.46 -1.80 7.88
C LYS A 70 -4.85 -0.93 8.95
N THR A 71 -4.99 -1.34 10.21
CA THR A 71 -4.48 -0.54 11.30
C THR A 71 -3.03 -0.89 11.61
N CYS A 72 -2.17 -0.13 11.00
CA CYS A 72 -0.74 -0.35 11.09
C CYS A 72 -0.16 0.18 12.39
N ASP A 73 1.07 -0.20 12.67
CA ASP A 73 1.78 0.25 13.86
C ASP A 73 2.95 1.15 13.48
N HIS A 74 3.18 1.37 12.19
CA HIS A 74 4.34 2.13 11.74
C HIS A 74 4.00 3.35 10.89
N TYR A 75 2.94 3.29 10.10
CA TYR A 75 2.63 4.39 9.14
C TYR A 75 2.04 5.61 9.87
N GLN A 76 2.85 6.32 10.64
CA GLN A 76 2.35 7.42 11.43
C GLN A 76 2.09 8.67 10.57
N ASN A 77 2.63 8.66 9.36
CA ASN A 77 2.47 9.80 8.45
C ASN A 77 1.12 9.76 7.76
N PHE A 78 0.29 8.81 8.18
CA PHE A 78 -1.09 8.74 7.73
C PHE A 78 -1.96 9.60 8.66
N PRO A 79 -3.25 9.81 8.31
CA PRO A 79 -4.17 10.59 9.15
C PRO A 79 -4.20 10.09 10.61
N LEU A 80 -4.05 8.77 10.76
CA LEU A 80 -4.05 8.10 12.07
C LEU A 80 -5.44 8.13 12.70
N TYR A 81 -5.92 6.94 13.03
CA TYR A 81 -7.26 6.78 13.54
C TYR A 81 -7.31 7.18 15.01
N LEU A 82 -8.43 7.77 15.41
CA LEU A 82 -8.62 8.17 16.80
C LEU A 82 -9.69 7.29 17.44
N GLY A 83 -9.27 6.16 17.98
CA GLY A 83 -10.19 5.28 18.67
C GLY A 83 -10.16 5.50 20.17
N GLY A 84 -9.53 6.59 20.59
CA GLY A 84 -9.36 6.85 22.00
C GLY A 84 -8.11 6.21 22.54
N GLU A 85 -7.15 7.03 22.97
CA GLU A 85 -5.83 6.58 23.41
C GLU A 85 -5.02 6.04 22.23
N THR A 86 -5.53 5.00 21.62
CA THR A 86 -4.89 4.37 20.47
C THR A 86 -4.88 5.30 19.26
N HIS A 87 -3.75 5.30 18.56
CA HIS A 87 -3.62 6.02 17.29
C HIS A 87 -3.09 5.05 16.25
N GLU A 88 -3.99 4.23 15.73
CA GLU A 88 -3.61 3.22 14.78
C GLU A 88 -3.37 3.85 13.43
N HIS A 89 -2.32 3.41 12.79
CA HIS A 89 -1.85 4.02 11.57
C HIS A 89 -2.51 3.32 10.39
N TYR A 90 -3.70 3.77 10.03
CA TYR A 90 -4.54 3.00 9.14
C TYR A 90 -4.44 3.46 7.69
N GLY A 91 -4.37 2.49 6.80
CA GLY A 91 -4.35 2.75 5.38
C GLY A 91 -5.28 1.80 4.65
N ILE A 92 -5.35 1.93 3.33
CA ILE A 92 -6.28 1.12 2.53
C ILE A 92 -5.55 -0.09 1.94
N PRO A 93 -5.98 -1.32 2.31
CA PRO A 93 -5.36 -2.56 1.85
C PRO A 93 -5.78 -2.97 0.44
N HIS A 94 -4.80 -3.34 -0.37
CA HIS A 94 -5.04 -3.81 -1.73
C HIS A 94 -4.16 -5.03 -1.99
N GLY A 95 -4.34 -5.65 -3.14
CA GLY A 95 -3.50 -6.78 -3.51
C GLY A 95 -3.82 -7.29 -4.89
N PHE A 96 -2.86 -7.99 -5.48
CA PHE A 96 -2.99 -8.45 -6.86
C PHE A 96 -2.41 -9.85 -6.99
N SER A 97 -2.22 -10.29 -8.22
CA SER A 97 -1.75 -11.65 -8.47
C SER A 97 -0.99 -11.71 -9.80
N SER A 98 -0.62 -10.53 -10.30
CA SER A 98 0.17 -10.43 -11.52
C SER A 98 0.96 -9.12 -11.49
N ARG A 99 2.25 -9.22 -11.74
CA ARG A 99 3.15 -8.07 -11.68
C ARG A 99 2.73 -6.99 -12.67
N ILE A 100 2.48 -7.40 -13.91
CA ILE A 100 2.11 -6.48 -14.98
C ILE A 100 0.81 -5.74 -14.64
N ALA A 101 -0.08 -6.40 -13.93
CA ALA A 101 -1.36 -5.79 -13.56
C ALA A 101 -1.14 -4.67 -12.55
N LEU A 102 -0.43 -4.99 -11.48
CA LEU A 102 -0.06 -3.99 -10.47
C LEU A 102 0.66 -2.83 -11.13
N GLU A 103 1.56 -3.18 -12.06
CA GLU A 103 2.33 -2.21 -12.82
C GLU A 103 1.42 -1.18 -13.46
N ARG A 104 0.41 -1.64 -14.19
CA ARG A 104 -0.47 -0.76 -14.93
C ARG A 104 -1.37 0.05 -14.00
N TYR A 105 -1.77 -0.54 -12.89
CA TYR A 105 -2.65 0.14 -11.95
C TYR A 105 -1.90 1.22 -11.19
N LEU A 106 -0.62 0.99 -10.92
CA LEU A 106 0.25 2.02 -10.37
C LEU A 106 0.32 3.20 -11.34
N ASN A 107 0.40 2.86 -12.62
CA ASN A 107 0.47 3.84 -13.70
C ASN A 107 -0.82 4.64 -13.82
N GLY A 108 -1.94 4.00 -13.52
CA GLY A 108 -3.21 4.69 -13.55
C GLY A 108 -3.45 5.52 -12.29
N LEU A 109 -3.02 4.98 -11.16
CA LEU A 109 -3.25 5.62 -9.87
C LEU A 109 -2.26 6.75 -9.62
N PHE A 110 -0.97 6.48 -9.79
CA PHE A 110 0.06 7.46 -9.49
C PHE A 110 0.85 7.85 -10.74
N GLY A 111 0.35 7.47 -11.91
CA GLY A 111 1.05 7.74 -13.17
C GLY A 111 0.93 9.20 -13.58
N ASP A 112 0.29 9.99 -12.75
CA ASP A 112 0.18 11.43 -12.96
C ASP A 112 1.43 12.12 -12.48
N MET A 1 -2.86 -15.89 -7.95
CA MET A 1 -1.98 -16.47 -6.92
C MET A 1 -1.46 -15.37 -6.00
N TYR A 2 -2.04 -14.19 -6.17
CA TYR A 2 -1.61 -12.99 -5.48
C TYR A 2 -0.15 -12.67 -5.75
N LEU A 3 0.40 -11.73 -5.00
CA LEU A 3 1.78 -11.32 -5.16
C LEU A 3 2.47 -11.27 -3.80
N ARG A 4 3.62 -11.93 -3.70
CA ARG A 4 4.40 -11.89 -2.47
C ARG A 4 4.88 -10.47 -2.23
N PRO A 5 5.10 -10.09 -0.96
CA PRO A 5 5.58 -8.75 -0.61
C PRO A 5 6.89 -8.41 -1.35
N ASP A 6 7.71 -9.44 -1.55
CA ASP A 6 8.96 -9.32 -2.30
C ASP A 6 8.69 -8.85 -3.72
N GLU A 7 7.67 -9.44 -4.33
CA GLU A 7 7.35 -9.19 -5.73
C GLU A 7 6.80 -7.78 -5.90
N VAL A 8 5.95 -7.37 -4.97
CA VAL A 8 5.36 -6.04 -4.99
C VAL A 8 6.46 -4.98 -4.97
N ALA A 9 7.45 -5.19 -4.10
CA ALA A 9 8.57 -4.29 -3.99
C ALA A 9 9.33 -4.18 -5.31
N ARG A 10 9.53 -5.32 -5.96
CA ARG A 10 10.25 -5.35 -7.24
C ARG A 10 9.53 -4.53 -8.30
N VAL A 11 8.21 -4.55 -8.29
CA VAL A 11 7.43 -3.77 -9.23
C VAL A 11 7.61 -2.27 -8.95
N LEU A 12 7.57 -1.92 -7.67
CA LEU A 12 7.80 -0.55 -7.23
C LEU A 12 9.19 -0.07 -7.66
N GLU A 13 10.19 -0.90 -7.39
CA GLU A 13 11.57 -0.58 -7.76
C GLU A 13 11.70 -0.39 -9.27
N LYS A 14 10.95 -1.19 -10.03
CA LYS A 14 10.94 -1.09 -11.48
C LYS A 14 10.35 0.25 -11.90
N ALA A 15 9.22 0.59 -11.28
CA ALA A 15 8.48 1.80 -11.60
C ALA A 15 9.22 3.07 -11.16
N GLY A 16 10.33 2.91 -10.46
CA GLY A 16 11.15 4.05 -10.07
C GLY A 16 10.81 4.56 -8.69
N PHE A 17 10.42 3.67 -7.81
CA PHE A 17 10.07 4.04 -6.45
C PHE A 17 11.29 3.96 -5.53
N THR A 18 11.15 4.58 -4.37
CA THR A 18 12.22 4.67 -3.41
C THR A 18 11.69 4.35 -2.02
N VAL A 19 12.52 3.83 -1.14
CA VAL A 19 12.10 3.53 0.21
C VAL A 19 12.35 4.72 1.12
N ASP A 20 11.44 4.96 2.05
CA ASP A 20 11.60 6.05 3.00
C ASP A 20 11.82 5.49 4.39
N VAL A 21 10.95 4.58 4.79
CA VAL A 21 11.01 3.99 6.12
C VAL A 21 10.93 2.47 6.03
N VAL A 22 11.66 1.77 6.89
CA VAL A 22 11.53 0.33 6.97
C VAL A 22 11.07 -0.07 8.36
N THR A 23 10.10 -0.97 8.40
CA THR A 23 9.67 -1.56 9.65
C THR A 23 9.60 -3.06 9.46
N ASN A 24 9.67 -3.81 10.54
CA ASN A 24 9.69 -5.27 10.45
C ASN A 24 8.35 -5.82 9.95
N LYS A 25 7.39 -4.93 9.75
CA LYS A 25 6.05 -5.32 9.32
C LYS A 25 5.69 -4.68 7.99
N THR A 26 6.46 -3.68 7.59
CA THR A 26 6.07 -2.84 6.48
C THR A 26 7.25 -2.09 5.87
N TYR A 27 7.30 -2.07 4.54
CA TYR A 27 8.26 -1.25 3.82
C TYR A 27 7.59 0.04 3.37
N GLY A 28 8.01 1.15 3.94
CA GLY A 28 7.44 2.43 3.59
C GLY A 28 8.00 2.95 2.28
N TYR A 29 7.39 2.51 1.19
CA TYR A 29 7.85 2.85 -0.15
C TYR A 29 7.14 4.11 -0.65
N ARG A 30 7.82 4.88 -1.49
CA ARG A 30 7.24 6.09 -2.04
C ARG A 30 7.93 6.50 -3.33
N ARG A 31 7.23 7.32 -4.11
CA ARG A 31 7.83 7.98 -5.25
C ARG A 31 7.44 9.44 -5.19
N GLY A 32 8.30 10.25 -4.59
CA GLY A 32 7.92 11.61 -4.26
C GLY A 32 7.00 11.61 -3.06
N GLU A 33 5.81 12.15 -3.21
CA GLU A 33 4.81 12.07 -2.14
C GLU A 33 3.79 10.98 -2.44
N ASN A 34 4.16 10.05 -3.33
CA ASN A 34 3.30 8.91 -3.63
C ASN A 34 3.66 7.78 -2.69
N TYR A 35 2.97 7.72 -1.55
CA TYR A 35 3.33 6.79 -0.48
C TYR A 35 2.57 5.48 -0.62
N VAL A 36 3.30 4.38 -0.59
CA VAL A 36 2.72 3.05 -0.56
C VAL A 36 3.41 2.19 0.50
N TYR A 37 2.65 1.77 1.50
CA TYR A 37 3.18 0.97 2.59
C TYR A 37 3.07 -0.50 2.23
N VAL A 38 4.20 -1.13 1.94
CA VAL A 38 4.21 -2.54 1.58
C VAL A 38 4.08 -3.40 2.83
N ASN A 39 2.97 -4.12 2.92
CA ASN A 39 2.73 -4.99 4.06
C ASN A 39 3.63 -6.22 3.98
N ARG A 40 4.65 -6.23 4.82
CA ARG A 40 5.62 -7.30 4.85
C ARG A 40 5.02 -8.54 5.51
N GLU A 41 3.86 -8.35 6.12
CA GLU A 41 3.17 -9.43 6.82
C GLU A 41 2.30 -10.23 5.85
N ALA A 42 2.33 -9.85 4.57
CA ALA A 42 1.45 -10.45 3.58
C ALA A 42 1.86 -11.89 3.27
N ARG A 43 1.36 -12.82 4.08
CA ARG A 43 1.61 -14.24 3.87
C ARG A 43 0.92 -14.73 2.60
N MET A 44 -0.28 -14.24 2.37
CA MET A 44 -1.08 -14.65 1.21
C MET A 44 -0.96 -13.63 0.07
N GLY A 45 -0.18 -12.58 0.30
CA GLY A 45 -0.08 -11.50 -0.68
C GLY A 45 -1.41 -10.79 -0.89
N ARG A 46 -2.25 -10.86 0.13
CA ARG A 46 -3.61 -10.34 0.05
C ARG A 46 -3.67 -8.87 0.43
N THR A 47 -2.80 -8.48 1.35
CA THR A 47 -2.82 -7.13 1.89
C THR A 47 -1.49 -6.40 1.61
N ALA A 48 -0.80 -6.84 0.56
CA ALA A 48 0.57 -6.41 0.30
C ALA A 48 0.69 -4.91 0.03
N LEU A 49 -0.32 -4.31 -0.58
CA LEU A 49 -0.21 -2.91 -1.00
C LEU A 49 -1.18 -2.03 -0.24
N ILE A 50 -0.64 -1.21 0.65
CA ILE A 50 -1.46 -0.30 1.43
C ILE A 50 -1.15 1.15 1.06
N ILE A 51 -2.17 1.87 0.64
CA ILE A 51 -1.99 3.21 0.12
C ILE A 51 -2.45 4.28 1.11
N HIS A 52 -2.18 5.54 0.78
CA HIS A 52 -2.64 6.67 1.56
C HIS A 52 -4.18 6.77 1.50
N PRO A 53 -4.85 6.68 2.66
CA PRO A 53 -6.32 6.61 2.78
C PRO A 53 -7.10 7.49 1.81
N ARG A 54 -6.75 8.77 1.73
CA ARG A 54 -7.53 9.73 0.96
C ARG A 54 -7.60 9.38 -0.53
N LEU A 55 -6.67 8.56 -1.01
CA LEU A 55 -6.61 8.21 -2.43
C LEU A 55 -7.55 7.07 -2.77
N LYS A 56 -8.42 6.75 -1.84
CA LYS A 56 -9.42 5.70 -2.02
C LYS A 56 -10.30 5.99 -3.23
N ASP A 57 -10.66 7.26 -3.39
CA ASP A 57 -11.53 7.71 -4.48
C ASP A 57 -10.98 7.34 -5.86
N ARG A 58 -9.67 7.45 -6.03
CA ARG A 58 -9.05 7.13 -7.30
C ARG A 58 -8.76 5.63 -7.38
N SER A 59 -8.35 5.05 -6.25
CA SER A 59 -8.03 3.64 -6.17
C SER A 59 -9.24 2.76 -6.51
N SER A 60 -10.42 3.16 -6.06
CA SER A 60 -11.62 2.36 -6.21
C SER A 60 -11.97 2.09 -7.67
N SER A 61 -11.50 2.95 -8.57
CA SER A 61 -11.79 2.79 -9.99
C SER A 61 -10.71 1.95 -10.68
N LEU A 62 -9.74 1.48 -9.90
CA LEU A 62 -8.66 0.68 -10.44
C LEU A 62 -8.60 -0.68 -9.77
N ALA A 63 -8.53 -0.67 -8.44
CA ALA A 63 -8.44 -1.89 -7.65
C ALA A 63 -9.18 -1.73 -6.34
N ASP A 64 -10.10 -2.64 -6.08
CA ASP A 64 -10.90 -2.63 -4.85
C ASP A 64 -10.01 -2.95 -3.65
N PRO A 65 -10.39 -2.46 -2.47
CA PRO A 65 -9.66 -2.79 -1.23
C PRO A 65 -9.74 -4.28 -0.91
N ALA A 66 -8.66 -4.81 -0.35
CA ALA A 66 -8.61 -6.22 0.01
C ALA A 66 -9.55 -6.50 1.18
N SER A 67 -9.59 -5.56 2.11
CA SER A 67 -10.46 -5.66 3.27
C SER A 67 -11.31 -4.42 3.39
N ASP A 68 -10.82 -3.54 4.19
CA ASP A 68 -11.43 -2.23 4.40
C ASP A 68 -10.39 -1.28 4.96
N ILE A 69 -9.92 -1.60 6.15
CA ILE A 69 -8.89 -0.85 6.81
C ILE A 69 -7.99 -1.77 7.61
N LYS A 70 -6.75 -1.35 7.81
CA LYS A 70 -5.81 -2.11 8.61
C LYS A 70 -5.25 -1.21 9.71
N THR A 71 -5.64 -1.50 10.94
CA THR A 71 -5.22 -0.70 12.08
C THR A 71 -3.81 -1.08 12.52
N CYS A 72 -2.93 -0.08 12.58
CA CYS A 72 -1.52 -0.27 12.83
C CYS A 72 -0.80 1.07 12.76
N ASP A 73 -0.01 1.39 13.77
CA ASP A 73 0.62 2.71 13.88
C ASP A 73 1.70 2.91 12.82
N HIS A 74 1.99 1.85 12.07
CA HIS A 74 2.96 1.94 10.99
C HIS A 74 2.42 2.80 9.86
N TYR A 75 1.10 2.84 9.76
CA TYR A 75 0.43 3.61 8.72
C TYR A 75 -0.20 4.86 9.31
N GLN A 76 0.65 5.76 9.76
CA GLN A 76 0.18 6.97 10.41
C GLN A 76 -0.51 7.90 9.44
N ASN A 77 0.17 8.17 8.32
CA ASN A 77 -0.30 9.17 7.36
C ASN A 77 -0.52 10.50 8.08
N PHE A 78 -1.79 10.81 8.34
CA PHE A 78 -2.18 12.04 9.05
C PHE A 78 -3.55 11.85 9.71
N PRO A 79 -4.59 11.46 8.93
CA PRO A 79 -5.93 11.17 9.42
C PRO A 79 -5.99 10.56 10.82
N LEU A 80 -5.50 9.33 10.95
CA LEU A 80 -5.56 8.57 12.21
C LEU A 80 -7.02 8.20 12.52
N TYR A 81 -7.29 6.92 12.67
CA TYR A 81 -8.62 6.44 12.96
C TYR A 81 -8.99 6.78 14.41
N LEU A 82 -9.95 7.67 14.57
CA LEU A 82 -10.42 8.07 15.89
C LEU A 82 -11.10 6.91 16.58
N GLY A 83 -12.23 6.47 16.03
CA GLY A 83 -12.96 5.34 16.58
C GLY A 83 -13.61 5.68 17.92
N GLY A 84 -12.85 5.58 18.98
CA GLY A 84 -13.35 5.87 20.31
C GLY A 84 -12.42 6.80 21.06
N GLU A 85 -12.04 6.40 22.27
CA GLU A 85 -11.11 7.18 23.06
C GLU A 85 -9.69 6.86 22.62
N THR A 86 -9.36 5.59 22.57
CA THR A 86 -8.10 5.13 22.05
C THR A 86 -8.11 5.15 20.52
N HIS A 87 -7.02 5.59 19.91
CA HIS A 87 -6.98 5.79 18.47
C HIS A 87 -6.01 4.80 17.81
N GLU A 88 -6.17 4.59 16.51
CA GLU A 88 -5.31 3.69 15.75
C GLU A 88 -4.98 4.28 14.40
N HIS A 89 -3.72 4.29 14.04
CA HIS A 89 -3.35 4.68 12.70
C HIS A 89 -3.77 3.57 11.74
N TYR A 90 -4.16 3.91 10.52
CA TYR A 90 -4.74 2.92 9.63
C TYR A 90 -4.33 3.14 8.19
N GLY A 91 -4.41 2.07 7.41
CA GLY A 91 -4.18 2.16 5.98
C GLY A 91 -5.17 1.30 5.22
N ILE A 92 -5.28 1.50 3.91
CA ILE A 92 -6.21 0.72 3.10
C ILE A 92 -5.47 -0.37 2.32
N PRO A 93 -5.72 -1.65 2.69
CA PRO A 93 -5.06 -2.80 2.08
C PRO A 93 -5.55 -3.13 0.68
N HIS A 94 -4.64 -3.64 -0.15
CA HIS A 94 -4.96 -4.04 -1.52
C HIS A 94 -4.19 -5.31 -1.86
N GLY A 95 -4.49 -5.89 -3.01
CA GLY A 95 -3.81 -7.10 -3.45
C GLY A 95 -4.24 -7.51 -4.83
N PHE A 96 -3.41 -8.31 -5.51
CA PHE A 96 -3.61 -8.60 -6.92
C PHE A 96 -3.28 -10.06 -7.20
N SER A 97 -2.97 -10.37 -8.45
CA SER A 97 -2.50 -11.71 -8.82
C SER A 97 -1.64 -11.65 -10.08
N SER A 98 -1.18 -10.45 -10.41
CA SER A 98 -0.30 -10.25 -11.55
C SER A 98 0.48 -8.95 -11.38
N ARG A 99 1.80 -9.05 -11.38
CA ARG A 99 2.66 -7.88 -11.23
C ARG A 99 2.45 -6.88 -12.36
N ILE A 100 2.23 -7.40 -13.58
CA ILE A 100 1.96 -6.55 -14.74
C ILE A 100 0.68 -5.74 -14.51
N ALA A 101 -0.28 -6.33 -13.80
CA ALA A 101 -1.52 -5.65 -13.47
C ALA A 101 -1.23 -4.53 -12.47
N LEU A 102 -0.43 -4.86 -11.46
CA LEU A 102 0.01 -3.88 -10.48
C LEU A 102 0.73 -2.72 -11.17
N GLU A 103 1.54 -3.05 -12.18
CA GLU A 103 2.25 -2.06 -12.96
C GLU A 103 1.26 -1.05 -13.56
N ARG A 104 0.22 -1.58 -14.20
CA ARG A 104 -0.80 -0.75 -14.83
C ARG A 104 -1.55 0.08 -13.78
N TYR A 105 -1.81 -0.51 -12.63
CA TYR A 105 -2.53 0.17 -11.57
C TYR A 105 -1.68 1.27 -10.95
N LEU A 106 -0.39 0.99 -10.76
CA LEU A 106 0.55 2.02 -10.32
C LEU A 106 0.57 3.15 -11.32
N ASN A 107 0.57 2.78 -12.60
CA ASN A 107 0.58 3.74 -13.70
C ASN A 107 -0.65 4.65 -13.67
N GLY A 108 -1.77 4.13 -13.18
CA GLY A 108 -2.98 4.92 -13.13
C GLY A 108 -3.15 5.66 -11.81
N LEU A 109 -2.74 5.03 -10.73
CA LEU A 109 -2.92 5.60 -9.40
C LEU A 109 -1.84 6.64 -9.07
N PHE A 110 -0.58 6.31 -9.35
CA PHE A 110 0.54 7.20 -9.02
C PHE A 110 1.37 7.53 -10.25
N GLY A 111 0.91 7.06 -11.41
CA GLY A 111 1.71 7.13 -12.61
C GLY A 111 1.98 8.54 -13.09
N ASP A 112 0.94 9.34 -13.15
CA ASP A 112 1.02 10.67 -13.70
C ASP A 112 -0.18 11.44 -13.20
N MET A 1 -4.48 -16.36 -8.60
CA MET A 1 -3.10 -15.88 -8.40
C MET A 1 -3.08 -14.54 -7.67
N TYR A 2 -2.07 -14.35 -6.85
CA TYR A 2 -1.79 -13.06 -6.25
C TYR A 2 -0.31 -12.77 -6.36
N LEU A 3 0.13 -11.67 -5.76
CA LEU A 3 1.54 -11.34 -5.74
C LEU A 3 2.14 -11.65 -4.38
N ARG A 4 3.38 -11.23 -4.19
CA ARG A 4 4.06 -11.42 -2.91
C ARG A 4 4.51 -10.06 -2.39
N PRO A 5 4.67 -9.90 -1.07
CA PRO A 5 5.13 -8.64 -0.47
C PRO A 5 6.39 -8.12 -1.14
N ASP A 6 7.40 -9.01 -1.24
CA ASP A 6 8.64 -8.67 -1.92
C ASP A 6 8.39 -8.32 -3.38
N GLU A 7 7.51 -9.08 -4.03
CA GLU A 7 7.18 -8.89 -5.44
C GLU A 7 6.60 -7.50 -5.67
N VAL A 8 5.74 -7.06 -4.78
CA VAL A 8 5.14 -5.73 -4.88
C VAL A 8 6.22 -4.65 -4.81
N ALA A 9 7.12 -4.79 -3.84
CA ALA A 9 8.24 -3.87 -3.69
C ALA A 9 9.11 -3.86 -4.94
N ARG A 10 9.31 -5.05 -5.50
CA ARG A 10 10.08 -5.23 -6.72
C ARG A 10 9.46 -4.43 -7.87
N VAL A 11 8.14 -4.51 -8.00
CA VAL A 11 7.42 -3.78 -9.04
C VAL A 11 7.46 -2.28 -8.76
N LEU A 12 7.44 -1.91 -7.48
CA LEU A 12 7.57 -0.50 -7.10
C LEU A 12 8.91 0.05 -7.58
N GLU A 13 9.98 -0.71 -7.35
CA GLU A 13 11.30 -0.34 -7.82
C GLU A 13 11.34 -0.23 -9.34
N LYS A 14 10.45 -0.98 -10.01
CA LYS A 14 10.29 -0.90 -11.46
C LYS A 14 9.70 0.44 -11.88
N ALA A 15 8.91 1.04 -11.01
CA ALA A 15 8.27 2.31 -11.29
C ALA A 15 9.12 3.47 -10.75
N GLY A 16 10.29 3.14 -10.24
CA GLY A 16 11.21 4.16 -9.74
C GLY A 16 10.84 4.65 -8.36
N PHE A 17 10.41 3.73 -7.51
CA PHE A 17 10.04 4.07 -6.15
C PHE A 17 11.23 4.04 -5.21
N THR A 18 11.10 4.70 -4.07
CA THR A 18 12.14 4.75 -3.06
C THR A 18 11.56 4.38 -1.69
N VAL A 19 12.42 4.30 -0.69
CA VAL A 19 12.00 3.94 0.67
C VAL A 19 12.07 5.16 1.60
N ASP A 20 11.10 5.29 2.51
CA ASP A 20 11.17 6.31 3.55
C ASP A 20 11.39 5.66 4.90
N VAL A 21 10.79 4.50 5.08
CA VAL A 21 10.91 3.77 6.33
C VAL A 21 10.95 2.26 6.06
N VAL A 22 11.60 1.52 6.93
CA VAL A 22 11.67 0.08 6.76
C VAL A 22 11.49 -0.62 8.10
N THR A 23 10.40 -1.36 8.23
CA THR A 23 10.14 -2.13 9.43
C THR A 23 9.87 -3.59 9.03
N ASN A 24 10.07 -4.51 9.97
CA ASN A 24 9.97 -5.93 9.66
C ASN A 24 8.52 -6.36 9.46
N LYS A 25 7.59 -5.45 9.71
CA LYS A 25 6.17 -5.76 9.53
C LYS A 25 5.61 -4.98 8.36
N THR A 26 6.37 -4.02 7.87
CA THR A 26 5.87 -3.11 6.85
C THR A 26 7.03 -2.33 6.18
N TYR A 27 7.07 -2.37 4.86
CA TYR A 27 7.99 -1.54 4.10
C TYR A 27 7.37 -0.18 3.85
N GLY A 28 8.16 0.86 3.98
CA GLY A 28 7.70 2.19 3.64
C GLY A 28 8.23 2.60 2.29
N TYR A 29 7.33 2.94 1.38
CA TYR A 29 7.71 3.23 0.02
C TYR A 29 7.14 4.57 -0.44
N ARG A 30 7.92 5.30 -1.20
CA ARG A 30 7.54 6.64 -1.63
C ARG A 30 8.10 6.96 -3.01
N ARG A 31 7.44 7.87 -3.68
CA ARG A 31 7.95 8.40 -4.93
C ARG A 31 7.38 9.80 -5.14
N GLY A 32 8.12 10.79 -4.65
CA GLY A 32 7.67 12.16 -4.74
C GLY A 32 6.72 12.52 -3.62
N GLU A 33 5.46 12.76 -3.97
CA GLU A 33 4.45 13.16 -3.01
C GLU A 33 3.50 12.00 -2.72
N ASN A 34 3.64 10.94 -3.50
CA ASN A 34 2.84 9.74 -3.31
C ASN A 34 3.59 8.74 -2.44
N TYR A 35 2.88 8.16 -1.48
CA TYR A 35 3.48 7.24 -0.52
C TYR A 35 2.67 5.95 -0.42
N VAL A 36 3.37 4.85 -0.22
CA VAL A 36 2.74 3.54 -0.05
C VAL A 36 3.51 2.72 0.99
N TYR A 37 2.92 1.61 1.39
CA TYR A 37 3.56 0.72 2.34
C TYR A 37 3.32 -0.73 1.91
N VAL A 38 4.31 -1.58 2.13
CA VAL A 38 4.18 -2.98 1.73
C VAL A 38 4.14 -3.88 2.96
N ASN A 39 3.03 -4.57 3.12
CA ASN A 39 2.83 -5.44 4.27
C ASN A 39 3.69 -6.69 4.18
N ARG A 40 4.37 -7.02 5.28
CA ARG A 40 5.13 -8.26 5.38
C ARG A 40 4.19 -9.37 5.78
N GLU A 41 2.99 -8.96 6.13
CA GLU A 41 1.98 -9.84 6.68
C GLU A 41 1.11 -10.41 5.57
N ALA A 42 1.51 -10.17 4.33
CA ALA A 42 0.74 -10.62 3.18
C ALA A 42 1.16 -12.01 2.75
N ARG A 43 0.60 -13.02 3.40
CA ARG A 43 0.88 -14.41 3.05
C ARG A 43 -0.06 -14.82 1.93
N MET A 44 -1.25 -14.24 1.93
CA MET A 44 -2.21 -14.44 0.86
C MET A 44 -1.67 -13.83 -0.43
N GLY A 45 -0.94 -12.74 -0.27
CA GLY A 45 -0.43 -12.00 -1.42
C GLY A 45 -1.40 -10.93 -1.85
N ARG A 46 -2.46 -10.76 -1.08
CA ARG A 46 -3.48 -9.79 -1.40
C ARG A 46 -3.23 -8.46 -0.69
N THR A 47 -3.28 -8.47 0.64
CA THR A 47 -3.14 -7.26 1.46
C THR A 47 -1.70 -6.73 1.48
N ALA A 48 -0.97 -6.95 0.39
CA ALA A 48 0.44 -6.56 0.32
C ALA A 48 0.62 -5.05 0.14
N LEU A 49 -0.23 -4.44 -0.67
CA LEU A 49 -0.05 -3.02 -0.99
C LEU A 49 -0.95 -2.12 -0.15
N ILE A 50 -0.32 -1.33 0.69
CA ILE A 50 -0.99 -0.30 1.45
C ILE A 50 -0.69 1.05 0.80
N ILE A 51 -1.68 1.92 0.68
CA ILE A 51 -1.47 3.23 0.06
C ILE A 51 -1.66 4.34 1.06
N HIS A 52 -1.22 5.53 0.66
CA HIS A 52 -1.49 6.76 1.41
C HIS A 52 -2.99 6.99 1.51
N PRO A 53 -3.53 6.99 2.74
CA PRO A 53 -4.94 7.31 3.00
C PRO A 53 -5.34 8.64 2.39
N ARG A 54 -5.93 8.59 1.21
CA ARG A 54 -6.24 9.79 0.47
C ARG A 54 -6.71 9.44 -0.93
N LEU A 55 -6.06 8.47 -1.52
CA LEU A 55 -6.36 8.02 -2.88
C LEU A 55 -7.42 6.95 -2.89
N LYS A 56 -8.32 6.97 -1.91
CA LYS A 56 -9.25 5.87 -1.69
C LYS A 56 -10.13 5.61 -2.91
N ASP A 57 -10.83 6.64 -3.38
CA ASP A 57 -11.76 6.48 -4.50
C ASP A 57 -11.06 5.98 -5.76
N ARG A 58 -10.06 6.73 -6.21
CA ARG A 58 -9.32 6.37 -7.42
C ARG A 58 -8.69 4.99 -7.30
N SER A 59 -7.97 4.78 -6.20
CA SER A 59 -7.27 3.52 -5.99
C SER A 59 -8.25 2.34 -5.96
N SER A 60 -9.35 2.50 -5.25
CA SER A 60 -10.36 1.45 -5.13
C SER A 60 -10.95 1.10 -6.50
N SER A 61 -11.08 2.11 -7.35
CA SER A 61 -11.65 1.92 -8.68
C SER A 61 -10.65 1.21 -9.60
N LEU A 62 -9.41 1.12 -9.14
CA LEU A 62 -8.35 0.47 -9.92
C LEU A 62 -7.99 -0.89 -9.34
N ALA A 63 -7.78 -0.94 -8.03
CA ALA A 63 -7.36 -2.16 -7.37
C ALA A 63 -8.36 -2.59 -6.32
N ASP A 64 -8.63 -3.88 -6.25
CA ASP A 64 -9.64 -4.42 -5.35
C ASP A 64 -9.15 -4.40 -3.90
N PRO A 65 -9.86 -3.70 -3.01
CA PRO A 65 -9.53 -3.64 -1.59
C PRO A 65 -9.90 -4.92 -0.87
N ALA A 66 -8.95 -5.49 -0.13
CA ALA A 66 -9.19 -6.70 0.65
C ALA A 66 -9.94 -6.35 1.93
N SER A 67 -10.04 -5.07 2.20
CA SER A 67 -10.74 -4.55 3.36
C SER A 67 -11.20 -3.14 3.06
N ASP A 68 -10.74 -2.23 3.87
CA ASP A 68 -11.04 -0.83 3.71
C ASP A 68 -9.98 0.00 4.40
N ILE A 69 -9.70 -0.38 5.64
CA ILE A 69 -8.67 0.28 6.43
C ILE A 69 -7.94 -0.73 7.30
N LYS A 70 -6.64 -0.57 7.35
CA LYS A 70 -5.79 -1.41 8.18
C LYS A 70 -4.95 -0.53 9.09
N THR A 71 -5.20 -0.63 10.40
CA THR A 71 -4.52 0.21 11.36
C THR A 71 -3.27 -0.49 11.91
N CYS A 72 -2.22 0.30 12.11
CA CYS A 72 -0.94 -0.20 12.58
C CYS A 72 0.02 0.97 12.78
N ASP A 73 0.70 1.01 13.91
CA ASP A 73 1.64 2.09 14.21
C ASP A 73 2.94 1.93 13.41
N HIS A 74 2.78 1.80 12.10
CA HIS A 74 3.92 1.75 11.18
C HIS A 74 3.73 2.70 10.02
N TYR A 75 2.53 3.28 9.92
CA TYR A 75 2.20 4.18 8.82
C TYR A 75 2.20 5.63 9.29
N GLN A 76 3.39 6.14 9.55
CA GLN A 76 3.58 7.47 10.12
C GLN A 76 3.42 8.58 9.09
N ASN A 77 2.78 8.24 7.97
CA ASN A 77 2.72 9.14 6.80
C ASN A 77 1.80 10.35 7.01
N PHE A 78 1.46 10.64 8.29
CA PHE A 78 0.66 11.82 8.72
C PHE A 78 -0.83 11.53 9.04
N PRO A 79 -1.60 10.81 8.19
CA PRO A 79 -3.03 10.46 8.46
C PRO A 79 -3.31 9.75 9.81
N LEU A 80 -2.35 9.72 10.73
CA LEU A 80 -2.54 9.20 12.09
C LEU A 80 -3.93 9.61 12.62
N TYR A 81 -4.76 8.60 12.90
CA TYR A 81 -6.17 8.82 13.24
C TYR A 81 -6.31 9.43 14.63
N LEU A 82 -6.92 10.60 14.68
CA LEU A 82 -7.16 11.28 15.94
C LEU A 82 -8.48 10.83 16.56
N GLY A 83 -8.81 11.35 17.72
CA GLY A 83 -10.05 10.97 18.37
C GLY A 83 -9.98 11.08 19.88
N GLY A 84 -9.51 10.03 20.53
CA GLY A 84 -9.45 10.02 21.97
C GLY A 84 -8.02 9.99 22.48
N GLU A 85 -7.68 8.91 23.20
CA GLU A 85 -6.36 8.79 23.78
C GLU A 85 -5.42 8.04 22.85
N THR A 86 -5.79 6.83 22.48
CA THR A 86 -4.96 6.00 21.62
C THR A 86 -5.17 6.37 20.15
N HIS A 87 -4.11 6.81 19.50
CA HIS A 87 -4.17 7.10 18.09
C HIS A 87 -3.37 6.06 17.32
N GLU A 88 -3.93 5.56 16.25
CA GLU A 88 -3.28 4.53 15.48
C GLU A 88 -3.23 4.92 14.01
N HIS A 89 -2.11 4.65 13.39
CA HIS A 89 -1.90 5.00 12.00
C HIS A 89 -2.61 3.97 11.12
N TYR A 90 -3.21 4.39 10.03
CA TYR A 90 -3.96 3.46 9.19
C TYR A 90 -3.56 3.58 7.73
N GLY A 91 -3.80 2.51 6.99
CA GLY A 91 -3.59 2.50 5.57
C GLY A 91 -4.69 1.74 4.85
N ILE A 92 -4.66 1.74 3.53
CA ILE A 92 -5.71 1.06 2.76
C ILE A 92 -5.17 -0.18 2.06
N PRO A 93 -5.69 -1.37 2.43
CA PRO A 93 -5.29 -2.65 1.84
C PRO A 93 -5.91 -2.90 0.47
N HIS A 94 -5.23 -3.69 -0.36
CA HIS A 94 -5.69 -3.98 -1.72
C HIS A 94 -5.41 -5.44 -2.07
N GLY A 95 -5.24 -5.71 -3.36
CA GLY A 95 -4.77 -7.00 -3.80
C GLY A 95 -4.60 -7.02 -5.31
N PHE A 96 -3.75 -7.91 -5.81
CA PHE A 96 -3.43 -7.98 -7.23
C PHE A 96 -3.20 -9.42 -7.64
N SER A 97 -3.69 -9.80 -8.81
CA SER A 97 -3.52 -11.16 -9.30
C SER A 97 -2.18 -11.32 -10.03
N SER A 98 -1.82 -10.34 -10.84
CA SER A 98 -0.61 -10.43 -11.65
C SER A 98 0.27 -9.19 -11.48
N ARG A 99 1.56 -9.36 -11.80
CA ARG A 99 2.54 -8.28 -11.68
C ARG A 99 2.16 -7.10 -12.57
N ILE A 100 1.92 -7.39 -13.84
CA ILE A 100 1.60 -6.36 -14.82
C ILE A 100 0.32 -5.61 -14.44
N ALA A 101 -0.59 -6.29 -13.76
CA ALA A 101 -1.81 -5.65 -13.25
C ALA A 101 -1.42 -4.54 -12.28
N LEU A 102 -0.58 -4.88 -11.31
CA LEU A 102 -0.06 -3.90 -10.36
C LEU A 102 0.67 -2.79 -11.10
N GLU A 103 1.51 -3.18 -12.06
CA GLU A 103 2.30 -2.24 -12.84
C GLU A 103 1.40 -1.24 -13.56
N ARG A 104 0.29 -1.73 -14.12
CA ARG A 104 -0.69 -0.89 -14.79
C ARG A 104 -1.38 0.06 -13.81
N TYR A 105 -1.76 -0.48 -12.65
CA TYR A 105 -2.47 0.31 -11.67
C TYR A 105 -1.55 1.37 -11.06
N LEU A 106 -0.27 1.04 -10.89
CA LEU A 106 0.72 2.02 -10.49
C LEU A 106 0.79 3.14 -11.52
N ASN A 107 0.77 2.75 -12.78
CA ASN A 107 0.79 3.69 -13.91
C ASN A 107 -0.38 4.66 -13.84
N GLY A 108 -1.57 4.12 -13.61
CA GLY A 108 -2.76 4.94 -13.60
C GLY A 108 -2.95 5.72 -12.31
N LEU A 109 -2.68 5.09 -11.18
CA LEU A 109 -2.93 5.68 -9.87
C LEU A 109 -1.84 6.66 -9.47
N PHE A 110 -0.59 6.26 -9.63
CA PHE A 110 0.52 7.08 -9.16
C PHE A 110 1.15 7.86 -10.30
N GLY A 111 0.85 7.46 -11.54
CA GLY A 111 1.29 8.24 -12.69
C GLY A 111 2.73 7.99 -13.05
N ASP A 112 2.97 7.09 -13.99
CA ASP A 112 4.32 6.78 -14.44
C ASP A 112 4.89 7.92 -15.25
N MET A 1 -0.54 -15.24 -9.87
CA MET A 1 -0.51 -15.58 -8.43
C MET A 1 -0.44 -14.31 -7.59
N TYR A 2 -0.98 -14.38 -6.38
CA TYR A 2 -0.91 -13.26 -5.44
C TYR A 2 0.53 -12.85 -5.19
N LEU A 3 0.77 -11.55 -5.26
CA LEU A 3 2.13 -11.03 -5.24
C LEU A 3 2.71 -11.05 -3.83
N ARG A 4 3.93 -11.54 -3.71
CA ARG A 4 4.64 -11.55 -2.44
C ARG A 4 5.03 -10.12 -2.07
N PRO A 5 5.08 -9.78 -0.77
CA PRO A 5 5.43 -8.44 -0.30
C PRO A 5 6.74 -7.94 -0.93
N ASP A 6 7.76 -8.79 -0.91
CA ASP A 6 9.05 -8.48 -1.52
C ASP A 6 8.91 -8.19 -3.00
N GLU A 7 8.08 -8.98 -3.69
CA GLU A 7 7.87 -8.81 -5.12
C GLU A 7 7.12 -7.52 -5.41
N VAL A 8 6.14 -7.20 -4.57
CA VAL A 8 5.41 -5.94 -4.69
C VAL A 8 6.38 -4.77 -4.58
N ALA A 9 7.22 -4.82 -3.54
CA ALA A 9 8.24 -3.79 -3.33
C ALA A 9 9.16 -3.69 -4.54
N ARG A 10 9.53 -4.84 -5.09
CA ARG A 10 10.38 -4.89 -6.27
C ARG A 10 9.72 -4.19 -7.46
N VAL A 11 8.45 -4.50 -7.72
CA VAL A 11 7.73 -3.88 -8.84
C VAL A 11 7.64 -2.37 -8.66
N LEU A 12 7.31 -1.94 -7.45
CA LEU A 12 7.21 -0.51 -7.14
C LEU A 12 8.54 0.17 -7.43
N GLU A 13 9.59 -0.34 -6.82
CA GLU A 13 10.93 0.21 -6.94
C GLU A 13 11.40 0.18 -8.39
N LYS A 14 11.08 -0.91 -9.07
CA LYS A 14 11.42 -1.11 -10.49
C LYS A 14 10.82 0.00 -11.34
N ALA A 15 9.57 0.31 -11.06
CA ALA A 15 8.85 1.35 -11.78
C ALA A 15 9.48 2.72 -11.58
N GLY A 16 10.14 2.91 -10.43
CA GLY A 16 10.77 4.19 -10.15
C GLY A 16 10.54 4.66 -8.74
N PHE A 17 9.99 3.79 -7.90
CA PHE A 17 9.75 4.13 -6.50
C PHE A 17 10.98 3.86 -5.66
N THR A 18 10.95 4.34 -4.43
CA THR A 18 12.07 4.21 -3.51
C THR A 18 11.55 3.85 -2.13
N VAL A 19 12.36 3.13 -1.36
CA VAL A 19 11.96 2.74 -0.01
C VAL A 19 12.02 3.93 0.94
N ASP A 20 11.11 3.96 1.90
CA ASP A 20 11.08 5.01 2.90
C ASP A 20 11.43 4.46 4.27
N VAL A 21 10.52 3.67 4.82
CA VAL A 21 10.73 3.07 6.11
C VAL A 21 10.67 1.56 6.03
N VAL A 22 11.83 0.93 6.01
CA VAL A 22 11.92 -0.52 5.95
C VAL A 22 11.85 -1.12 7.35
N THR A 23 10.74 -1.77 7.65
CA THR A 23 10.57 -2.43 8.94
C THR A 23 10.43 -3.93 8.77
N ASN A 24 10.59 -4.67 9.85
CA ASN A 24 10.54 -6.12 9.80
C ASN A 24 9.09 -6.61 9.70
N LYS A 25 8.16 -5.66 9.61
CA LYS A 25 6.75 -5.98 9.44
C LYS A 25 6.22 -5.40 8.14
N THR A 26 6.97 -4.48 7.55
CA THR A 26 6.44 -3.69 6.47
C THR A 26 7.52 -2.90 5.71
N TYR A 27 7.40 -2.84 4.39
CA TYR A 27 8.28 -2.02 3.58
C TYR A 27 7.59 -0.72 3.20
N GLY A 28 7.90 0.34 3.91
CA GLY A 28 7.38 1.65 3.55
C GLY A 28 8.03 2.13 2.27
N TYR A 29 7.22 2.56 1.32
CA TYR A 29 7.71 2.93 0.00
C TYR A 29 7.13 4.27 -0.44
N ARG A 30 7.88 5.01 -1.24
CA ARG A 30 7.43 6.33 -1.68
C ARG A 30 8.06 6.72 -3.00
N ARG A 31 7.56 7.81 -3.56
CA ARG A 31 8.17 8.47 -4.70
C ARG A 31 7.72 9.92 -4.72
N GLY A 32 8.67 10.83 -4.66
CA GLY A 32 8.34 12.24 -4.60
C GLY A 32 7.64 12.59 -3.31
N GLU A 33 6.36 12.90 -3.40
CA GLU A 33 5.57 13.27 -2.24
C GLU A 33 4.40 12.30 -2.02
N ASN A 34 4.44 11.18 -2.72
CA ASN A 34 3.43 10.13 -2.54
C ASN A 34 4.02 8.96 -1.78
N TYR A 35 3.27 8.45 -0.81
CA TYR A 35 3.75 7.38 0.06
C TYR A 35 2.79 6.20 0.05
N VAL A 36 3.36 4.99 0.03
CA VAL A 36 2.59 3.75 0.14
C VAL A 36 3.29 2.81 1.10
N TYR A 37 2.63 1.73 1.50
CA TYR A 37 3.22 0.79 2.43
C TYR A 37 3.03 -0.64 1.95
N VAL A 38 4.12 -1.39 1.88
CA VAL A 38 4.05 -2.79 1.50
C VAL A 38 4.02 -3.66 2.74
N ASN A 39 2.91 -4.36 2.94
CA ASN A 39 2.76 -5.23 4.10
C ASN A 39 3.68 -6.43 3.97
N ARG A 40 4.76 -6.42 4.74
CA ARG A 40 5.75 -7.48 4.67
C ARG A 40 5.25 -8.71 5.42
N GLU A 41 4.30 -8.48 6.33
CA GLU A 41 3.68 -9.56 7.09
C GLU A 41 2.50 -10.13 6.32
N ALA A 42 2.33 -9.73 5.05
CA ALA A 42 1.29 -10.29 4.22
C ALA A 42 1.65 -11.71 3.81
N ARG A 43 1.16 -12.67 4.59
CA ARG A 43 1.49 -14.07 4.36
C ARG A 43 0.50 -14.66 3.35
N MET A 44 -0.59 -13.94 3.15
CA MET A 44 -1.61 -14.35 2.20
C MET A 44 -1.19 -14.03 0.78
N GLY A 45 -0.32 -13.02 0.65
CA GLY A 45 0.00 -12.48 -0.65
C GLY A 45 -1.08 -11.52 -1.13
N ARG A 46 -2.04 -11.25 -0.25
CA ARG A 46 -3.18 -10.41 -0.60
C ARG A 46 -2.95 -8.98 -0.16
N THR A 47 -2.91 -8.76 1.16
CA THR A 47 -2.86 -7.42 1.74
C THR A 47 -1.48 -6.77 1.60
N ALA A 48 -0.77 -7.12 0.56
CA ALA A 48 0.62 -6.70 0.39
C ALA A 48 0.73 -5.20 0.08
N LEU A 49 -0.26 -4.65 -0.62
CA LEU A 49 -0.18 -3.25 -1.01
C LEU A 49 -1.15 -2.40 -0.21
N ILE A 50 -0.58 -1.50 0.60
CA ILE A 50 -1.36 -0.52 1.33
C ILE A 50 -1.06 0.87 0.76
N ILE A 51 -2.10 1.64 0.48
CA ILE A 51 -1.90 2.98 -0.07
C ILE A 51 -2.42 4.04 0.89
N HIS A 52 -2.06 5.29 0.62
CA HIS A 52 -2.57 6.42 1.36
C HIS A 52 -4.07 6.58 1.09
N PRO A 53 -4.85 6.98 2.12
CA PRO A 53 -6.27 7.34 1.96
C PRO A 53 -6.49 8.46 0.94
N ARG A 54 -7.68 9.08 0.96
CA ARG A 54 -8.09 10.09 -0.01
C ARG A 54 -8.44 9.43 -1.36
N LEU A 55 -7.53 8.61 -1.83
CA LEU A 55 -7.65 7.97 -3.14
C LEU A 55 -8.51 6.71 -3.07
N LYS A 56 -9.37 6.61 -2.07
CA LYS A 56 -10.20 5.43 -1.89
C LYS A 56 -11.09 5.20 -3.11
N ASP A 57 -11.75 6.27 -3.56
CA ASP A 57 -12.67 6.19 -4.69
C ASP A 57 -11.91 5.99 -6.00
N ARG A 58 -10.80 6.69 -6.14
CA ARG A 58 -10.00 6.63 -7.36
C ARG A 58 -9.37 5.25 -7.52
N SER A 59 -8.75 4.77 -6.45
CA SER A 59 -8.15 3.46 -6.43
C SER A 59 -9.20 2.36 -6.68
N SER A 60 -10.41 2.54 -6.15
CA SER A 60 -11.48 1.56 -6.32
C SER A 60 -11.84 1.35 -7.80
N SER A 61 -11.61 2.36 -8.63
CA SER A 61 -11.91 2.24 -10.05
C SER A 61 -10.71 1.68 -10.83
N LEU A 62 -9.68 1.28 -10.10
CA LEU A 62 -8.48 0.71 -10.70
C LEU A 62 -8.27 -0.71 -10.21
N ALA A 63 -8.41 -0.88 -8.91
CA ALA A 63 -8.26 -2.17 -8.28
C ALA A 63 -9.26 -2.30 -7.14
N ASP A 64 -9.29 -3.45 -6.48
CA ASP A 64 -10.23 -3.64 -5.39
C ASP A 64 -9.48 -3.75 -4.05
N PRO A 65 -10.01 -3.11 -3.00
CA PRO A 65 -9.44 -3.17 -1.67
C PRO A 65 -9.71 -4.51 -1.00
N ALA A 66 -8.73 -5.04 -0.28
CA ALA A 66 -8.86 -6.31 0.43
C ALA A 66 -9.57 -6.10 1.76
N SER A 67 -9.99 -4.86 1.99
CA SER A 67 -10.61 -4.45 3.22
C SER A 67 -11.21 -3.07 3.03
N ASP A 68 -10.78 -2.17 3.88
CA ASP A 68 -11.20 -0.78 3.83
C ASP A 68 -10.14 0.07 4.50
N ILE A 69 -9.95 -0.14 5.79
CA ILE A 69 -8.89 0.50 6.53
C ILE A 69 -8.16 -0.53 7.39
N LYS A 70 -6.84 -0.52 7.34
CA LYS A 70 -6.05 -1.37 8.20
C LYS A 70 -5.22 -0.51 9.14
N THR A 71 -5.58 -0.52 10.41
CA THR A 71 -4.85 0.25 11.40
C THR A 71 -3.62 -0.52 11.88
N CYS A 72 -2.53 0.21 12.03
CA CYS A 72 -1.28 -0.34 12.48
C CYS A 72 -0.35 0.79 12.92
N ASP A 73 0.69 0.45 13.66
CA ASP A 73 1.63 1.45 14.15
C ASP A 73 2.67 1.80 13.08
N HIS A 74 2.69 1.04 12.00
CA HIS A 74 3.68 1.25 10.93
C HIS A 74 3.05 1.80 9.65
N TYR A 75 1.78 2.17 9.71
CA TYR A 75 1.10 2.76 8.56
C TYR A 75 0.71 4.21 8.85
N GLN A 76 1.69 5.01 9.25
CA GLN A 76 1.39 6.35 9.74
C GLN A 76 0.77 7.25 8.69
N ASN A 77 1.43 7.42 7.54
CA ASN A 77 1.06 8.43 6.56
C ASN A 77 0.86 9.79 7.24
N PHE A 78 -0.40 10.13 7.50
CA PHE A 78 -0.76 11.37 8.19
C PHE A 78 -2.08 11.20 8.96
N PRO A 79 -3.17 10.77 8.26
CA PRO A 79 -4.50 10.52 8.84
C PRO A 79 -4.51 10.12 10.31
N LEU A 80 -4.12 8.88 10.62
CA LEU A 80 -4.14 8.34 11.99
C LEU A 80 -5.58 8.20 12.50
N TYR A 81 -5.91 7.02 12.99
CA TYR A 81 -7.22 6.80 13.60
C TYR A 81 -7.11 7.03 15.10
N LEU A 82 -7.67 8.13 15.57
CA LEU A 82 -7.59 8.48 16.98
C LEU A 82 -8.72 7.84 17.78
N GLY A 83 -8.42 6.70 18.37
CA GLY A 83 -9.37 6.04 19.24
C GLY A 83 -9.37 6.64 20.63
N GLY A 84 -9.96 5.93 21.58
CA GLY A 84 -10.02 6.42 22.95
C GLY A 84 -8.73 6.16 23.70
N GLU A 85 -8.14 5.00 23.47
CA GLU A 85 -6.89 4.62 24.09
C GLU A 85 -5.72 5.04 23.21
N THR A 86 -4.91 4.08 22.81
CA THR A 86 -3.78 4.36 21.94
C THR A 86 -4.23 4.51 20.49
N HIS A 87 -3.79 5.58 19.85
CA HIS A 87 -4.19 5.87 18.48
C HIS A 87 -3.39 4.99 17.51
N GLU A 88 -4.04 4.58 16.42
CA GLU A 88 -3.39 3.69 15.47
C GLU A 88 -3.58 4.23 14.06
N HIS A 89 -2.52 4.17 13.27
CA HIS A 89 -2.50 4.80 11.96
C HIS A 89 -3.05 3.81 10.93
N TYR A 90 -3.78 4.30 9.94
CA TYR A 90 -4.43 3.38 9.01
C TYR A 90 -4.15 3.70 7.55
N GLY A 91 -4.07 2.64 6.75
CA GLY A 91 -3.99 2.78 5.32
C GLY A 91 -5.00 1.87 4.65
N ILE A 92 -5.10 1.95 3.33
CA ILE A 92 -6.11 1.16 2.61
C ILE A 92 -5.49 -0.08 1.97
N PRO A 93 -5.86 -1.27 2.47
CA PRO A 93 -5.34 -2.55 1.98
C PRO A 93 -5.91 -2.93 0.61
N HIS A 94 -5.05 -3.50 -0.22
CA HIS A 94 -5.45 -3.96 -1.55
C HIS A 94 -4.93 -5.36 -1.78
N GLY A 95 -4.93 -5.80 -3.02
CA GLY A 95 -4.38 -7.09 -3.36
C GLY A 95 -4.43 -7.33 -4.85
N PHE A 96 -3.60 -8.23 -5.32
CA PHE A 96 -3.49 -8.50 -6.76
C PHE A 96 -3.22 -9.97 -7.02
N SER A 97 -3.05 -10.28 -8.29
CA SER A 97 -2.69 -11.63 -8.71
C SER A 97 -1.94 -11.57 -10.04
N SER A 98 -1.54 -10.37 -10.43
CA SER A 98 -0.85 -10.15 -11.69
C SER A 98 0.12 -8.98 -11.54
N ARG A 99 1.38 -9.20 -11.91
CA ARG A 99 2.38 -8.14 -11.84
C ARG A 99 2.00 -6.95 -12.70
N ILE A 100 1.50 -7.23 -13.89
CA ILE A 100 1.06 -6.17 -14.80
C ILE A 100 -0.09 -5.36 -14.19
N ALA A 101 -0.90 -5.99 -13.36
CA ALA A 101 -1.99 -5.29 -12.71
C ALA A 101 -1.45 -4.23 -11.77
N LEU A 102 -0.41 -4.60 -11.02
CA LEU A 102 0.28 -3.65 -10.16
C LEU A 102 0.98 -2.59 -11.01
N GLU A 103 1.50 -3.00 -12.16
CA GLU A 103 2.15 -2.09 -13.10
C GLU A 103 1.17 -1.01 -13.54
N ARG A 104 0.03 -1.44 -14.08
CA ARG A 104 -0.99 -0.50 -14.52
C ARG A 104 -1.55 0.29 -13.35
N TYR A 105 -1.59 -0.35 -12.18
CA TYR A 105 -2.09 0.30 -10.98
C TYR A 105 -1.26 1.53 -10.67
N LEU A 106 0.06 1.35 -10.69
CA LEU A 106 0.98 2.46 -10.48
C LEU A 106 0.79 3.54 -11.52
N ASN A 107 0.55 3.13 -12.76
CA ASN A 107 0.39 4.06 -13.87
C ASN A 107 -0.94 4.78 -13.82
N GLY A 108 -1.97 4.10 -13.35
CA GLY A 108 -3.27 4.71 -13.23
C GLY A 108 -3.34 5.66 -12.05
N LEU A 109 -2.87 5.21 -10.90
CA LEU A 109 -2.97 5.97 -9.67
C LEU A 109 -1.87 7.03 -9.58
N PHE A 110 -0.61 6.61 -9.70
CA PHE A 110 0.53 7.51 -9.53
C PHE A 110 1.32 7.65 -10.83
N GLY A 111 0.65 7.42 -11.95
CA GLY A 111 1.35 7.28 -13.23
C GLY A 111 2.04 8.55 -13.69
N ASP A 112 1.50 9.71 -13.33
CA ASP A 112 2.09 10.96 -13.76
C ASP A 112 3.13 11.45 -12.77
N MET A 1 -2.99 -17.16 -7.86
CA MET A 1 -2.57 -16.72 -6.52
C MET A 1 -2.29 -15.22 -6.52
N TYR A 2 -1.81 -14.72 -5.39
CA TYR A 2 -1.42 -13.33 -5.28
C TYR A 2 0.10 -13.18 -5.31
N LEU A 3 0.57 -11.96 -5.14
CA LEU A 3 2.00 -11.67 -5.15
C LEU A 3 2.54 -11.54 -3.74
N ARG A 4 3.77 -11.99 -3.52
CA ARG A 4 4.43 -11.83 -2.23
C ARG A 4 4.86 -10.37 -2.02
N PRO A 5 4.95 -9.93 -0.75
CA PRO A 5 5.26 -8.53 -0.41
C PRO A 5 6.54 -8.02 -1.07
N ASP A 6 7.58 -8.85 -1.08
CA ASP A 6 8.85 -8.50 -1.71
C ASP A 6 8.67 -8.24 -3.20
N GLU A 7 7.73 -8.94 -3.80
CA GLU A 7 7.51 -8.83 -5.24
C GLU A 7 6.67 -7.59 -5.55
N VAL A 8 5.70 -7.30 -4.69
CA VAL A 8 4.90 -6.09 -4.84
C VAL A 8 5.79 -4.86 -4.76
N ALA A 9 6.64 -4.84 -3.73
CA ALA A 9 7.61 -3.76 -3.56
C ALA A 9 8.56 -3.67 -4.75
N ARG A 10 8.89 -4.82 -5.33
CA ARG A 10 9.79 -4.90 -6.47
C ARG A 10 9.24 -4.11 -7.65
N VAL A 11 7.94 -4.22 -7.89
CA VAL A 11 7.29 -3.51 -8.98
C VAL A 11 7.29 -2.01 -8.69
N LEU A 12 7.05 -1.65 -7.43
CA LEU A 12 7.10 -0.26 -7.00
C LEU A 12 8.49 0.33 -7.26
N GLU A 13 9.51 -0.45 -6.92
CA GLU A 13 10.90 -0.05 -7.13
C GLU A 13 11.13 0.27 -8.61
N LYS A 14 10.64 -0.61 -9.48
CA LYS A 14 10.75 -0.43 -10.92
C LYS A 14 10.04 0.85 -11.36
N ALA A 15 8.85 1.03 -10.84
CA ALA A 15 8.03 2.20 -11.15
C ALA A 15 8.75 3.52 -10.85
N GLY A 16 9.78 3.46 -10.02
CA GLY A 16 10.55 4.64 -9.70
C GLY A 16 10.33 5.11 -8.28
N PHE A 17 10.05 4.16 -7.41
CA PHE A 17 9.82 4.46 -6.00
C PHE A 17 11.10 4.30 -5.19
N THR A 18 11.09 4.85 -3.99
CA THR A 18 12.19 4.71 -3.06
C THR A 18 11.66 4.34 -1.68
N VAL A 19 12.46 3.67 -0.87
CA VAL A 19 12.01 3.30 0.46
C VAL A 19 12.40 4.37 1.47
N ASP A 20 11.50 4.67 2.39
CA ASP A 20 11.79 5.61 3.46
C ASP A 20 12.08 4.85 4.74
N VAL A 21 11.03 4.26 5.30
CA VAL A 21 11.16 3.49 6.52
C VAL A 21 11.07 2.00 6.22
N VAL A 22 12.04 1.24 6.69
CA VAL A 22 12.03 -0.19 6.46
C VAL A 22 11.84 -0.95 7.78
N THR A 23 10.59 -1.27 8.08
CA THR A 23 10.28 -2.07 9.25
C THR A 23 10.24 -3.55 8.85
N ASN A 24 10.53 -4.43 9.78
CA ASN A 24 10.64 -5.86 9.49
C ASN A 24 9.28 -6.45 9.10
N LYS A 25 8.22 -5.66 9.23
CA LYS A 25 6.88 -6.14 8.93
C LYS A 25 6.25 -5.31 7.84
N THR A 26 6.95 -4.29 7.37
CA THR A 26 6.37 -3.31 6.47
C THR A 26 7.43 -2.44 5.79
N TYR A 27 7.32 -2.29 4.48
CA TYR A 27 8.18 -1.39 3.73
C TYR A 27 7.48 -0.06 3.50
N GLY A 28 7.96 0.99 4.15
CA GLY A 28 7.44 2.31 3.93
C GLY A 28 7.98 2.91 2.65
N TYR A 29 7.32 2.60 1.56
CA TYR A 29 7.74 3.03 0.24
C TYR A 29 7.13 4.37 -0.12
N ARG A 30 7.87 5.20 -0.85
CA ARG A 30 7.34 6.49 -1.28
C ARG A 30 7.97 6.95 -2.58
N ARG A 31 7.20 7.74 -3.32
CA ARG A 31 7.70 8.44 -4.49
C ARG A 31 7.18 9.86 -4.47
N GLY A 32 7.86 10.71 -3.73
CA GLY A 32 7.42 12.08 -3.57
C GLY A 32 6.14 12.16 -2.75
N GLU A 33 5.02 12.33 -3.43
CA GLU A 33 3.72 12.43 -2.78
C GLU A 33 3.08 11.05 -2.57
N ASN A 34 3.61 10.05 -3.27
CA ASN A 34 3.01 8.73 -3.23
C ASN A 34 3.59 7.90 -2.10
N TYR A 35 2.85 7.79 -1.02
CA TYR A 35 3.27 6.99 0.12
C TYR A 35 2.51 5.67 0.15
N VAL A 36 3.25 4.57 0.14
CA VAL A 36 2.66 3.23 0.18
C VAL A 36 3.44 2.33 1.13
N TYR A 37 2.75 1.77 2.10
CA TYR A 37 3.36 0.87 3.05
C TYR A 37 3.10 -0.57 2.63
N VAL A 38 4.16 -1.28 2.28
CA VAL A 38 4.03 -2.66 1.84
C VAL A 38 4.00 -3.60 3.03
N ASN A 39 2.86 -4.22 3.27
CA ASN A 39 2.70 -5.17 4.37
C ASN A 39 3.49 -6.43 4.07
N ARG A 40 4.55 -6.64 4.82
CA ARG A 40 5.46 -7.74 4.61
C ARG A 40 4.93 -9.01 5.26
N GLU A 41 3.92 -8.85 6.09
CA GLU A 41 3.30 -9.98 6.80
C GLU A 41 2.25 -10.65 5.93
N ALA A 42 2.14 -10.19 4.69
CA ALA A 42 1.19 -10.73 3.73
C ALA A 42 1.69 -12.05 3.16
N ARG A 43 1.30 -13.16 3.77
CA ARG A 43 1.61 -14.47 3.20
C ARG A 43 0.77 -14.69 1.95
N MET A 44 -0.37 -14.03 1.91
CA MET A 44 -1.16 -13.91 0.70
C MET A 44 -1.23 -12.45 0.33
N GLY A 45 -0.79 -12.12 -0.88
CA GLY A 45 -0.70 -10.73 -1.29
C GLY A 45 -2.04 -10.10 -1.61
N ARG A 46 -2.97 -10.19 -0.67
CA ARG A 46 -4.24 -9.50 -0.77
C ARG A 46 -4.24 -8.32 0.20
N THR A 47 -3.23 -8.31 1.05
CA THR A 47 -3.02 -7.24 2.00
C THR A 47 -1.54 -6.90 2.02
N ALA A 48 -1.13 -5.99 1.17
CA ALA A 48 0.29 -5.74 0.98
C ALA A 48 0.56 -4.39 0.34
N LEU A 49 -0.23 -3.99 -0.64
CA LEU A 49 -0.09 -2.65 -1.18
C LEU A 49 -1.00 -1.70 -0.43
N ILE A 50 -0.47 -1.12 0.63
CA ILE A 50 -1.26 -0.27 1.48
C ILE A 50 -0.95 1.19 1.22
N ILE A 51 -1.89 1.87 0.57
CA ILE A 51 -1.67 3.23 0.11
C ILE A 51 -2.07 4.24 1.19
N HIS A 52 -1.61 5.46 0.99
CA HIS A 52 -1.95 6.59 1.85
C HIS A 52 -3.45 6.89 1.81
N PRO A 53 -4.17 6.68 2.93
CA PRO A 53 -5.58 7.00 3.07
C PRO A 53 -5.93 8.38 2.57
N ARG A 54 -6.48 8.45 1.36
CA ARG A 54 -6.87 9.70 0.71
C ARG A 54 -6.99 9.47 -0.79
N LEU A 55 -6.34 8.41 -1.26
CA LEU A 55 -6.42 8.00 -2.65
C LEU A 55 -7.46 6.91 -2.86
N LYS A 56 -8.36 6.77 -1.89
CA LYS A 56 -9.37 5.71 -1.93
C LYS A 56 -10.24 5.83 -3.17
N ASP A 57 -10.68 7.04 -3.47
CA ASP A 57 -11.52 7.30 -4.65
C ASP A 57 -10.80 6.90 -5.93
N ARG A 58 -9.60 7.45 -6.12
CA ARG A 58 -8.79 7.17 -7.29
C ARG A 58 -8.50 5.67 -7.41
N SER A 59 -8.09 5.08 -6.30
CA SER A 59 -7.76 3.67 -6.24
C SER A 59 -8.97 2.78 -6.59
N SER A 60 -10.15 3.13 -6.08
CA SER A 60 -11.36 2.32 -6.30
C SER A 60 -11.71 2.18 -7.78
N SER A 61 -11.21 3.10 -8.60
CA SER A 61 -11.48 3.09 -10.03
C SER A 61 -10.58 2.09 -10.76
N LEU A 62 -9.61 1.54 -10.04
CA LEU A 62 -8.64 0.65 -10.65
C LEU A 62 -8.48 -0.63 -9.84
N ALA A 63 -8.08 -0.49 -8.59
CA ALA A 63 -7.87 -1.62 -7.72
C ALA A 63 -8.61 -1.44 -6.41
N ASP A 64 -9.67 -2.21 -6.23
CA ASP A 64 -10.49 -2.13 -5.03
C ASP A 64 -9.71 -2.61 -3.80
N PRO A 65 -9.95 -1.98 -2.65
CA PRO A 65 -9.34 -2.39 -1.38
C PRO A 65 -9.78 -3.80 -0.98
N ALA A 66 -8.90 -4.52 -0.29
CA ALA A 66 -9.23 -5.87 0.15
C ALA A 66 -10.21 -5.81 1.31
N SER A 67 -9.74 -5.29 2.43
CA SER A 67 -10.57 -5.13 3.61
C SER A 67 -11.36 -3.84 3.52
N ASP A 68 -10.64 -2.82 3.78
CA ASP A 68 -11.08 -1.43 3.68
C ASP A 68 -9.94 -0.54 4.11
N ILE A 69 -9.56 -0.72 5.36
CA ILE A 69 -8.42 -0.08 5.96
C ILE A 69 -7.68 -1.08 6.84
N LYS A 70 -6.51 -0.70 7.32
CA LYS A 70 -5.73 -1.59 8.17
C LYS A 70 -5.03 -0.79 9.25
N THR A 71 -5.54 -0.87 10.48
CA THR A 71 -4.94 -0.18 11.60
C THR A 71 -3.78 -0.99 12.17
N CYS A 72 -2.64 -0.32 12.32
CA CYS A 72 -1.44 -0.96 12.83
C CYS A 72 -0.32 0.07 12.96
N ASP A 73 0.57 -0.13 13.92
CA ASP A 73 1.63 0.83 14.18
C ASP A 73 2.79 0.66 13.21
N HIS A 74 2.52 0.91 11.94
CA HIS A 74 3.54 0.93 10.90
C HIS A 74 3.13 1.93 9.84
N TYR A 75 1.87 1.86 9.45
CA TYR A 75 1.33 2.74 8.41
C TYR A 75 0.75 3.99 9.07
N GLN A 76 1.54 5.03 9.21
CA GLN A 76 1.06 6.24 9.84
C GLN A 76 0.36 7.14 8.82
N ASN A 77 1.05 7.43 7.72
CA ASN A 77 0.54 8.27 6.64
C ASN A 77 0.26 9.70 7.12
N PHE A 78 -0.87 9.88 7.80
CA PHE A 78 -1.32 11.20 8.22
C PHE A 78 -2.59 11.13 9.07
N PRO A 79 -3.68 10.50 8.57
CA PRO A 79 -5.00 10.57 9.20
C PRO A 79 -5.01 10.17 10.67
N LEU A 80 -4.59 8.93 10.94
CA LEU A 80 -4.52 8.40 12.31
C LEU A 80 -5.94 8.25 12.90
N TYR A 81 -6.32 6.99 13.15
CA TYR A 81 -7.67 6.69 13.60
C TYR A 81 -7.88 7.17 15.04
N LEU A 82 -8.98 7.86 15.27
CA LEU A 82 -9.28 8.41 16.59
C LEU A 82 -9.98 7.37 17.47
N GLY A 83 -10.90 6.62 16.88
CA GLY A 83 -11.67 5.65 17.63
C GLY A 83 -10.87 4.42 18.01
N GLY A 84 -10.03 4.56 19.02
CA GLY A 84 -9.24 3.46 19.51
C GLY A 84 -8.75 3.69 20.92
N GLU A 85 -7.44 3.64 21.12
CA GLU A 85 -6.87 3.89 22.44
C GLU A 85 -5.75 4.92 22.34
N THR A 86 -4.58 4.47 21.91
CA THR A 86 -3.44 5.35 21.73
C THR A 86 -3.53 6.01 20.35
N HIS A 87 -4.65 5.76 19.68
CA HIS A 87 -4.89 6.21 18.32
C HIS A 87 -3.99 5.44 17.36
N GLU A 88 -4.60 4.69 16.48
CA GLU A 88 -3.89 3.74 15.64
C GLU A 88 -3.97 4.16 14.18
N HIS A 89 -2.85 4.62 13.67
CA HIS A 89 -2.77 5.04 12.27
C HIS A 89 -2.96 3.85 11.34
N TYR A 90 -3.55 4.12 10.19
CA TYR A 90 -3.98 3.07 9.29
C TYR A 90 -3.64 3.39 7.84
N GLY A 91 -3.81 2.41 6.98
CA GLY A 91 -3.69 2.60 5.56
C GLY A 91 -4.73 1.80 4.80
N ILE A 92 -4.74 1.89 3.49
CA ILE A 92 -5.69 1.15 2.67
C ILE A 92 -5.01 -0.04 1.99
N PRO A 93 -5.36 -1.28 2.40
CA PRO A 93 -4.71 -2.49 1.93
C PRO A 93 -5.25 -2.99 0.60
N HIS A 94 -4.34 -3.35 -0.29
CA HIS A 94 -4.69 -3.89 -1.60
C HIS A 94 -3.90 -5.17 -1.85
N GLY A 95 -4.07 -5.74 -3.04
CA GLY A 95 -3.37 -6.95 -3.41
C GLY A 95 -3.68 -7.34 -4.83
N PHE A 96 -2.80 -8.12 -5.45
CA PHE A 96 -2.89 -8.36 -6.89
C PHE A 96 -2.53 -9.80 -7.24
N SER A 97 -3.18 -10.33 -8.27
CA SER A 97 -2.99 -11.71 -8.68
C SER A 97 -1.79 -11.88 -9.61
N SER A 98 -1.36 -10.80 -10.26
CA SER A 98 -0.28 -10.88 -11.23
C SER A 98 0.51 -9.58 -11.30
N ARG A 99 1.80 -9.70 -11.61
CA ARG A 99 2.71 -8.55 -11.63
C ARG A 99 2.28 -7.51 -12.66
N ILE A 100 2.05 -7.96 -13.89
CA ILE A 100 1.72 -7.06 -14.99
C ILE A 100 0.41 -6.31 -14.71
N ALA A 101 -0.50 -6.95 -13.98
CA ALA A 101 -1.74 -6.30 -13.58
C ALA A 101 -1.45 -5.14 -12.66
N LEU A 102 -0.58 -5.39 -11.68
CA LEU A 102 -0.11 -4.35 -10.77
C LEU A 102 0.56 -3.22 -11.56
N GLU A 103 1.31 -3.60 -12.58
CA GLU A 103 1.98 -2.66 -13.47
C GLU A 103 0.96 -1.72 -14.11
N ARG A 104 -0.08 -2.30 -14.71
CA ARG A 104 -1.13 -1.54 -15.36
C ARG A 104 -1.93 -0.69 -14.37
N TYR A 105 -2.04 -1.17 -13.13
CA TYR A 105 -2.76 -0.45 -12.10
C TYR A 105 -1.98 0.74 -11.59
N LEU A 106 -0.71 0.52 -11.24
CA LEU A 106 0.15 1.62 -10.77
C LEU A 106 0.27 2.67 -11.85
N ASN A 107 0.18 2.22 -13.09
CA ASN A 107 0.24 3.07 -14.27
C ASN A 107 -0.78 4.19 -14.20
N GLY A 108 -2.03 3.82 -13.98
CA GLY A 108 -3.10 4.81 -13.90
C GLY A 108 -3.28 5.38 -12.52
N LEU A 109 -2.84 4.64 -11.49
CA LEU A 109 -3.04 5.07 -10.11
C LEU A 109 -2.03 6.15 -9.73
N PHE A 110 -0.76 5.88 -9.94
CA PHE A 110 0.28 6.82 -9.55
C PHE A 110 0.91 7.48 -10.77
N GLY A 111 0.85 6.81 -11.90
CA GLY A 111 1.44 7.34 -13.10
C GLY A 111 2.82 6.77 -13.35
N ASP A 112 2.95 6.05 -14.45
CA ASP A 112 4.24 5.45 -14.83
C ASP A 112 5.31 6.50 -14.89
N MET A 1 -3.50 -16.80 -7.50
CA MET A 1 -2.63 -16.48 -6.34
C MET A 1 -2.29 -15.00 -6.34
N TYR A 2 -2.12 -14.43 -5.16
CA TYR A 2 -1.79 -13.01 -5.06
C TYR A 2 -0.28 -12.81 -4.94
N LEU A 3 0.14 -11.56 -4.95
CA LEU A 3 1.56 -11.23 -5.00
C LEU A 3 2.18 -11.20 -3.61
N ARG A 4 3.49 -11.38 -3.57
CA ARG A 4 4.24 -11.41 -2.32
C ARG A 4 4.74 -10.01 -1.96
N PRO A 5 5.09 -9.77 -0.67
CA PRO A 5 5.59 -8.47 -0.21
C PRO A 5 6.78 -7.97 -1.02
N ASP A 6 7.84 -8.77 -1.07
CA ASP A 6 9.05 -8.43 -1.83
C ASP A 6 8.72 -8.27 -3.31
N GLU A 7 7.75 -9.06 -3.76
CA GLU A 7 7.33 -9.06 -5.15
C GLU A 7 6.69 -7.73 -5.52
N VAL A 8 5.81 -7.25 -4.65
CA VAL A 8 5.17 -5.94 -4.83
C VAL A 8 6.21 -4.83 -4.80
N ALA A 9 7.11 -4.89 -3.82
CA ALA A 9 8.18 -3.92 -3.67
C ALA A 9 9.08 -3.89 -4.90
N ARG A 10 9.30 -5.08 -5.48
CA ARG A 10 10.11 -5.22 -6.68
C ARG A 10 9.53 -4.37 -7.81
N VAL A 11 8.21 -4.47 -8.00
CA VAL A 11 7.52 -3.72 -9.03
C VAL A 11 7.55 -2.22 -8.70
N LEU A 12 7.42 -1.89 -7.42
CA LEU A 12 7.47 -0.50 -6.98
C LEU A 12 8.80 0.15 -7.34
N GLU A 13 9.90 -0.56 -7.07
CA GLU A 13 11.24 -0.10 -7.42
C GLU A 13 11.31 0.20 -8.92
N LYS A 14 10.70 -0.67 -9.71
CA LYS A 14 10.70 -0.54 -11.16
C LYS A 14 9.81 0.63 -11.59
N ALA A 15 8.65 0.74 -10.96
CA ALA A 15 7.68 1.78 -11.28
C ALA A 15 8.26 3.18 -11.07
N GLY A 16 9.12 3.34 -10.08
CA GLY A 16 9.72 4.63 -9.82
C GLY A 16 9.72 5.00 -8.35
N PHE A 17 9.51 4.02 -7.49
CA PHE A 17 9.42 4.26 -6.07
C PHE A 17 10.72 3.91 -5.36
N THR A 18 10.92 4.50 -4.17
CA THR A 18 12.10 4.23 -3.37
C THR A 18 11.70 3.99 -1.91
N VAL A 19 12.38 3.07 -1.24
CA VAL A 19 12.08 2.78 0.16
C VAL A 19 12.68 3.84 1.08
N ASP A 20 11.93 4.25 2.08
CA ASP A 20 12.44 5.19 3.07
C ASP A 20 12.58 4.53 4.43
N VAL A 21 11.70 3.60 4.74
CA VAL A 21 11.73 2.96 6.03
C VAL A 21 11.44 1.46 5.94
N VAL A 22 12.50 0.66 5.96
CA VAL A 22 12.36 -0.78 5.92
C VAL A 22 12.27 -1.35 7.35
N THR A 23 11.05 -1.66 7.77
CA THR A 23 10.82 -2.21 9.09
C THR A 23 10.56 -3.71 9.00
N ASN A 24 10.59 -4.38 10.13
CA ASN A 24 10.51 -5.85 10.15
C ASN A 24 9.12 -6.36 9.76
N LYS A 25 8.14 -5.46 9.74
CA LYS A 25 6.77 -5.86 9.42
C LYS A 25 6.23 -5.05 8.26
N THR A 26 7.05 -4.14 7.73
CA THR A 26 6.54 -3.15 6.79
C THR A 26 7.66 -2.51 5.96
N TYR A 27 7.41 -2.32 4.67
CA TYR A 27 8.31 -1.56 3.81
C TYR A 27 7.71 -0.18 3.53
N GLY A 28 8.32 0.86 4.05
CA GLY A 28 7.91 2.20 3.70
C GLY A 28 8.42 2.59 2.34
N TYR A 29 7.52 2.72 1.40
CA TYR A 29 7.90 2.90 0.00
C TYR A 29 7.29 4.18 -0.56
N ARG A 30 8.13 5.12 -0.96
CA ARG A 30 7.66 6.45 -1.30
C ARG A 30 8.03 6.86 -2.72
N ARG A 31 7.25 7.81 -3.23
CA ARG A 31 7.56 8.53 -4.45
C ARG A 31 6.77 9.83 -4.46
N GLY A 32 7.47 10.94 -4.29
CA GLY A 32 6.79 12.23 -4.19
C GLY A 32 6.06 12.36 -2.87
N GLU A 33 4.75 12.54 -2.92
CA GLU A 33 3.95 12.60 -1.70
C GLU A 33 3.31 11.24 -1.46
N ASN A 34 3.57 10.30 -2.35
CA ASN A 34 2.96 8.99 -2.24
C ASN A 34 3.84 8.06 -1.42
N TYR A 35 3.46 7.86 -0.18
CA TYR A 35 4.18 6.99 0.72
C TYR A 35 3.34 5.75 1.01
N VAL A 36 3.63 4.67 0.32
CA VAL A 36 2.88 3.44 0.49
C VAL A 36 3.64 2.51 1.42
N TYR A 37 2.91 1.73 2.19
CA TYR A 37 3.51 0.79 3.11
C TYR A 37 3.22 -0.64 2.65
N VAL A 38 4.27 -1.36 2.31
CA VAL A 38 4.12 -2.74 1.89
C VAL A 38 4.14 -3.65 3.10
N ASN A 39 3.08 -4.41 3.28
CA ASN A 39 3.01 -5.36 4.39
C ASN A 39 4.06 -6.44 4.21
N ARG A 40 5.02 -6.48 5.11
CA ARG A 40 6.09 -7.46 5.05
C ARG A 40 5.59 -8.80 5.59
N GLU A 41 4.50 -8.73 6.34
CA GLU A 41 3.86 -9.92 6.89
C GLU A 41 2.77 -10.40 5.94
N ALA A 42 2.90 -10.03 4.66
CA ALA A 42 1.92 -10.42 3.64
C ALA A 42 2.08 -11.90 3.28
N ARG A 43 1.47 -12.76 4.07
CA ARG A 43 1.54 -14.18 3.85
C ARG A 43 0.47 -14.63 2.87
N MET A 44 -0.63 -13.89 2.85
CA MET A 44 -1.76 -14.21 1.99
C MET A 44 -1.68 -13.46 0.66
N GLY A 45 -0.89 -12.39 0.64
CA GLY A 45 -0.70 -11.61 -0.57
C GLY A 45 -1.84 -10.65 -0.87
N ARG A 46 -2.97 -10.84 -0.20
CA ARG A 46 -4.14 -9.99 -0.37
C ARG A 46 -4.00 -8.70 0.43
N THR A 47 -2.92 -8.61 1.17
CA THR A 47 -2.68 -7.52 2.08
C THR A 47 -1.20 -7.19 2.01
N ALA A 48 -0.86 -6.20 1.21
CA ALA A 48 0.53 -5.86 0.98
C ALA A 48 0.67 -4.47 0.40
N LEU A 49 -0.17 -4.12 -0.56
CA LEU A 49 -0.11 -2.79 -1.12
C LEU A 49 -1.01 -1.83 -0.34
N ILE A 50 -0.46 -1.25 0.71
CA ILE A 50 -1.17 -0.24 1.47
C ILE A 50 -0.78 1.13 0.93
N ILE A 51 -1.60 1.68 0.05
CA ILE A 51 -1.23 2.87 -0.68
C ILE A 51 -1.22 4.13 0.17
N HIS A 52 -2.40 4.66 0.45
CA HIS A 52 -2.56 5.97 1.10
C HIS A 52 -4.03 6.35 1.00
N PRO A 53 -4.59 7.09 1.97
CA PRO A 53 -5.93 7.67 1.82
C PRO A 53 -5.95 8.67 0.67
N ARG A 54 -6.98 9.52 0.61
CA ARG A 54 -7.10 10.51 -0.46
C ARG A 54 -7.46 9.85 -1.80
N LEU A 55 -6.67 8.85 -2.18
CA LEU A 55 -6.81 8.18 -3.46
C LEU A 55 -7.84 7.05 -3.40
N LYS A 56 -8.56 6.94 -2.30
CA LYS A 56 -9.51 5.84 -2.11
C LYS A 56 -10.57 5.85 -3.21
N ASP A 57 -11.14 7.03 -3.47
CA ASP A 57 -12.17 7.18 -4.49
C ASP A 57 -11.61 6.89 -5.88
N ARG A 58 -10.43 7.39 -6.17
CA ARG A 58 -9.78 7.14 -7.47
C ARG A 58 -9.40 5.67 -7.62
N SER A 59 -8.73 5.14 -6.60
CA SER A 59 -8.26 3.76 -6.62
C SER A 59 -9.42 2.78 -6.78
N SER A 60 -10.59 3.16 -6.28
CA SER A 60 -11.78 2.32 -6.38
C SER A 60 -12.14 2.04 -7.84
N SER A 61 -11.77 2.96 -8.73
CA SER A 61 -12.08 2.83 -10.15
C SER A 61 -11.05 1.96 -10.87
N LEU A 62 -10.04 1.52 -10.14
CA LEU A 62 -8.98 0.70 -10.72
C LEU A 62 -8.64 -0.46 -9.78
N ALA A 63 -7.79 -0.19 -8.81
CA ALA A 63 -7.38 -1.18 -7.85
C ALA A 63 -8.30 -1.16 -6.64
N ASP A 64 -9.30 -2.04 -6.66
CA ASP A 64 -10.28 -2.12 -5.59
C ASP A 64 -9.60 -2.56 -4.30
N PRO A 65 -10.04 -2.01 -3.16
CA PRO A 65 -9.50 -2.35 -1.85
C PRO A 65 -9.82 -3.78 -1.44
N ALA A 66 -8.84 -4.45 -0.87
CA ALA A 66 -9.00 -5.83 -0.43
C ALA A 66 -9.86 -5.90 0.83
N SER A 67 -9.86 -4.82 1.58
CA SER A 67 -10.68 -4.71 2.78
C SER A 67 -11.16 -3.28 2.93
N ASP A 68 -11.76 -2.97 4.07
CA ASP A 68 -12.24 -1.63 4.35
C ASP A 68 -11.05 -0.69 4.51
N ILE A 69 -10.43 -0.77 5.67
CA ILE A 69 -9.19 -0.05 5.96
C ILE A 69 -8.33 -0.95 6.84
N LYS A 70 -7.06 -0.62 6.99
CA LYS A 70 -6.19 -1.40 7.84
C LYS A 70 -5.38 -0.50 8.76
N THR A 71 -5.68 -0.57 10.05
CA THR A 71 -4.95 0.19 11.06
C THR A 71 -3.85 -0.68 11.66
N CYS A 72 -2.61 -0.18 11.72
CA CYS A 72 -1.50 -1.03 12.16
C CYS A 72 -0.15 -0.31 12.17
N ASP A 73 0.24 0.15 13.35
CA ASP A 73 1.65 0.36 13.71
C ASP A 73 2.42 1.32 12.78
N HIS A 74 3.00 0.78 11.70
CA HIS A 74 4.00 1.52 10.93
C HIS A 74 3.40 2.43 9.86
N TYR A 75 2.09 2.53 9.82
CA TYR A 75 1.43 3.34 8.78
C TYR A 75 1.42 4.82 9.19
N GLN A 76 2.46 5.25 9.88
CA GLN A 76 2.47 6.55 10.54
C GLN A 76 2.44 7.73 9.57
N ASN A 77 2.90 7.54 8.34
CA ASN A 77 2.83 8.61 7.34
C ASN A 77 1.37 8.94 7.03
N PHE A 78 0.50 7.97 7.25
CA PHE A 78 -0.92 8.15 6.98
C PHE A 78 -1.56 9.05 8.03
N PRO A 79 -2.64 9.75 7.63
CA PRO A 79 -3.36 10.74 8.47
C PRO A 79 -3.70 10.25 9.88
N LEU A 80 -3.74 8.94 10.08
CA LEU A 80 -4.02 8.32 11.38
C LEU A 80 -5.52 8.43 11.71
N TYR A 81 -6.07 7.31 12.17
CA TYR A 81 -7.49 7.19 12.45
C TYR A 81 -7.77 7.53 13.91
N LEU A 82 -8.54 8.58 14.13
CA LEU A 82 -8.82 9.05 15.48
C LEU A 82 -9.91 8.22 16.15
N GLY A 83 -9.51 7.55 17.22
CA GLY A 83 -10.45 6.87 18.07
C GLY A 83 -10.63 7.61 19.38
N GLY A 84 -11.10 6.93 20.42
CA GLY A 84 -11.31 7.57 21.70
C GLY A 84 -10.02 7.95 22.38
N GLU A 85 -9.41 7.00 23.07
CA GLU A 85 -8.13 7.22 23.73
C GLU A 85 -6.99 6.90 22.79
N THR A 86 -6.92 5.65 22.41
CA THR A 86 -5.90 5.17 21.51
C THR A 86 -6.24 5.48 20.06
N HIS A 87 -5.21 5.76 19.28
CA HIS A 87 -5.39 6.06 17.87
C HIS A 87 -4.40 5.23 17.06
N GLU A 88 -4.78 4.84 15.86
CA GLU A 88 -3.96 3.98 15.04
C GLU A 88 -3.96 4.46 13.61
N HIS A 89 -2.82 4.31 12.95
CA HIS A 89 -2.67 4.79 11.59
C HIS A 89 -3.31 3.80 10.62
N TYR A 90 -4.17 4.31 9.77
CA TYR A 90 -4.94 3.46 8.87
C TYR A 90 -4.48 3.63 7.43
N GLY A 91 -4.41 2.52 6.73
CA GLY A 91 -4.13 2.53 5.31
C GLY A 91 -5.16 1.72 4.57
N ILE A 92 -5.02 1.65 3.25
CA ILE A 92 -5.98 0.92 2.44
C ILE A 92 -5.30 -0.30 1.81
N PRO A 93 -5.72 -1.51 2.22
CA PRO A 93 -5.13 -2.77 1.76
C PRO A 93 -5.47 -3.12 0.31
N HIS A 94 -4.49 -3.64 -0.42
CA HIS A 94 -4.69 -4.07 -1.79
C HIS A 94 -3.85 -5.30 -2.07
N GLY A 95 -4.09 -5.90 -3.23
CA GLY A 95 -3.32 -7.05 -3.67
C GLY A 95 -3.76 -7.47 -5.06
N PHE A 96 -2.89 -8.17 -5.77
CA PHE A 96 -3.14 -8.51 -7.16
C PHE A 96 -2.67 -9.92 -7.47
N SER A 97 -3.26 -10.53 -8.49
CA SER A 97 -2.92 -11.88 -8.88
C SER A 97 -1.73 -11.91 -9.85
N SER A 98 -1.48 -10.79 -10.52
CA SER A 98 -0.39 -10.73 -11.50
C SER A 98 0.46 -9.48 -11.27
N ARG A 99 1.76 -9.61 -11.51
CA ARG A 99 2.70 -8.50 -11.33
C ARG A 99 2.34 -7.33 -12.24
N ILE A 100 2.21 -7.61 -13.54
CA ILE A 100 1.89 -6.57 -14.51
C ILE A 100 0.53 -5.90 -14.20
N ALA A 101 -0.36 -6.65 -13.58
CA ALA A 101 -1.65 -6.09 -13.18
C ALA A 101 -1.42 -4.98 -12.17
N LEU A 102 -0.56 -5.27 -11.20
CA LEU A 102 -0.11 -4.27 -10.24
C LEU A 102 0.54 -3.11 -10.98
N GLU A 103 1.40 -3.45 -11.94
CA GLU A 103 2.10 -2.47 -12.76
C GLU A 103 1.14 -1.45 -13.38
N ARG A 104 0.16 -1.96 -14.12
CA ARG A 104 -0.79 -1.11 -14.83
C ARG A 104 -1.63 -0.28 -13.87
N TYR A 105 -2.02 -0.88 -12.75
CA TYR A 105 -2.82 -0.18 -11.76
C TYR A 105 -1.99 0.90 -11.05
N LEU A 106 -0.73 0.60 -10.78
CA LEU A 106 0.19 1.61 -10.25
C LEU A 106 0.33 2.76 -11.24
N ASN A 107 0.29 2.42 -12.52
CA ASN A 107 0.45 3.38 -13.60
C ASN A 107 -0.81 4.21 -13.76
N GLY A 108 -1.93 3.59 -13.51
CA GLY A 108 -3.20 4.30 -13.54
C GLY A 108 -3.41 5.17 -12.32
N LEU A 109 -3.13 4.63 -11.15
CA LEU A 109 -3.37 5.33 -9.90
C LEU A 109 -2.25 6.33 -9.60
N PHE A 110 -1.01 5.85 -9.63
CA PHE A 110 0.13 6.69 -9.30
C PHE A 110 0.76 7.27 -10.56
N GLY A 111 0.09 7.05 -11.69
CA GLY A 111 0.51 7.66 -12.93
C GLY A 111 0.15 9.14 -13.01
N ASP A 112 -0.44 9.66 -11.94
CA ASP A 112 -0.65 11.07 -11.81
C ASP A 112 0.53 11.65 -11.07
N MET A 1 -2.65 -15.63 -9.52
CA MET A 1 -2.32 -15.74 -8.08
C MET A 1 -1.92 -14.37 -7.54
N TYR A 2 -2.15 -14.15 -6.26
CA TYR A 2 -1.81 -12.88 -5.64
C TYR A 2 -0.31 -12.77 -5.43
N LEU A 3 0.21 -11.56 -5.59
CA LEU A 3 1.64 -11.32 -5.50
C LEU A 3 2.10 -11.30 -4.05
N ARG A 4 3.34 -11.72 -3.84
CA ARG A 4 3.95 -11.66 -2.52
C ARG A 4 4.33 -10.22 -2.17
N PRO A 5 4.44 -9.90 -0.87
CA PRO A 5 4.89 -8.58 -0.43
C PRO A 5 6.25 -8.23 -1.03
N ASP A 6 7.13 -9.23 -1.09
CA ASP A 6 8.43 -9.10 -1.72
C ASP A 6 8.25 -8.72 -3.20
N GLU A 7 7.33 -9.40 -3.85
CA GLU A 7 7.06 -9.21 -5.28
C GLU A 7 6.57 -7.79 -5.55
N VAL A 8 5.68 -7.30 -4.68
CA VAL A 8 5.17 -5.94 -4.81
C VAL A 8 6.30 -4.93 -4.74
N ALA A 9 7.19 -5.10 -3.76
CA ALA A 9 8.34 -4.24 -3.60
C ALA A 9 9.24 -4.28 -4.84
N ARG A 10 9.38 -5.47 -5.42
CA ARG A 10 10.21 -5.65 -6.60
C ARG A 10 9.78 -4.75 -7.74
N VAL A 11 8.48 -4.70 -8.02
CA VAL A 11 7.94 -3.86 -9.07
C VAL A 11 8.22 -2.39 -8.77
N LEU A 12 8.06 -2.01 -7.51
CA LEU A 12 8.33 -0.64 -7.09
C LEU A 12 9.79 -0.27 -7.36
N GLU A 13 10.71 -1.15 -6.95
CA GLU A 13 12.12 -0.94 -7.17
C GLU A 13 12.43 -0.79 -8.66
N LYS A 14 11.75 -1.61 -9.46
CA LYS A 14 11.96 -1.64 -10.89
C LYS A 14 11.45 -0.37 -11.55
N ALA A 15 10.29 0.08 -11.09
CA ALA A 15 9.68 1.30 -11.59
C ALA A 15 10.56 2.51 -11.31
N GLY A 16 11.37 2.43 -10.26
CA GLY A 16 12.27 3.50 -9.92
C GLY A 16 11.95 4.15 -8.59
N PHE A 17 11.24 3.41 -7.74
CA PHE A 17 10.84 3.92 -6.44
C PHE A 17 11.94 3.77 -5.41
N THR A 18 11.68 4.30 -4.22
CA THR A 18 12.63 4.24 -3.10
C THR A 18 11.91 3.89 -1.80
N VAL A 19 12.62 3.32 -0.84
CA VAL A 19 12.02 3.03 0.45
C VAL A 19 12.39 4.12 1.46
N ASP A 20 11.46 4.45 2.34
CA ASP A 20 11.71 5.44 3.37
C ASP A 20 11.85 4.76 4.73
N VAL A 21 10.76 4.13 5.16
CA VAL A 21 10.76 3.42 6.43
C VAL A 21 10.78 1.91 6.19
N VAL A 22 11.92 1.31 6.44
CA VAL A 22 12.08 -0.11 6.24
C VAL A 22 12.00 -0.86 7.57
N THR A 23 10.99 -1.70 7.69
CA THR A 23 10.80 -2.49 8.90
C THR A 23 10.53 -3.94 8.55
N ASN A 24 10.71 -4.84 9.50
CA ASN A 24 10.52 -6.27 9.25
C ASN A 24 9.03 -6.62 9.23
N LYS A 25 8.20 -5.60 9.34
CA LYS A 25 6.76 -5.76 9.25
C LYS A 25 6.21 -5.00 8.05
N THR A 26 7.04 -4.11 7.51
CA THR A 26 6.54 -3.15 6.55
C THR A 26 7.64 -2.52 5.70
N TYR A 27 7.39 -2.41 4.40
CA TYR A 27 8.24 -1.65 3.50
C TYR A 27 7.56 -0.34 3.13
N GLY A 28 7.95 0.74 3.78
CA GLY A 28 7.38 2.04 3.48
C GLY A 28 8.00 2.66 2.25
N TYR A 29 7.41 2.39 1.11
CA TYR A 29 7.95 2.83 -0.16
C TYR A 29 7.35 4.17 -0.60
N ARG A 30 8.11 4.92 -1.40
CA ARG A 30 7.67 6.21 -1.88
C ARG A 30 8.48 6.65 -3.10
N ARG A 31 7.97 7.67 -3.78
CA ARG A 31 8.72 8.36 -4.82
C ARG A 31 8.08 9.72 -5.08
N GLY A 32 8.89 10.76 -5.10
CA GLY A 32 8.37 12.11 -5.24
C GLY A 32 7.54 12.52 -4.04
N GLU A 33 6.23 12.50 -4.21
CA GLU A 33 5.32 12.79 -3.12
C GLU A 33 4.23 11.72 -3.03
N ASN A 34 4.49 10.56 -3.64
CA ASN A 34 3.56 9.45 -3.59
C ASN A 34 4.05 8.42 -2.59
N TYR A 35 3.15 7.86 -1.80
CA TYR A 35 3.51 6.91 -0.77
C TYR A 35 2.76 5.59 -0.94
N VAL A 36 3.50 4.49 -0.91
CA VAL A 36 2.91 3.16 -0.95
C VAL A 36 3.55 2.26 0.10
N TYR A 37 2.76 1.87 1.07
CA TYR A 37 3.26 1.07 2.17
C TYR A 37 2.99 -0.41 1.95
N VAL A 38 4.05 -1.16 1.69
CA VAL A 38 3.95 -2.58 1.44
C VAL A 38 3.93 -3.34 2.76
N ASN A 39 2.83 -4.01 3.04
CA ASN A 39 2.71 -4.80 4.25
C ASN A 39 3.51 -6.08 4.08
N ARG A 40 4.61 -6.14 4.81
CA ARG A 40 5.58 -7.21 4.63
C ARG A 40 5.06 -8.53 5.19
N GLU A 41 4.05 -8.43 6.04
CA GLU A 41 3.47 -9.61 6.68
C GLU A 41 2.30 -10.14 5.87
N ALA A 42 1.90 -9.39 4.85
CA ALA A 42 0.77 -9.77 4.01
C ALA A 42 1.18 -10.82 2.98
N ARG A 43 1.49 -12.02 3.44
CA ARG A 43 1.95 -13.09 2.57
C ARG A 43 0.81 -13.60 1.69
N MET A 44 -0.42 -13.27 2.06
CA MET A 44 -1.59 -13.69 1.30
C MET A 44 -1.75 -12.83 0.04
N GLY A 45 -1.30 -11.59 0.11
CA GLY A 45 -1.41 -10.69 -1.02
C GLY A 45 -2.67 -9.84 -0.99
N ARG A 46 -3.57 -10.13 -0.07
CA ARG A 46 -4.83 -9.42 0.04
C ARG A 46 -4.65 -8.05 0.69
N THR A 47 -3.63 -7.92 1.52
CA THR A 47 -3.41 -6.70 2.28
C THR A 47 -2.00 -6.19 2.07
N ALA A 48 -1.41 -6.52 0.92
CA ALA A 48 0.00 -6.29 0.68
C ALA A 48 0.30 -4.82 0.40
N LEU A 49 -0.52 -4.16 -0.40
CA LEU A 49 -0.23 -2.78 -0.78
C LEU A 49 -1.23 -1.84 -0.12
N ILE A 50 -0.77 -1.10 0.85
CA ILE A 50 -1.65 -0.20 1.58
C ILE A 50 -1.27 1.24 1.29
N ILE A 51 -2.19 1.94 0.63
CA ILE A 51 -1.96 3.31 0.20
C ILE A 51 -2.56 4.31 1.18
N HIS A 52 -2.31 5.58 0.93
CA HIS A 52 -2.93 6.66 1.68
C HIS A 52 -4.46 6.60 1.50
N PRO A 53 -5.23 6.92 2.57
CA PRO A 53 -6.70 7.02 2.49
C PRO A 53 -7.17 7.99 1.40
N ARG A 54 -8.47 8.32 1.41
CA ARG A 54 -9.08 9.17 0.38
C ARG A 54 -9.22 8.42 -0.95
N LEU A 55 -8.13 7.77 -1.36
CA LEU A 55 -8.08 7.06 -2.63
C LEU A 55 -8.82 5.73 -2.56
N LYS A 56 -9.58 5.52 -1.48
CA LYS A 56 -10.36 4.30 -1.33
C LYS A 56 -11.34 4.16 -2.49
N ASP A 57 -12.20 5.17 -2.67
CA ASP A 57 -13.18 5.18 -3.74
C ASP A 57 -12.50 5.19 -5.10
N ARG A 58 -11.54 6.10 -5.24
CA ARG A 58 -10.77 6.26 -6.47
C ARG A 58 -10.13 4.95 -6.91
N SER A 59 -9.29 4.40 -6.06
CA SER A 59 -8.55 3.19 -6.36
C SER A 59 -9.46 2.00 -6.63
N SER A 60 -10.68 2.01 -6.07
CA SER A 60 -11.64 0.93 -6.29
C SER A 60 -11.99 0.78 -7.78
N SER A 61 -11.70 1.82 -8.56
CA SER A 61 -11.98 1.81 -9.99
C SER A 61 -10.78 1.26 -10.77
N LEU A 62 -9.80 0.72 -10.04
CA LEU A 62 -8.60 0.17 -10.64
C LEU A 62 -8.30 -1.20 -10.04
N ALA A 63 -8.22 -1.24 -8.73
CA ALA A 63 -7.96 -2.48 -8.01
C ALA A 63 -8.74 -2.50 -6.70
N ASP A 64 -9.28 -3.66 -6.35
CA ASP A 64 -10.13 -3.77 -5.17
C ASP A 64 -9.33 -3.73 -3.87
N PRO A 65 -9.75 -2.88 -2.94
CA PRO A 65 -9.22 -2.87 -1.58
C PRO A 65 -9.81 -4.01 -0.76
N ALA A 66 -9.00 -4.58 0.12
CA ALA A 66 -9.44 -5.71 0.93
C ALA A 66 -10.35 -5.23 2.07
N SER A 67 -9.75 -4.61 3.07
CA SER A 67 -10.47 -4.14 4.23
C SER A 67 -10.94 -2.70 4.03
N ASP A 68 -11.88 -2.26 4.87
CA ASP A 68 -12.32 -0.88 4.88
C ASP A 68 -11.14 0.02 5.17
N ILE A 69 -10.71 -0.03 6.42
CA ILE A 69 -9.49 0.62 6.86
C ILE A 69 -8.75 -0.34 7.78
N LYS A 70 -7.46 -0.45 7.62
CA LYS A 70 -6.68 -1.29 8.52
C LYS A 70 -5.94 -0.41 9.50
N THR A 71 -5.83 -0.87 10.73
CA THR A 71 -5.26 -0.06 11.77
C THR A 71 -3.79 -0.39 12.01
N CYS A 72 -2.97 0.37 11.34
CA CYS A 72 -1.54 0.13 11.32
C CYS A 72 -0.85 0.68 12.57
N ASP A 73 0.47 0.54 12.58
CA ASP A 73 1.30 1.18 13.59
C ASP A 73 2.44 1.95 12.91
N HIS A 74 2.78 1.54 11.70
CA HIS A 74 3.99 2.04 11.02
C HIS A 74 3.68 3.19 10.05
N TYR A 75 2.52 3.13 9.39
CA TYR A 75 2.19 4.11 8.35
C TYR A 75 1.79 5.43 8.98
N GLN A 76 2.74 6.32 9.22
CA GLN A 76 2.46 7.60 9.87
C GLN A 76 1.48 8.44 9.05
N ASN A 77 1.86 8.75 7.81
CA ASN A 77 1.06 9.60 6.91
C ASN A 77 0.59 10.87 7.61
N PHE A 78 -0.68 10.88 7.97
CA PHE A 78 -1.38 12.08 8.48
C PHE A 78 -2.69 11.71 9.19
N PRO A 79 -3.55 10.86 8.55
CA PRO A 79 -4.89 10.50 9.06
C PRO A 79 -4.92 9.75 10.40
N LEU A 80 -3.79 9.70 11.12
CA LEU A 80 -3.74 9.10 12.46
C LEU A 80 -5.05 9.34 13.21
N TYR A 81 -5.77 8.26 13.47
CA TYR A 81 -7.15 8.32 13.96
C TYR A 81 -7.22 8.95 15.35
N LEU A 82 -7.87 10.11 15.43
CA LEU A 82 -8.15 10.74 16.71
C LEU A 82 -9.41 10.16 17.31
N GLY A 83 -9.28 9.01 17.95
CA GLY A 83 -10.43 8.33 18.52
C GLY A 83 -10.43 8.32 20.02
N GLY A 84 -10.16 9.48 20.61
CA GLY A 84 -10.16 9.60 22.05
C GLY A 84 -8.92 9.00 22.69
N GLU A 85 -9.00 7.72 23.00
CA GLU A 85 -7.92 7.05 23.71
C GLU A 85 -6.85 6.57 22.72
N THR A 86 -7.19 5.55 21.96
CA THR A 86 -6.25 4.97 21.00
C THR A 86 -6.20 5.79 19.72
N HIS A 87 -5.02 5.87 19.11
CA HIS A 87 -4.88 6.50 17.81
C HIS A 87 -4.18 5.52 16.87
N GLU A 88 -4.93 5.00 15.93
CA GLU A 88 -4.39 4.05 14.97
C GLU A 88 -4.19 4.70 13.62
N HIS A 89 -3.00 4.53 13.08
CA HIS A 89 -2.69 5.01 11.74
C HIS A 89 -3.36 4.09 10.72
N TYR A 90 -4.48 4.51 10.15
CA TYR A 90 -5.22 3.63 9.27
C TYR A 90 -4.90 3.89 7.80
N GLY A 91 -4.99 2.83 7.02
CA GLY A 91 -4.75 2.92 5.59
C GLY A 91 -5.62 1.96 4.82
N ILE A 92 -5.59 2.04 3.50
CA ILE A 92 -6.45 1.22 2.66
C ILE A 92 -5.68 0.05 2.06
N PRO A 93 -5.97 -1.19 2.51
CA PRO A 93 -5.28 -2.40 2.04
C PRO A 93 -5.70 -2.80 0.64
N HIS A 94 -4.74 -3.29 -0.14
CA HIS A 94 -4.99 -3.70 -1.52
C HIS A 94 -4.28 -5.00 -1.84
N GLY A 95 -4.44 -5.45 -3.07
CA GLY A 95 -3.80 -6.66 -3.53
C GLY A 95 -4.07 -6.89 -5.00
N PHE A 96 -3.22 -7.69 -5.62
CA PHE A 96 -3.26 -7.85 -7.08
C PHE A 96 -3.16 -9.32 -7.45
N SER A 97 -2.85 -9.57 -8.71
CA SER A 97 -2.73 -10.93 -9.21
C SER A 97 -1.78 -10.99 -10.40
N SER A 98 -1.03 -9.90 -10.59
CA SER A 98 -0.10 -9.80 -11.70
C SER A 98 0.73 -8.52 -11.58
N ARG A 99 1.99 -8.59 -11.99
CA ARG A 99 2.89 -7.44 -11.94
C ARG A 99 2.35 -6.30 -12.79
N ILE A 100 1.79 -6.64 -13.95
CA ILE A 100 1.25 -5.63 -14.86
C ILE A 100 0.11 -4.83 -14.19
N ALA A 101 -0.65 -5.49 -13.33
CA ALA A 101 -1.74 -4.82 -12.63
C ALA A 101 -1.17 -3.81 -11.65
N LEU A 102 -0.14 -4.21 -10.92
CA LEU A 102 0.56 -3.30 -10.02
C LEU A 102 1.20 -2.16 -10.81
N GLU A 103 1.72 -2.50 -11.98
CA GLU A 103 2.30 -1.50 -12.88
C GLU A 103 1.26 -0.45 -13.25
N ARG A 104 0.13 -0.93 -13.75
CA ARG A 104 -0.96 -0.05 -14.18
C ARG A 104 -1.62 0.63 -13.00
N TYR A 105 -1.47 0.05 -11.83
CA TYR A 105 -2.00 0.62 -10.61
C TYR A 105 -1.28 1.92 -10.27
N LEU A 106 0.05 1.85 -10.23
CA LEU A 106 0.87 3.03 -9.98
C LEU A 106 0.60 4.08 -11.05
N ASN A 107 0.52 3.60 -12.30
CA ASN A 107 0.26 4.44 -13.46
C ASN A 107 -1.08 5.16 -13.32
N GLY A 108 -2.14 4.38 -13.22
CA GLY A 108 -3.49 4.93 -13.20
C GLY A 108 -3.80 5.75 -11.96
N LEU A 109 -3.48 5.22 -10.78
CA LEU A 109 -3.88 5.84 -9.53
C LEU A 109 -3.10 7.11 -9.24
N PHE A 110 -1.78 7.03 -9.31
CA PHE A 110 -0.94 8.16 -8.93
C PHE A 110 -0.66 9.07 -10.13
N GLY A 111 -0.39 8.47 -11.28
CA GLY A 111 -0.09 9.26 -12.45
C GLY A 111 1.22 9.99 -12.33
N ASP A 112 2.28 9.24 -12.05
CA ASP A 112 3.58 9.80 -11.83
C ASP A 112 4.35 9.66 -13.13
N MET A 1 -2.65 -17.35 -7.24
CA MET A 1 -1.70 -16.80 -6.25
C MET A 1 -1.76 -15.29 -6.24
N TYR A 2 -1.23 -14.69 -5.19
CA TYR A 2 -1.05 -13.26 -5.12
C TYR A 2 0.42 -12.94 -5.26
N LEU A 3 0.75 -11.66 -5.30
CA LEU A 3 2.13 -11.23 -5.39
C LEU A 3 2.74 -11.12 -4.00
N ARG A 4 3.92 -11.68 -3.84
CA ARG A 4 4.65 -11.62 -2.57
C ARG A 4 4.91 -10.17 -2.19
N PRO A 5 5.00 -9.88 -0.88
CA PRO A 5 5.32 -8.53 -0.39
C PRO A 5 6.62 -8.01 -1.02
N ASP A 6 7.60 -8.90 -1.09
CA ASP A 6 8.88 -8.58 -1.74
C ASP A 6 8.65 -8.23 -3.21
N GLU A 7 7.82 -9.03 -3.87
CA GLU A 7 7.53 -8.88 -5.29
C GLU A 7 6.88 -7.53 -5.57
N VAL A 8 5.91 -7.16 -4.74
CA VAL A 8 5.22 -5.87 -4.88
C VAL A 8 6.22 -4.72 -4.77
N ALA A 9 7.05 -4.78 -3.73
CA ALA A 9 8.07 -3.76 -3.51
C ALA A 9 9.03 -3.69 -4.68
N ARG A 10 9.34 -4.85 -5.26
CA ARG A 10 10.20 -4.92 -6.43
C ARG A 10 9.62 -4.14 -7.60
N VAL A 11 8.36 -4.41 -7.93
CA VAL A 11 7.70 -3.72 -9.03
C VAL A 11 7.67 -2.22 -8.78
N LEU A 12 7.46 -1.83 -7.54
CA LEU A 12 7.52 -0.43 -7.15
C LEU A 12 8.90 0.15 -7.45
N GLU A 13 9.94 -0.59 -7.08
CA GLU A 13 11.32 -0.18 -7.34
C GLU A 13 11.55 -0.02 -8.84
N LYS A 14 11.06 -0.97 -9.61
CA LYS A 14 11.20 -0.96 -11.06
C LYS A 14 10.43 0.20 -11.68
N ALA A 15 9.38 0.62 -11.01
CA ALA A 15 8.59 1.78 -11.42
C ALA A 15 9.28 3.09 -11.02
N GLY A 16 10.38 2.99 -10.30
CA GLY A 16 11.14 4.17 -9.91
C GLY A 16 10.84 4.62 -8.49
N PHE A 17 10.27 3.73 -7.69
CA PHE A 17 9.97 4.04 -6.29
C PHE A 17 11.17 3.78 -5.40
N THR A 18 11.12 4.34 -4.21
CA THR A 18 12.21 4.27 -3.26
C THR A 18 11.69 3.95 -1.86
N VAL A 19 12.53 3.40 -1.00
CA VAL A 19 12.16 3.17 0.38
C VAL A 19 12.19 4.48 1.18
N ASP A 20 11.20 4.67 2.03
CA ASP A 20 11.12 5.86 2.86
C ASP A 20 11.41 5.49 4.31
N VAL A 21 10.74 4.45 4.77
CA VAL A 21 10.92 3.97 6.14
C VAL A 21 10.91 2.44 6.17
N VAL A 22 11.96 1.85 6.69
CA VAL A 22 12.07 0.40 6.75
C VAL A 22 11.75 -0.11 8.14
N THR A 23 10.81 -1.04 8.21
CA THR A 23 10.45 -1.68 9.46
C THR A 23 10.41 -3.20 9.24
N ASN A 24 10.61 -3.95 10.31
CA ASN A 24 10.65 -5.41 10.22
C ASN A 24 9.25 -5.98 10.01
N LYS A 25 8.29 -5.08 9.80
CA LYS A 25 6.89 -5.46 9.70
C LYS A 25 6.30 -4.89 8.40
N THR A 26 7.01 -3.92 7.82
CA THR A 26 6.46 -3.12 6.74
C THR A 26 7.58 -2.38 5.99
N TYR A 27 7.45 -2.31 4.67
CA TYR A 27 8.38 -1.53 3.86
C TYR A 27 7.71 -0.25 3.38
N GLY A 28 8.08 0.87 3.97
CA GLY A 28 7.56 2.14 3.52
C GLY A 28 8.16 2.55 2.19
N TYR A 29 7.32 2.64 1.18
CA TYR A 29 7.77 2.91 -0.17
C TYR A 29 7.14 4.18 -0.72
N ARG A 30 7.89 4.96 -1.49
CA ARG A 30 7.38 6.23 -2.00
C ARG A 30 8.11 6.65 -3.27
N ARG A 31 7.45 7.46 -4.08
CA ARG A 31 8.09 8.07 -5.24
C ARG A 31 7.70 9.54 -5.31
N GLY A 32 8.37 10.35 -4.51
CA GLY A 32 8.00 11.73 -4.38
C GLY A 32 7.07 11.95 -3.21
N GLU A 33 5.82 12.31 -3.50
CA GLU A 33 4.86 12.60 -2.45
C GLU A 33 3.75 11.56 -2.38
N ASN A 34 3.94 10.43 -3.05
CA ASN A 34 3.01 9.32 -2.92
C ASN A 34 3.62 8.23 -2.05
N TYR A 35 2.98 7.96 -0.93
CA TYR A 35 3.48 7.00 0.05
C TYR A 35 2.64 5.73 0.04
N VAL A 36 3.32 4.59 0.00
CA VAL A 36 2.66 3.30 0.13
C VAL A 36 3.43 2.43 1.12
N TYR A 37 2.73 1.60 1.86
CA TYR A 37 3.37 0.72 2.82
C TYR A 37 3.25 -0.72 2.35
N VAL A 38 4.38 -1.33 2.03
CA VAL A 38 4.40 -2.71 1.62
C VAL A 38 4.40 -3.61 2.85
N ASN A 39 3.27 -4.21 3.12
CA ASN A 39 3.08 -5.03 4.29
C ASN A 39 3.72 -6.39 4.10
N ARG A 40 4.66 -6.76 4.96
CA ARG A 40 5.27 -8.08 4.84
C ARG A 40 4.49 -9.09 5.67
N GLU A 41 3.33 -8.67 6.14
CA GLU A 41 2.41 -9.54 6.85
C GLU A 41 1.46 -10.19 5.85
N ALA A 42 1.76 -10.05 4.57
CA ALA A 42 0.96 -10.65 3.52
C ALA A 42 1.07 -12.16 3.55
N ARG A 43 0.29 -12.77 4.44
CA ARG A 43 0.31 -14.21 4.67
C ARG A 43 0.00 -14.98 3.39
N MET A 44 -0.87 -14.42 2.55
CA MET A 44 -1.23 -15.04 1.30
C MET A 44 -0.78 -14.16 0.13
N GLY A 45 0.10 -13.21 0.43
CA GLY A 45 0.52 -12.24 -0.57
C GLY A 45 -0.59 -11.26 -0.93
N ARG A 46 -1.63 -11.24 -0.10
CA ARG A 46 -2.81 -10.43 -0.39
C ARG A 46 -2.59 -8.97 -0.03
N THR A 47 -2.68 -8.66 1.26
CA THR A 47 -2.68 -7.28 1.74
C THR A 47 -1.27 -6.68 1.76
N ALA A 48 -0.49 -6.92 0.72
CA ALA A 48 0.88 -6.45 0.66
C ALA A 48 0.96 -4.95 0.34
N LEU A 49 0.08 -4.46 -0.53
CA LEU A 49 0.16 -3.07 -0.94
C LEU A 49 -0.89 -2.22 -0.22
N ILE A 50 -0.42 -1.42 0.71
CA ILE A 50 -1.29 -0.57 1.49
C ILE A 50 -0.96 0.90 1.24
N ILE A 51 -1.91 1.63 0.69
CA ILE A 51 -1.67 3.00 0.26
C ILE A 51 -2.21 4.00 1.26
N HIS A 52 -1.85 5.26 1.07
CA HIS A 52 -2.40 6.37 1.84
C HIS A 52 -3.90 6.49 1.58
N PRO A 53 -4.70 6.79 2.62
CA PRO A 53 -6.13 7.11 2.45
C PRO A 53 -6.37 8.28 1.49
N ARG A 54 -7.57 8.85 1.52
CA ARG A 54 -8.00 9.96 0.62
C ARG A 54 -8.04 9.52 -0.85
N LEU A 55 -7.16 8.60 -1.24
CA LEU A 55 -7.11 8.06 -2.59
C LEU A 55 -7.97 6.82 -2.72
N LYS A 56 -8.85 6.60 -1.75
CA LYS A 56 -9.71 5.41 -1.75
C LYS A 56 -10.59 5.38 -2.98
N ASP A 57 -11.36 6.46 -3.18
CA ASP A 57 -12.25 6.58 -4.33
C ASP A 57 -11.48 6.50 -5.65
N ARG A 58 -10.30 7.10 -5.67
CA ARG A 58 -9.44 7.09 -6.86
C ARG A 58 -8.94 5.68 -7.15
N SER A 59 -8.27 5.09 -6.17
CA SER A 59 -7.69 3.75 -6.32
C SER A 59 -8.74 2.70 -6.61
N SER A 60 -9.94 2.88 -6.05
CA SER A 60 -11.02 1.91 -6.19
C SER A 60 -11.39 1.71 -7.67
N SER A 61 -11.24 2.75 -8.47
CA SER A 61 -11.57 2.68 -9.89
C SER A 61 -10.57 1.80 -10.65
N LEU A 62 -9.44 1.53 -10.01
CA LEU A 62 -8.40 0.71 -10.62
C LEU A 62 -8.32 -0.64 -9.92
N ALA A 63 -8.00 -0.61 -8.65
CA ALA A 63 -7.85 -1.82 -7.86
C ALA A 63 -8.62 -1.69 -6.54
N ASP A 64 -9.46 -2.67 -6.26
CA ASP A 64 -10.30 -2.63 -5.07
C ASP A 64 -9.48 -2.93 -3.82
N PRO A 65 -9.92 -2.44 -2.66
CA PRO A 65 -9.27 -2.73 -1.39
C PRO A 65 -9.51 -4.18 -0.95
N ALA A 66 -8.46 -4.80 -0.41
CA ALA A 66 -8.56 -6.18 0.05
C ALA A 66 -9.58 -6.29 1.18
N SER A 67 -9.40 -5.47 2.20
CA SER A 67 -10.35 -5.38 3.27
C SER A 67 -11.20 -4.13 3.10
N ASP A 68 -10.55 -3.08 3.44
CA ASP A 68 -11.04 -1.71 3.31
C ASP A 68 -9.93 -0.80 3.74
N ILE A 69 -9.61 -0.90 5.02
CA ILE A 69 -8.49 -0.24 5.63
C ILE A 69 -7.80 -1.19 6.59
N LYS A 70 -6.52 -1.01 6.79
CA LYS A 70 -5.76 -1.85 7.71
C LYS A 70 -5.19 -0.99 8.82
N THR A 71 -5.76 -1.14 10.01
CA THR A 71 -5.32 -0.40 11.17
C THR A 71 -4.28 -1.19 11.95
N CYS A 72 -3.05 -0.68 11.99
CA CYS A 72 -1.95 -1.42 12.60
C CYS A 72 -0.65 -0.67 12.46
N ASP A 73 0.42 -1.38 12.80
CA ASP A 73 1.72 -0.78 12.93
C ASP A 73 2.25 -0.25 11.61
N HIS A 74 2.42 1.07 11.61
CA HIS A 74 3.24 1.81 10.65
C HIS A 74 2.43 2.38 9.50
N TYR A 75 1.13 2.55 9.70
CA TYR A 75 0.29 3.13 8.67
C TYR A 75 -0.18 4.51 9.08
N GLN A 76 0.77 5.36 9.47
CA GLN A 76 0.45 6.70 9.96
C GLN A 76 -0.39 7.47 8.96
N ASN A 77 0.22 7.86 7.84
CA ASN A 77 -0.48 8.56 6.76
C ASN A 77 -1.02 9.93 7.17
N PHE A 78 -0.74 10.33 8.43
CA PHE A 78 -1.22 11.59 9.05
C PHE A 78 -2.43 11.40 10.00
N PRO A 79 -3.60 10.94 9.52
CA PRO A 79 -4.86 11.01 10.30
C PRO A 79 -4.86 10.17 11.57
N LEU A 80 -4.60 8.87 11.44
CA LEU A 80 -4.71 7.91 12.54
C LEU A 80 -6.19 7.69 12.89
N TYR A 81 -6.60 6.45 13.07
CA TYR A 81 -7.98 6.17 13.42
C TYR A 81 -8.15 6.22 14.94
N LEU A 82 -8.64 7.34 15.44
CA LEU A 82 -8.83 7.54 16.87
C LEU A 82 -10.21 7.06 17.32
N GLY A 83 -11.10 6.83 16.36
CA GLY A 83 -12.47 6.46 16.68
C GLY A 83 -12.61 5.01 17.12
N GLY A 84 -12.14 4.72 18.32
CA GLY A 84 -12.27 3.39 18.88
C GLY A 84 -11.54 3.26 20.20
N GLU A 85 -11.44 4.39 20.90
CA GLU A 85 -10.66 4.51 22.14
C GLU A 85 -9.17 4.21 21.88
N THR A 86 -8.85 2.95 21.73
CA THR A 86 -7.49 2.56 21.35
C THR A 86 -7.24 3.00 19.92
N HIS A 87 -6.26 3.88 19.73
CA HIS A 87 -6.04 4.47 18.42
C HIS A 87 -5.05 3.62 17.64
N GLU A 88 -5.25 3.54 16.34
CA GLU A 88 -4.39 2.76 15.47
C GLU A 88 -4.30 3.40 14.10
N HIS A 89 -3.09 3.46 13.55
CA HIS A 89 -2.85 4.10 12.27
C HIS A 89 -3.41 3.21 11.16
N TYR A 90 -3.96 3.82 10.11
CA TYR A 90 -4.66 3.05 9.09
C TYR A 90 -4.22 3.42 7.68
N GLY A 91 -4.16 2.40 6.83
CA GLY A 91 -3.94 2.59 5.41
C GLY A 91 -4.87 1.72 4.61
N ILE A 92 -4.85 1.84 3.29
CA ILE A 92 -5.77 1.09 2.44
C ILE A 92 -5.05 -0.09 1.76
N PRO A 93 -5.36 -1.33 2.17
CA PRO A 93 -4.71 -2.51 1.63
C PRO A 93 -5.38 -3.01 0.36
N HIS A 94 -4.59 -3.63 -0.50
CA HIS A 94 -5.08 -4.16 -1.77
C HIS A 94 -4.55 -5.58 -1.95
N GLY A 95 -4.51 -6.05 -3.19
CA GLY A 95 -3.85 -7.29 -3.51
C GLY A 95 -3.89 -7.54 -5.01
N PHE A 96 -2.95 -8.34 -5.50
CA PHE A 96 -2.79 -8.52 -6.93
C PHE A 96 -2.36 -9.93 -7.26
N SER A 97 -3.06 -10.56 -8.19
CA SER A 97 -2.73 -11.90 -8.63
C SER A 97 -1.66 -11.88 -9.73
N SER A 98 -1.42 -10.71 -10.32
CA SER A 98 -0.47 -10.60 -11.42
C SER A 98 0.29 -9.28 -11.40
N ARG A 99 1.53 -9.34 -11.86
CA ARG A 99 2.41 -8.18 -11.90
C ARG A 99 1.84 -7.08 -12.77
N ILE A 100 1.45 -7.41 -14.00
CA ILE A 100 0.93 -6.42 -14.93
C ILE A 100 -0.31 -5.74 -14.39
N ALA A 101 -1.09 -6.47 -13.61
CA ALA A 101 -2.25 -5.89 -12.96
C ALA A 101 -1.81 -4.72 -12.11
N LEU A 102 -0.86 -4.99 -11.22
CA LEU A 102 -0.24 -3.94 -10.40
C LEU A 102 0.40 -2.87 -11.30
N GLU A 103 1.09 -3.33 -12.35
CA GLU A 103 1.75 -2.44 -13.30
C GLU A 103 0.79 -1.36 -13.81
N ARG A 104 -0.36 -1.79 -14.31
CA ARG A 104 -1.35 -0.87 -14.88
C ARG A 104 -1.92 0.05 -13.82
N TYR A 105 -2.21 -0.50 -12.64
CA TYR A 105 -2.85 0.27 -11.59
C TYR A 105 -1.92 1.33 -11.03
N LEU A 106 -0.64 1.00 -10.93
CA LEU A 106 0.37 1.98 -10.53
C LEU A 106 0.39 3.14 -11.52
N ASN A 107 0.25 2.80 -12.79
CA ASN A 107 0.29 3.77 -13.88
C ASN A 107 -0.80 4.83 -13.73
N GLY A 108 -1.99 4.42 -13.33
CA GLY A 108 -3.09 5.35 -13.24
C GLY A 108 -3.17 6.01 -11.87
N LEU A 109 -2.80 5.28 -10.83
CA LEU A 109 -2.92 5.77 -9.47
C LEU A 109 -1.75 6.68 -9.09
N PHE A 110 -0.53 6.22 -9.32
CA PHE A 110 0.66 6.97 -8.89
C PHE A 110 1.52 7.38 -10.07
N GLY A 111 1.12 7.01 -11.27
CA GLY A 111 1.92 7.26 -12.46
C GLY A 111 2.03 8.74 -12.79
N ASP A 112 0.90 9.33 -13.21
CA ASP A 112 0.82 10.68 -13.65
C ASP A 112 1.42 10.85 -15.01
N MET A 1 -5.12 -15.40 -8.56
CA MET A 1 -4.08 -15.48 -7.50
C MET A 1 -3.88 -14.12 -6.86
N TYR A 2 -2.83 -14.01 -6.06
CA TYR A 2 -2.40 -12.73 -5.53
C TYR A 2 -0.89 -12.58 -5.71
N LEU A 3 -0.36 -11.47 -5.20
CA LEU A 3 1.06 -11.20 -5.30
C LEU A 3 1.72 -11.25 -3.93
N ARG A 4 2.74 -12.08 -3.82
CA ARG A 4 3.54 -12.19 -2.60
C ARG A 4 4.13 -10.83 -2.23
N PRO A 5 4.12 -10.47 -0.92
CA PRO A 5 4.56 -9.15 -0.44
C PRO A 5 5.96 -8.79 -0.92
N ASP A 6 6.82 -9.79 -1.03
CA ASP A 6 8.18 -9.61 -1.55
C ASP A 6 8.15 -9.08 -2.98
N GLU A 7 7.28 -9.67 -3.79
CA GLU A 7 7.15 -9.28 -5.20
C GLU A 7 6.71 -7.83 -5.32
N VAL A 8 5.69 -7.46 -4.53
CA VAL A 8 5.12 -6.11 -4.56
C VAL A 8 6.20 -5.04 -4.34
N ALA A 9 7.01 -5.24 -3.32
CA ALA A 9 8.06 -4.28 -2.97
C ALA A 9 9.05 -4.12 -4.12
N ARG A 10 9.52 -5.25 -4.64
CA ARG A 10 10.52 -5.26 -5.70
C ARG A 10 9.99 -4.57 -6.96
N VAL A 11 8.70 -4.78 -7.25
CA VAL A 11 8.06 -4.11 -8.39
C VAL A 11 8.12 -2.60 -8.23
N LEU A 12 7.81 -2.12 -7.03
CA LEU A 12 7.82 -0.69 -6.75
C LEU A 12 9.20 -0.09 -7.01
N GLU A 13 10.23 -0.74 -6.47
CA GLU A 13 11.60 -0.28 -6.64
C GLU A 13 11.94 -0.20 -8.14
N LYS A 14 11.54 -1.23 -8.88
CA LYS A 14 11.78 -1.31 -10.31
C LYS A 14 11.01 -0.21 -11.05
N ALA A 15 9.83 0.07 -10.55
CA ALA A 15 8.95 1.09 -11.14
C ALA A 15 9.43 2.52 -10.86
N GLY A 16 10.62 2.65 -10.29
CA GLY A 16 11.21 3.96 -10.10
C GLY A 16 10.80 4.59 -8.79
N PHE A 17 10.68 3.78 -7.76
CA PHE A 17 10.29 4.26 -6.44
C PHE A 17 11.50 4.41 -5.52
N THR A 18 11.24 4.86 -4.30
CA THR A 18 12.25 5.01 -3.28
C THR A 18 11.69 4.57 -1.93
N VAL A 19 12.58 4.23 -0.99
CA VAL A 19 12.15 3.77 0.33
C VAL A 19 12.45 4.82 1.40
N ASP A 20 11.47 5.11 2.25
CA ASP A 20 11.69 6.06 3.34
C ASP A 20 11.99 5.32 4.63
N VAL A 21 11.37 4.16 4.79
CA VAL A 21 11.54 3.39 6.00
C VAL A 21 11.52 1.90 5.68
N VAL A 22 12.36 1.13 6.36
CA VAL A 22 12.40 -0.30 6.16
C VAL A 22 12.38 -1.04 7.49
N THR A 23 11.34 -1.83 7.70
CA THR A 23 11.21 -2.60 8.93
C THR A 23 10.92 -4.05 8.58
N ASN A 24 11.20 -4.94 9.52
CA ASN A 24 10.98 -6.37 9.31
C ASN A 24 9.49 -6.68 9.19
N LYS A 25 8.67 -5.71 9.57
CA LYS A 25 7.23 -5.84 9.49
C LYS A 25 6.69 -5.33 8.16
N THR A 26 7.31 -4.29 7.61
CA THR A 26 6.79 -3.63 6.42
C THR A 26 7.77 -2.62 5.83
N TYR A 27 7.66 -2.40 4.53
CA TYR A 27 8.48 -1.42 3.83
C TYR A 27 7.71 -0.13 3.63
N GLY A 28 8.40 0.99 3.76
CA GLY A 28 7.81 2.27 3.43
C GLY A 28 8.34 2.79 2.12
N TYR A 29 7.49 2.79 1.11
CA TYR A 29 7.90 3.16 -0.23
C TYR A 29 7.22 4.43 -0.70
N ARG A 30 7.88 5.17 -1.58
CA ARG A 30 7.34 6.42 -2.07
C ARG A 30 7.94 6.77 -3.43
N ARG A 31 7.22 7.55 -4.22
CA ARG A 31 7.73 8.10 -5.47
C ARG A 31 7.26 9.54 -5.60
N GLY A 32 8.08 10.45 -5.11
CA GLY A 32 7.67 11.83 -5.03
C GLY A 32 6.82 12.07 -3.81
N GLU A 33 5.67 12.69 -4.00
CA GLU A 33 4.73 12.94 -2.90
C GLU A 33 3.68 11.84 -2.85
N ASN A 34 3.96 10.73 -3.52
CA ASN A 34 3.07 9.59 -3.52
C ASN A 34 3.69 8.45 -2.73
N TYR A 35 2.94 7.88 -1.79
CA TYR A 35 3.49 6.93 -0.84
C TYR A 35 2.74 5.59 -0.88
N VAL A 36 3.48 4.51 -0.66
CA VAL A 36 2.92 3.17 -0.62
C VAL A 36 3.69 2.30 0.38
N TYR A 37 3.00 1.77 1.36
CA TYR A 37 3.64 0.91 2.36
C TYR A 37 3.44 -0.55 1.97
N VAL A 38 4.53 -1.28 1.88
CA VAL A 38 4.49 -2.70 1.50
C VAL A 38 4.50 -3.56 2.74
N ASN A 39 3.40 -4.22 3.01
CA ASN A 39 3.24 -4.96 4.25
C ASN A 39 3.68 -6.40 4.09
N ARG A 40 4.50 -6.88 5.02
CA ARG A 40 4.97 -8.26 5.00
C ARG A 40 3.97 -9.17 5.70
N GLU A 41 3.01 -8.56 6.40
CA GLU A 41 2.05 -9.31 7.19
C GLU A 41 0.99 -9.97 6.30
N ALA A 42 1.15 -9.82 4.99
CA ALA A 42 0.20 -10.38 4.05
C ALA A 42 0.67 -11.75 3.57
N ARG A 43 0.29 -12.79 4.29
CA ARG A 43 0.65 -14.14 3.91
C ARG A 43 -0.23 -14.60 2.76
N MET A 44 -1.45 -14.08 2.72
CA MET A 44 -2.37 -14.37 1.63
C MET A 44 -2.14 -13.42 0.46
N GLY A 45 -1.30 -12.41 0.68
CA GLY A 45 -1.03 -11.41 -0.33
C GLY A 45 -2.23 -10.53 -0.60
N ARG A 46 -3.09 -10.37 0.41
CA ARG A 46 -4.34 -9.65 0.24
C ARG A 46 -4.26 -8.27 0.88
N THR A 47 -3.23 -8.03 1.68
CA THR A 47 -3.06 -6.76 2.37
C THR A 47 -1.61 -6.27 2.24
N ALA A 48 -0.97 -6.67 1.15
CA ALA A 48 0.46 -6.41 0.96
C ALA A 48 0.74 -4.96 0.59
N LEU A 49 -0.21 -4.29 -0.03
CA LEU A 49 0.03 -2.93 -0.49
C LEU A 49 -0.97 -1.96 0.12
N ILE A 50 -0.45 -1.02 0.89
CA ILE A 50 -1.28 -0.03 1.53
C ILE A 50 -0.88 1.36 1.05
N ILE A 51 -1.76 2.00 0.30
CA ILE A 51 -1.46 3.28 -0.31
C ILE A 51 -1.74 4.46 0.64
N HIS A 52 -2.99 4.86 0.73
CA HIS A 52 -3.40 6.03 1.49
C HIS A 52 -4.92 6.20 1.34
N PRO A 53 -5.61 6.73 2.36
CA PRO A 53 -7.01 7.17 2.22
C PRO A 53 -7.20 8.17 1.08
N ARG A 54 -8.37 8.79 0.99
CA ARG A 54 -8.69 9.73 -0.09
C ARG A 54 -8.91 9.00 -1.42
N LEU A 55 -7.99 8.10 -1.74
CA LEU A 55 -8.01 7.37 -3.01
C LEU A 55 -8.87 6.12 -2.94
N LYS A 56 -9.71 6.04 -1.93
CA LYS A 56 -10.54 4.86 -1.68
C LYS A 56 -11.37 4.49 -2.91
N ASP A 57 -12.33 5.34 -3.25
CA ASP A 57 -13.25 5.04 -4.35
C ASP A 57 -12.53 5.12 -5.68
N ARG A 58 -11.58 6.04 -5.77
CA ARG A 58 -10.73 6.20 -6.95
C ARG A 58 -10.02 4.88 -7.28
N SER A 59 -9.24 4.39 -6.33
CA SER A 59 -8.48 3.16 -6.51
C SER A 59 -9.37 1.95 -6.78
N SER A 60 -10.59 1.98 -6.25
CA SER A 60 -11.49 0.82 -6.36
C SER A 60 -11.81 0.46 -7.82
N SER A 61 -11.76 1.44 -8.72
CA SER A 61 -12.01 1.17 -10.13
C SER A 61 -10.79 0.54 -10.78
N LEU A 62 -9.62 0.81 -10.22
CA LEU A 62 -8.36 0.33 -10.77
C LEU A 62 -8.00 -1.02 -10.18
N ALA A 63 -7.88 -1.07 -8.86
CA ALA A 63 -7.52 -2.27 -8.14
C ALA A 63 -8.31 -2.36 -6.85
N ASP A 64 -8.88 -3.53 -6.61
CA ASP A 64 -9.78 -3.72 -5.48
C ASP A 64 -9.04 -3.66 -4.16
N PRO A 65 -9.59 -2.90 -3.20
CA PRO A 65 -9.12 -2.90 -1.82
C PRO A 65 -9.71 -4.08 -1.06
N ALA A 66 -8.89 -4.76 -0.29
CA ALA A 66 -9.34 -5.95 0.44
C ALA A 66 -10.29 -5.57 1.57
N SER A 67 -9.75 -4.89 2.56
CA SER A 67 -10.53 -4.44 3.69
C SER A 67 -10.93 -2.98 3.50
N ASP A 68 -11.50 -2.38 4.54
CA ASP A 68 -11.84 -0.97 4.49
C ASP A 68 -10.60 -0.15 4.76
N ILE A 69 -10.02 -0.39 5.92
CA ILE A 69 -8.79 0.25 6.34
C ILE A 69 -8.00 -0.70 7.22
N LYS A 70 -6.70 -0.53 7.24
CA LYS A 70 -5.82 -1.32 8.09
C LYS A 70 -4.91 -0.40 8.87
N THR A 71 -4.82 -0.61 10.16
CA THR A 71 -3.99 0.22 11.01
C THR A 71 -2.73 -0.51 11.43
N CYS A 72 -1.71 0.27 11.79
CA CYS A 72 -0.46 -0.26 12.28
C CYS A 72 0.32 0.88 12.94
N ASP A 73 1.52 0.58 13.43
CA ASP A 73 2.32 1.59 14.14
C ASP A 73 3.42 2.15 13.24
N HIS A 74 3.78 1.41 12.21
CA HIS A 74 4.94 1.76 11.39
C HIS A 74 4.62 2.79 10.30
N TYR A 75 3.48 2.67 9.63
CA TYR A 75 3.16 3.57 8.52
C TYR A 75 2.78 4.95 9.05
N GLN A 76 3.75 5.83 9.28
CA GLN A 76 3.45 7.09 9.91
C GLN A 76 2.81 8.10 8.96
N ASN A 77 3.17 8.06 7.68
CA ASN A 77 2.73 9.11 6.76
C ASN A 77 1.30 8.92 6.31
N PHE A 78 0.40 9.21 7.24
CA PHE A 78 -1.03 9.20 7.01
C PHE A 78 -1.62 10.31 7.85
N PRO A 79 -2.93 10.55 7.79
CA PRO A 79 -3.59 11.47 8.71
C PRO A 79 -3.38 11.03 10.17
N LEU A 80 -3.16 9.72 10.34
CA LEU A 80 -2.99 9.10 11.66
C LEU A 80 -4.28 9.27 12.47
N TYR A 81 -4.97 8.15 12.66
CA TYR A 81 -6.32 8.13 13.25
C TYR A 81 -6.37 8.91 14.56
N LEU A 82 -7.13 9.99 14.57
CA LEU A 82 -7.31 10.80 15.76
C LEU A 82 -8.41 10.22 16.63
N GLY A 83 -8.30 10.46 17.93
CA GLY A 83 -9.25 9.91 18.87
C GLY A 83 -8.71 9.99 20.28
N GLY A 84 -9.41 9.38 21.21
CA GLY A 84 -8.96 9.37 22.59
C GLY A 84 -7.95 8.27 22.85
N GLU A 85 -7.79 7.39 21.86
CA GLU A 85 -6.85 6.29 21.95
C GLU A 85 -5.43 6.74 21.61
N THR A 86 -4.55 5.77 21.44
CA THR A 86 -3.13 6.02 21.22
C THR A 86 -2.86 6.59 19.82
N HIS A 87 -3.90 6.66 19.00
CA HIS A 87 -3.80 7.11 17.61
C HIS A 87 -3.09 6.04 16.77
N GLU A 88 -3.81 5.47 15.82
CA GLU A 88 -3.29 4.37 15.04
C GLU A 88 -3.18 4.77 13.57
N HIS A 89 -2.14 4.30 12.92
CA HIS A 89 -1.86 4.70 11.55
C HIS A 89 -2.68 3.87 10.58
N TYR A 90 -3.71 4.46 9.99
CA TYR A 90 -4.62 3.71 9.14
C TYR A 90 -4.34 3.98 7.66
N GLY A 91 -4.35 2.90 6.89
CA GLY A 91 -4.25 3.00 5.46
C GLY A 91 -5.21 2.05 4.79
N ILE A 92 -5.24 2.02 3.47
CA ILE A 92 -6.16 1.16 2.76
C ILE A 92 -5.41 -0.01 2.10
N PRO A 93 -5.68 -1.24 2.57
CA PRO A 93 -5.01 -2.44 2.08
C PRO A 93 -5.52 -2.89 0.70
N HIS A 94 -4.61 -3.33 -0.14
CA HIS A 94 -4.94 -3.75 -1.49
C HIS A 94 -4.31 -5.10 -1.79
N GLY A 95 -4.52 -5.56 -3.02
CA GLY A 95 -3.97 -6.83 -3.45
C GLY A 95 -4.26 -7.06 -4.92
N PHE A 96 -3.48 -7.90 -5.54
CA PHE A 96 -3.52 -8.06 -7.00
C PHE A 96 -3.41 -9.52 -7.37
N SER A 97 -3.03 -9.75 -8.62
CA SER A 97 -2.77 -11.08 -9.14
C SER A 97 -1.79 -10.96 -10.30
N SER A 98 -1.97 -9.91 -11.10
CA SER A 98 -1.09 -9.64 -12.22
C SER A 98 -0.13 -8.48 -11.90
N ARG A 99 1.16 -8.73 -12.12
CA ARG A 99 2.20 -7.72 -11.87
C ARG A 99 2.00 -6.46 -12.70
N ILE A 100 1.71 -6.64 -14.00
CA ILE A 100 1.49 -5.50 -14.89
C ILE A 100 0.32 -4.64 -14.40
N ALA A 101 -0.67 -5.27 -13.76
CA ALA A 101 -1.77 -4.53 -13.17
C ALA A 101 -1.22 -3.58 -12.13
N LEU A 102 -0.48 -4.14 -11.17
CA LEU A 102 0.18 -3.34 -10.13
C LEU A 102 1.02 -2.22 -10.76
N GLU A 103 1.78 -2.57 -11.78
CA GLU A 103 2.65 -1.63 -12.47
C GLU A 103 1.85 -0.41 -12.95
N ARG A 104 0.96 -0.64 -13.89
CA ARG A 104 0.22 0.45 -14.52
C ARG A 104 -0.80 1.06 -13.55
N TYR A 105 -1.19 0.28 -12.56
CA TYR A 105 -2.06 0.76 -11.49
C TYR A 105 -1.40 1.93 -10.76
N LEU A 106 -0.11 1.80 -10.47
CA LEU A 106 0.65 2.84 -9.81
C LEU A 106 0.57 4.14 -10.62
N ASN A 107 0.72 4.00 -11.92
CA ASN A 107 0.69 5.14 -12.82
C ASN A 107 -0.71 5.72 -12.92
N GLY A 108 -1.71 4.85 -13.09
CA GLY A 108 -3.08 5.31 -13.25
C GLY A 108 -3.69 5.84 -11.96
N LEU A 109 -3.19 5.37 -10.83
CA LEU A 109 -3.68 5.82 -9.54
C LEU A 109 -3.14 7.18 -9.21
N PHE A 110 -1.82 7.28 -9.11
CA PHE A 110 -1.17 8.52 -8.69
C PHE A 110 -1.35 9.62 -9.71
N GLY A 111 -1.21 9.30 -10.99
CA GLY A 111 -1.49 10.27 -12.00
C GLY A 111 -2.04 9.63 -13.26
N ASP A 112 -1.35 9.92 -14.34
CA ASP A 112 -1.70 9.56 -15.66
C ASP A 112 -0.97 10.58 -16.47
N MET A 1 -2.52 -17.22 -7.53
CA MET A 1 -1.81 -16.74 -6.33
C MET A 1 -1.95 -15.24 -6.20
N TYR A 2 -1.60 -14.72 -5.04
CA TYR A 2 -1.54 -13.29 -4.83
C TYR A 2 -0.10 -12.83 -4.73
N LEU A 3 0.14 -11.59 -5.10
CA LEU A 3 1.49 -11.04 -5.09
C LEU A 3 1.99 -10.87 -3.66
N ARG A 4 3.00 -11.64 -3.33
CA ARG A 4 3.64 -11.53 -2.04
C ARG A 4 4.49 -10.26 -1.98
N PRO A 5 4.78 -9.77 -0.76
CA PRO A 5 5.44 -8.48 -0.51
C PRO A 5 6.65 -8.22 -1.41
N ASP A 6 7.45 -9.25 -1.65
CA ASP A 6 8.64 -9.12 -2.50
C ASP A 6 8.28 -8.69 -3.91
N GLU A 7 7.26 -9.34 -4.50
CA GLU A 7 6.84 -9.02 -5.86
C GLU A 7 6.30 -7.60 -5.94
N VAL A 8 5.63 -7.17 -4.87
CA VAL A 8 5.10 -5.82 -4.79
C VAL A 8 6.24 -4.81 -4.85
N ALA A 9 7.26 -5.05 -4.03
CA ALA A 9 8.44 -4.20 -4.00
C ALA A 9 9.13 -4.15 -5.37
N ARG A 10 9.14 -5.29 -6.06
CA ARG A 10 9.75 -5.40 -7.38
C ARG A 10 9.16 -4.39 -8.35
N VAL A 11 7.83 -4.35 -8.39
CA VAL A 11 7.13 -3.46 -9.30
C VAL A 11 7.35 -1.99 -8.91
N LEU A 12 7.31 -1.72 -7.62
CA LEU A 12 7.53 -0.36 -7.12
C LEU A 12 8.92 0.14 -7.52
N GLU A 13 9.92 -0.71 -7.30
CA GLU A 13 11.31 -0.37 -7.64
C GLU A 13 11.42 0.00 -9.12
N LYS A 14 10.70 -0.74 -9.94
CA LYS A 14 10.65 -0.48 -11.38
C LYS A 14 9.98 0.85 -11.67
N ALA A 15 8.87 1.07 -10.99
CA ALA A 15 8.05 2.27 -11.18
C ALA A 15 8.78 3.56 -10.76
N GLY A 16 9.97 3.41 -10.20
CA GLY A 16 10.75 4.58 -9.81
C GLY A 16 10.60 4.90 -8.33
N PHE A 17 10.32 3.87 -7.55
CA PHE A 17 10.12 4.03 -6.12
C PHE A 17 11.39 3.70 -5.35
N THR A 18 11.54 4.34 -4.19
CA THR A 18 12.65 4.06 -3.30
C THR A 18 12.13 3.90 -1.87
N VAL A 19 12.78 3.07 -1.08
CA VAL A 19 12.33 2.84 0.29
C VAL A 19 12.95 3.87 1.24
N ASP A 20 12.13 4.39 2.14
CA ASP A 20 12.59 5.35 3.14
C ASP A 20 12.80 4.66 4.47
N VAL A 21 11.77 3.97 4.93
CA VAL A 21 11.81 3.31 6.23
C VAL A 21 11.56 1.82 6.07
N VAL A 22 12.31 1.01 6.81
CA VAL A 22 12.00 -0.40 6.88
C VAL A 22 11.75 -0.79 8.33
N THR A 23 10.63 -1.45 8.54
CA THR A 23 10.31 -2.00 9.84
C THR A 23 10.07 -3.48 9.66
N ASN A 24 10.06 -4.24 10.74
CA ASN A 24 9.80 -5.68 10.66
C ASN A 24 8.34 -5.93 10.26
N LYS A 25 7.61 -4.84 10.05
CA LYS A 25 6.21 -4.90 9.67
C LYS A 25 6.01 -4.39 8.24
N THR A 26 6.83 -3.42 7.83
CA THR A 26 6.55 -2.67 6.59
C THR A 26 7.79 -2.28 5.83
N TYR A 27 7.58 -2.02 4.55
CA TYR A 27 8.50 -1.23 3.78
C TYR A 27 7.86 0.12 3.48
N GLY A 28 8.40 1.18 4.07
CA GLY A 28 7.91 2.51 3.79
C GLY A 28 8.46 3.02 2.49
N TYR A 29 7.71 2.80 1.43
CA TYR A 29 8.15 3.10 0.09
C TYR A 29 7.68 4.47 -0.36
N ARG A 30 8.55 5.21 -1.02
CA ARG A 30 8.21 6.57 -1.42
C ARG A 30 8.74 6.91 -2.81
N ARG A 31 7.97 7.71 -3.52
CA ARG A 31 8.38 8.29 -4.78
C ARG A 31 7.90 9.73 -4.83
N GLY A 32 8.74 10.64 -4.37
CA GLY A 32 8.31 12.01 -4.22
C GLY A 32 7.32 12.15 -3.09
N GLU A 33 6.07 12.49 -3.43
CA GLU A 33 5.01 12.57 -2.43
C GLU A 33 4.15 11.31 -2.46
N ASN A 34 4.63 10.29 -3.16
CA ASN A 34 3.94 9.01 -3.22
C ASN A 34 4.45 8.12 -2.09
N TYR A 35 3.72 8.08 -0.99
CA TYR A 35 4.13 7.27 0.16
C TYR A 35 3.22 6.07 0.34
N VAL A 36 3.79 4.88 0.23
CA VAL A 36 3.06 3.65 0.40
C VAL A 36 3.78 2.73 1.37
N TYR A 37 3.03 1.85 2.02
CA TYR A 37 3.59 0.91 2.98
C TYR A 37 3.40 -0.51 2.47
N VAL A 38 4.48 -1.21 2.19
CA VAL A 38 4.40 -2.59 1.78
C VAL A 38 4.43 -3.49 3.01
N ASN A 39 3.40 -4.29 3.17
CA ASN A 39 3.29 -5.16 4.34
C ASN A 39 4.26 -6.34 4.21
N ARG A 40 5.17 -6.46 5.17
CA ARG A 40 6.21 -7.50 5.11
C ARG A 40 5.75 -8.80 5.74
N GLU A 41 4.46 -8.87 6.07
CA GLU A 41 3.91 -10.03 6.73
C GLU A 41 2.83 -10.67 5.87
N ALA A 42 2.77 -10.25 4.61
CA ALA A 42 1.72 -10.69 3.73
C ALA A 42 2.03 -12.03 3.09
N ARG A 43 1.56 -13.10 3.71
CA ARG A 43 1.65 -14.42 3.11
C ARG A 43 0.58 -14.51 2.03
N MET A 44 -0.51 -13.81 2.28
CA MET A 44 -1.58 -13.67 1.32
C MET A 44 -1.64 -12.22 0.86
N GLY A 45 -1.28 -11.98 -0.40
CA GLY A 45 -1.27 -10.63 -0.94
C GLY A 45 -2.65 -10.02 -1.13
N ARG A 46 -3.46 -10.03 -0.08
CA ARG A 46 -4.70 -9.28 -0.06
C ARG A 46 -4.50 -7.98 0.72
N THR A 47 -3.48 -7.99 1.54
CA THR A 47 -3.10 -6.85 2.36
C THR A 47 -1.59 -6.78 2.37
N ALA A 48 -1.10 -5.93 1.50
CA ALA A 48 0.34 -5.82 1.27
C ALA A 48 0.66 -4.50 0.61
N LEU A 49 -0.25 -4.01 -0.22
CA LEU A 49 -0.07 -2.69 -0.81
C LEU A 49 -0.95 -1.67 -0.09
N ILE A 50 -0.38 -0.97 0.88
CA ILE A 50 -1.09 0.09 1.58
C ILE A 50 -0.77 1.43 0.92
N ILE A 51 -1.77 2.01 0.26
CA ILE A 51 -1.53 3.19 -0.57
C ILE A 51 -2.04 4.48 0.06
N HIS A 52 -2.29 4.47 1.36
CA HIS A 52 -2.81 5.65 2.06
C HIS A 52 -4.30 5.87 1.72
N PRO A 53 -5.12 6.33 2.70
CA PRO A 53 -6.52 6.70 2.46
C PRO A 53 -6.69 7.78 1.38
N ARG A 54 -7.90 8.37 1.30
CA ARG A 54 -8.22 9.39 0.29
C ARG A 54 -8.37 8.77 -1.10
N LEU A 55 -7.44 7.90 -1.45
CA LEU A 55 -7.44 7.25 -2.76
C LEU A 55 -8.56 6.24 -2.89
N LYS A 56 -9.35 6.08 -1.84
CA LYS A 56 -10.45 5.11 -1.82
C LYS A 56 -11.32 5.24 -3.07
N ASP A 57 -11.74 6.47 -3.38
CA ASP A 57 -12.58 6.72 -4.54
C ASP A 57 -11.87 6.36 -5.84
N ARG A 58 -10.68 6.92 -6.03
CA ARG A 58 -9.87 6.69 -7.22
C ARG A 58 -9.58 5.20 -7.40
N SER A 59 -9.09 4.56 -6.34
CA SER A 59 -8.69 3.16 -6.38
C SER A 59 -9.86 2.25 -6.73
N SER A 60 -11.07 2.63 -6.34
CA SER A 60 -12.26 1.80 -6.59
C SER A 60 -12.49 1.58 -8.09
N SER A 61 -11.84 2.39 -8.91
CA SER A 61 -11.99 2.29 -10.36
C SER A 61 -10.81 1.54 -10.99
N LEU A 62 -9.86 1.13 -10.16
CA LEU A 62 -8.64 0.47 -10.65
C LEU A 62 -8.15 -0.58 -9.65
N ALA A 63 -7.49 -0.11 -8.61
CA ALA A 63 -6.93 -0.99 -7.58
C ALA A 63 -7.98 -1.34 -6.55
N ASP A 64 -8.64 -2.47 -6.74
CA ASP A 64 -9.72 -2.90 -5.88
C ASP A 64 -9.21 -3.17 -4.46
N PRO A 65 -9.85 -2.55 -3.45
CA PRO A 65 -9.51 -2.75 -2.05
C PRO A 65 -10.00 -4.11 -1.54
N ALA A 66 -9.06 -4.94 -1.10
CA ALA A 66 -9.39 -6.24 -0.54
C ALA A 66 -10.27 -6.08 0.68
N SER A 67 -9.94 -5.10 1.50
CA SER A 67 -10.75 -4.73 2.64
C SER A 67 -10.99 -3.23 2.59
N ASP A 68 -11.72 -2.72 3.55
CA ASP A 68 -12.09 -1.31 3.55
C ASP A 68 -10.90 -0.46 3.97
N ILE A 69 -10.49 -0.66 5.20
CA ILE A 69 -9.36 0.04 5.77
C ILE A 69 -8.63 -0.90 6.73
N LYS A 70 -7.36 -0.64 6.95
CA LYS A 70 -6.58 -1.44 7.86
C LYS A 70 -5.87 -0.57 8.88
N THR A 71 -6.36 -0.60 10.10
CA THR A 71 -5.73 0.09 11.21
C THR A 71 -4.61 -0.77 11.79
N CYS A 72 -3.36 -0.31 11.70
CA CYS A 72 -2.24 -1.13 12.13
C CYS A 72 -0.92 -0.36 12.18
N ASP A 73 -0.54 0.01 13.39
CA ASP A 73 0.85 0.34 13.74
C ASP A 73 1.50 1.40 12.86
N HIS A 74 2.18 0.95 11.81
CA HIS A 74 3.13 1.80 11.09
C HIS A 74 2.49 2.49 9.88
N TYR A 75 1.19 2.37 9.72
CA TYR A 75 0.50 3.07 8.65
C TYR A 75 0.21 4.49 9.13
N GLN A 76 1.27 5.20 9.51
CA GLN A 76 1.20 6.49 10.18
C GLN A 76 0.72 7.61 9.29
N ASN A 77 0.06 7.25 8.19
CA ASN A 77 -0.65 8.22 7.38
C ASN A 77 -1.40 9.19 8.30
N PHE A 78 -0.84 10.40 8.37
CA PHE A 78 -1.36 11.54 9.15
C PHE A 78 -2.84 11.46 9.54
N PRO A 79 -3.77 11.17 8.59
CA PRO A 79 -5.17 10.87 8.87
C PRO A 79 -5.42 10.31 10.26
N LEU A 80 -4.75 9.19 10.58
CA LEU A 80 -4.77 8.57 11.93
C LEU A 80 -6.18 8.46 12.50
N TYR A 81 -6.71 7.24 12.50
CA TYR A 81 -8.11 6.99 12.86
C TYR A 81 -8.42 7.51 14.25
N LEU A 82 -9.23 8.55 14.32
CA LEU A 82 -9.62 9.16 15.58
C LEU A 82 -10.80 8.40 16.19
N GLY A 83 -11.16 8.78 17.41
CA GLY A 83 -12.24 8.10 18.11
C GLY A 83 -12.33 8.54 19.55
N GLY A 84 -12.06 7.62 20.47
CA GLY A 84 -12.13 7.94 21.88
C GLY A 84 -10.76 7.99 22.52
N GLU A 85 -10.25 6.82 22.90
CA GLU A 85 -8.97 6.72 23.57
C GLU A 85 -7.81 6.66 22.59
N THR A 86 -7.01 5.60 22.66
CA THR A 86 -5.87 5.44 21.78
C THR A 86 -6.33 5.28 20.34
N HIS A 87 -5.45 5.59 19.39
CA HIS A 87 -5.82 5.59 17.99
C HIS A 87 -4.93 4.66 17.19
N GLU A 88 -5.36 4.34 15.97
CA GLU A 88 -4.62 3.43 15.12
C GLU A 88 -4.29 4.10 13.80
N HIS A 89 -3.03 4.00 13.42
CA HIS A 89 -2.59 4.54 12.15
C HIS A 89 -3.07 3.60 11.04
N TYR A 90 -3.84 4.11 10.09
CA TYR A 90 -4.52 3.23 9.13
C TYR A 90 -4.20 3.58 7.68
N GLY A 91 -4.35 2.57 6.85
CA GLY A 91 -4.26 2.72 5.42
C GLY A 91 -5.23 1.77 4.74
N ILE A 92 -5.27 1.78 3.42
CA ILE A 92 -6.18 0.90 2.70
C ILE A 92 -5.42 -0.29 2.11
N PRO A 93 -5.82 -1.52 2.47
CA PRO A 93 -5.14 -2.74 2.02
C PRO A 93 -5.49 -3.13 0.59
N HIS A 94 -4.47 -3.49 -0.17
CA HIS A 94 -4.66 -3.91 -1.56
C HIS A 94 -3.78 -5.11 -1.86
N GLY A 95 -4.08 -5.76 -2.97
CA GLY A 95 -3.29 -6.87 -3.45
C GLY A 95 -3.83 -7.38 -4.76
N PHE A 96 -2.99 -8.07 -5.54
CA PHE A 96 -3.37 -8.50 -6.87
C PHE A 96 -2.80 -9.88 -7.17
N SER A 97 -3.38 -10.55 -8.14
CA SER A 97 -2.94 -11.89 -8.51
C SER A 97 -1.79 -11.86 -9.51
N SER A 98 -1.65 -10.75 -10.24
CA SER A 98 -0.61 -10.64 -11.25
C SER A 98 0.08 -9.28 -11.18
N ARG A 99 1.41 -9.31 -11.12
CA ARG A 99 2.20 -8.09 -11.00
C ARG A 99 2.02 -7.14 -12.19
N ILE A 100 1.75 -7.72 -13.36
CA ILE A 100 1.51 -6.90 -14.55
C ILE A 100 0.31 -5.98 -14.35
N ALA A 101 -0.68 -6.46 -13.60
CA ALA A 101 -1.86 -5.66 -13.32
C ALA A 101 -1.51 -4.57 -12.31
N LEU A 102 -0.77 -4.96 -11.27
CA LEU A 102 -0.28 -4.00 -10.29
C LEU A 102 0.52 -2.90 -10.98
N GLU A 103 1.36 -3.31 -11.91
CA GLU A 103 2.18 -2.42 -12.72
C GLU A 103 1.30 -1.34 -13.37
N ARG A 104 0.24 -1.79 -14.03
CA ARG A 104 -0.70 -0.90 -14.70
C ARG A 104 -1.53 -0.08 -13.72
N TYR A 105 -1.91 -0.71 -12.61
CA TYR A 105 -2.76 -0.05 -11.63
C TYR A 105 -2.03 1.10 -10.94
N LEU A 106 -0.77 0.88 -10.57
CA LEU A 106 0.04 1.94 -9.97
C LEU A 106 0.07 3.16 -10.88
N ASN A 107 0.17 2.89 -12.17
CA ASN A 107 0.24 3.90 -13.20
C ASN A 107 -0.99 4.78 -13.20
N GLY A 108 -2.15 4.18 -13.47
CA GLY A 108 -3.38 4.94 -13.56
C GLY A 108 -3.88 5.43 -12.21
N LEU A 109 -3.41 4.82 -11.14
CA LEU A 109 -3.81 5.21 -9.80
C LEU A 109 -3.05 6.44 -9.33
N PHE A 110 -1.74 6.42 -9.49
CA PHE A 110 -0.91 7.49 -8.97
C PHE A 110 -0.78 8.64 -9.96
N GLY A 111 -0.57 8.34 -11.24
CA GLY A 111 -0.45 9.40 -12.20
C GLY A 111 -1.17 9.11 -13.50
N ASP A 112 -0.41 9.15 -14.58
CA ASP A 112 -0.91 9.01 -15.92
C ASP A 112 0.27 8.89 -16.85
N MET A 1 -4.21 -16.37 -8.35
CA MET A 1 -3.53 -16.19 -7.05
C MET A 1 -3.18 -14.72 -6.87
N TYR A 2 -2.39 -14.42 -5.85
CA TYR A 2 -1.97 -13.06 -5.57
C TYR A 2 -0.47 -12.92 -5.72
N LEU A 3 0.03 -11.72 -5.42
CA LEU A 3 1.45 -11.44 -5.47
C LEU A 3 2.03 -11.47 -4.06
N ARG A 4 3.32 -11.75 -3.96
CA ARG A 4 3.99 -11.79 -2.67
C ARG A 4 4.41 -10.38 -2.27
N PRO A 5 4.66 -10.14 -0.97
CA PRO A 5 5.04 -8.82 -0.45
C PRO A 5 6.23 -8.22 -1.21
N ASP A 6 7.31 -9.00 -1.31
CA ASP A 6 8.49 -8.55 -2.04
C ASP A 6 8.18 -8.29 -3.51
N GLU A 7 7.39 -9.17 -4.13
CA GLU A 7 6.95 -9.01 -5.51
C GLU A 7 6.33 -7.63 -5.75
N VAL A 8 5.50 -7.20 -4.80
CA VAL A 8 4.87 -5.89 -4.89
C VAL A 8 5.93 -4.79 -4.90
N ALA A 9 6.89 -4.90 -3.98
CA ALA A 9 7.99 -3.94 -3.89
C ALA A 9 8.80 -3.90 -5.18
N ARG A 10 9.02 -5.07 -5.78
CA ARG A 10 9.79 -5.18 -7.02
C ARG A 10 9.13 -4.38 -8.14
N VAL A 11 7.80 -4.38 -8.17
CA VAL A 11 7.07 -3.62 -9.17
C VAL A 11 7.15 -2.12 -8.87
N LEU A 12 7.16 -1.79 -7.58
CA LEU A 12 7.39 -0.41 -7.17
C LEU A 12 8.74 0.07 -7.67
N GLU A 13 9.74 -0.78 -7.53
CA GLU A 13 11.07 -0.51 -8.04
C GLU A 13 11.06 -0.35 -9.56
N LYS A 14 10.18 -1.10 -10.23
CA LYS A 14 9.98 -0.94 -11.67
C LYS A 14 9.55 0.49 -12.00
N ALA A 15 8.72 1.06 -11.13
CA ALA A 15 8.25 2.42 -11.31
C ALA A 15 9.30 3.43 -10.86
N GLY A 16 10.39 2.93 -10.30
CA GLY A 16 11.49 3.79 -9.89
C GLY A 16 11.43 4.15 -8.43
N PHE A 17 10.56 3.48 -7.70
CA PHE A 17 10.36 3.77 -6.28
C PHE A 17 11.44 3.16 -5.41
N THR A 18 11.56 3.69 -4.21
CA THR A 18 12.57 3.26 -3.27
C THR A 18 11.99 3.27 -1.85
N VAL A 19 12.66 2.63 -0.91
CA VAL A 19 12.16 2.56 0.46
C VAL A 19 12.58 3.81 1.24
N ASP A 20 11.77 4.16 2.23
CA ASP A 20 12.09 5.28 3.11
C ASP A 20 12.17 4.82 4.55
N VAL A 21 11.08 4.23 5.03
CA VAL A 21 11.04 3.73 6.39
C VAL A 21 10.92 2.21 6.40
N VAL A 22 12.00 1.55 6.76
CA VAL A 22 12.02 0.11 6.80
C VAL A 22 11.73 -0.39 8.22
N THR A 23 10.59 -1.04 8.37
CA THR A 23 10.23 -1.65 9.64
C THR A 23 10.07 -3.15 9.44
N ASN A 24 10.15 -3.90 10.53
CA ASN A 24 10.13 -5.35 10.45
C ASN A 24 8.75 -5.87 10.04
N LYS A 25 7.77 -4.98 10.03
CA LYS A 25 6.40 -5.35 9.68
C LYS A 25 6.05 -4.90 8.28
N THR A 26 6.75 -3.90 7.76
CA THR A 26 6.36 -3.28 6.49
C THR A 26 7.44 -2.34 5.95
N TYR A 27 7.49 -2.23 4.63
CA TYR A 27 8.40 -1.32 3.95
C TYR A 27 7.68 -0.05 3.55
N GLY A 28 7.99 1.06 4.20
CA GLY A 28 7.45 2.34 3.79
C GLY A 28 8.16 2.84 2.56
N TYR A 29 7.47 2.79 1.43
CA TYR A 29 8.05 3.10 0.14
C TYR A 29 7.69 4.52 -0.29
N ARG A 30 8.56 5.13 -1.09
CA ARG A 30 8.36 6.50 -1.53
C ARG A 30 9.04 6.76 -2.87
N ARG A 31 8.65 7.85 -3.50
CA ARG A 31 9.41 8.43 -4.60
C ARG A 31 9.15 9.93 -4.64
N GLY A 32 9.68 10.62 -3.64
CA GLY A 32 9.46 12.03 -3.53
C GLY A 32 8.31 12.36 -2.58
N GLU A 33 7.32 13.08 -3.08
CA GLU A 33 6.23 13.56 -2.25
C GLU A 33 5.08 12.56 -2.18
N ASN A 34 5.34 11.32 -2.57
CA ASN A 34 4.33 10.28 -2.51
C ASN A 34 4.86 9.07 -1.73
N TYR A 35 3.97 8.43 -0.98
CA TYR A 35 4.36 7.33 -0.11
C TYR A 35 3.36 6.19 -0.18
N VAL A 36 3.86 4.97 -0.10
CA VAL A 36 3.03 3.78 0.04
C VAL A 36 3.66 2.84 1.06
N TYR A 37 2.94 1.82 1.47
CA TYR A 37 3.46 0.90 2.48
C TYR A 37 3.33 -0.55 2.00
N VAL A 38 4.45 -1.23 1.89
CA VAL A 38 4.45 -2.64 1.51
C VAL A 38 4.37 -3.50 2.77
N ASN A 39 3.23 -4.11 2.99
CA ASN A 39 3.00 -4.90 4.20
C ASN A 39 3.84 -6.18 4.16
N ARG A 40 4.90 -6.20 4.94
CA ARG A 40 5.82 -7.33 4.95
C ARG A 40 5.20 -8.52 5.70
N GLU A 41 4.27 -8.23 6.60
CA GLU A 41 3.56 -9.28 7.33
C GLU A 41 2.56 -10.00 6.42
N ALA A 42 2.40 -9.51 5.20
CA ALA A 42 1.43 -10.08 4.28
C ALA A 42 1.98 -11.35 3.66
N ARG A 43 1.72 -12.47 4.30
CA ARG A 43 2.17 -13.75 3.78
C ARG A 43 1.09 -14.35 2.91
N MET A 44 -0.07 -13.71 2.92
CA MET A 44 -1.22 -14.15 2.13
C MET A 44 -1.26 -13.41 0.80
N GLY A 45 -0.52 -12.31 0.71
CA GLY A 45 -0.42 -11.56 -0.53
C GLY A 45 -1.57 -10.58 -0.74
N ARG A 46 -2.75 -10.96 -0.26
CA ARG A 46 -3.95 -10.14 -0.47
C ARG A 46 -3.88 -8.80 0.27
N THR A 47 -3.07 -8.74 1.33
CA THR A 47 -2.97 -7.51 2.12
C THR A 47 -1.60 -6.86 1.96
N ALA A 48 -0.98 -7.07 0.80
CA ALA A 48 0.41 -6.64 0.59
C ALA A 48 0.54 -5.12 0.39
N LEU A 49 -0.24 -4.56 -0.53
CA LEU A 49 -0.06 -3.18 -0.91
C LEU A 49 -0.98 -2.24 -0.13
N ILE A 50 -0.40 -1.46 0.77
CA ILE A 50 -1.16 -0.47 1.51
C ILE A 50 -0.90 0.91 0.91
N ILE A 51 -1.96 1.65 0.65
CA ILE A 51 -1.84 3.00 0.11
C ILE A 51 -2.41 4.02 1.09
N HIS A 52 -2.11 5.28 0.85
CA HIS A 52 -2.63 6.38 1.67
C HIS A 52 -4.14 6.53 1.42
N PRO A 53 -4.91 6.93 2.46
CA PRO A 53 -6.32 7.32 2.31
C PRO A 53 -6.52 8.41 1.25
N ARG A 54 -7.71 9.04 1.23
CA ARG A 54 -8.08 9.99 0.17
C ARG A 54 -8.32 9.27 -1.15
N LEU A 55 -7.36 8.42 -1.52
CA LEU A 55 -7.39 7.69 -2.78
C LEU A 55 -8.33 6.50 -2.72
N LYS A 56 -9.17 6.45 -1.70
CA LYS A 56 -10.10 5.33 -1.54
C LYS A 56 -11.02 5.26 -2.75
N ASP A 57 -11.57 6.40 -3.13
CA ASP A 57 -12.48 6.49 -4.26
C ASP A 57 -11.74 6.20 -5.57
N ARG A 58 -10.57 6.82 -5.72
CA ARG A 58 -9.76 6.64 -6.92
C ARG A 58 -9.33 5.18 -7.09
N SER A 59 -8.78 4.61 -6.04
CA SER A 59 -8.28 3.25 -6.05
C SER A 59 -9.39 2.23 -6.36
N SER A 60 -10.53 2.38 -5.69
CA SER A 60 -11.65 1.45 -5.86
C SER A 60 -12.15 1.41 -7.31
N SER A 61 -11.92 2.51 -8.04
CA SER A 61 -12.38 2.62 -9.41
C SER A 61 -11.48 1.83 -10.36
N LEU A 62 -10.35 1.38 -9.86
CA LEU A 62 -9.41 0.61 -10.66
C LEU A 62 -9.39 -0.86 -10.25
N ALA A 63 -9.32 -1.09 -8.95
CA ALA A 63 -9.26 -2.45 -8.42
C ALA A 63 -10.02 -2.54 -7.11
N ASP A 64 -10.14 -3.75 -6.58
CA ASP A 64 -10.87 -3.99 -5.34
C ASP A 64 -9.90 -4.08 -4.17
N PRO A 65 -10.27 -3.50 -3.02
CA PRO A 65 -9.46 -3.55 -1.80
C PRO A 65 -9.60 -4.89 -1.09
N ALA A 66 -8.55 -5.30 -0.39
CA ALA A 66 -8.56 -6.56 0.35
C ALA A 66 -9.59 -6.52 1.47
N SER A 67 -9.72 -5.36 2.07
CA SER A 67 -10.68 -5.14 3.13
C SER A 67 -11.35 -3.80 2.95
N ASP A 68 -10.86 -2.85 3.66
CA ASP A 68 -11.30 -1.47 3.56
C ASP A 68 -10.21 -0.58 4.10
N ILE A 69 -9.91 -0.74 5.37
CA ILE A 69 -8.86 0.00 6.05
C ILE A 69 -8.18 -0.88 7.09
N LYS A 70 -6.88 -0.78 7.15
CA LYS A 70 -6.07 -1.53 8.11
C LYS A 70 -5.51 -0.58 9.14
N THR A 71 -5.75 -0.88 10.41
CA THR A 71 -5.30 -0.01 11.49
C THR A 71 -3.80 -0.15 11.72
N CYS A 72 -3.10 0.91 11.33
CA CYS A 72 -1.65 0.91 11.23
C CYS A 72 -0.97 1.06 12.57
N ASP A 73 0.07 0.28 12.77
CA ASP A 73 0.93 0.44 13.95
C ASP A 73 2.19 1.23 13.58
N HIS A 74 2.53 1.22 12.29
CA HIS A 74 3.74 1.91 11.81
C HIS A 74 3.43 2.92 10.71
N TYR A 75 2.39 2.65 9.93
CA TYR A 75 2.11 3.46 8.75
C TYR A 75 1.33 4.71 9.15
N GLN A 76 2.06 5.79 9.41
CA GLN A 76 1.46 7.00 9.94
C GLN A 76 0.50 7.65 8.94
N ASN A 77 0.91 7.75 7.68
CA ASN A 77 0.18 8.51 6.67
C ASN A 77 0.07 9.97 7.09
N PHE A 78 -1.02 10.31 7.80
CA PHE A 78 -1.22 11.64 8.38
C PHE A 78 -2.50 11.66 9.24
N PRO A 79 -3.69 11.42 8.62
CA PRO A 79 -4.99 11.46 9.32
C PRO A 79 -5.00 10.81 10.70
N LEU A 80 -4.85 9.47 10.71
CA LEU A 80 -4.96 8.67 11.94
C LEU A 80 -6.41 8.63 12.42
N TYR A 81 -6.92 7.42 12.64
CA TYR A 81 -8.29 7.26 13.10
C TYR A 81 -8.37 7.60 14.59
N LEU A 82 -8.81 8.81 14.89
CA LEU A 82 -8.86 9.28 16.27
C LEU A 82 -9.99 8.60 17.04
N GLY A 83 -10.93 8.00 16.32
CA GLY A 83 -12.02 7.28 16.95
C GLY A 83 -11.55 6.01 17.61
N GLY A 84 -10.96 6.14 18.79
CA GLY A 84 -10.44 5.00 19.52
C GLY A 84 -9.67 5.44 20.74
N GLU A 85 -9.40 4.50 21.64
CA GLU A 85 -8.74 4.78 22.90
C GLU A 85 -7.32 5.33 22.67
N THR A 86 -6.44 4.47 22.16
CA THR A 86 -5.06 4.84 21.92
C THR A 86 -4.89 5.50 20.56
N HIS A 87 -5.93 5.38 19.74
CA HIS A 87 -5.94 5.86 18.35
C HIS A 87 -4.98 5.04 17.50
N GLU A 88 -5.30 4.88 16.23
CA GLU A 88 -4.49 4.10 15.32
C GLU A 88 -4.70 4.58 13.90
N HIS A 89 -3.63 4.51 13.12
CA HIS A 89 -3.68 5.01 11.76
C HIS A 89 -4.47 4.03 10.91
N TYR A 90 -4.81 4.40 9.69
CA TYR A 90 -5.52 3.47 8.83
C TYR A 90 -5.08 3.64 7.39
N GLY A 91 -4.84 2.52 6.74
CA GLY A 91 -4.45 2.51 5.36
C GLY A 91 -5.25 1.50 4.58
N ILE A 92 -5.27 1.60 3.27
CA ILE A 92 -6.12 0.74 2.46
C ILE A 92 -5.34 -0.45 1.90
N PRO A 93 -5.72 -1.68 2.29
CA PRO A 93 -5.05 -2.91 1.84
C PRO A 93 -5.44 -3.33 0.43
N HIS A 94 -4.46 -3.81 -0.33
CA HIS A 94 -4.68 -4.22 -1.71
C HIS A 94 -3.88 -5.47 -2.05
N GLY A 95 -4.17 -6.02 -3.21
CA GLY A 95 -3.48 -7.20 -3.70
C GLY A 95 -3.96 -7.54 -5.08
N PHE A 96 -3.16 -8.29 -5.83
CA PHE A 96 -3.43 -8.51 -7.24
C PHE A 96 -3.19 -9.96 -7.62
N SER A 97 -2.56 -10.19 -8.76
CA SER A 97 -2.37 -11.55 -9.26
C SER A 97 -1.16 -11.62 -10.18
N SER A 98 -0.94 -10.56 -10.95
CA SER A 98 0.19 -10.49 -11.86
C SER A 98 0.91 -9.16 -11.71
N ARG A 99 2.22 -9.18 -11.99
CA ARG A 99 3.03 -7.96 -11.96
C ARG A 99 2.50 -6.93 -12.94
N ILE A 100 2.06 -7.41 -14.10
CA ILE A 100 1.57 -6.53 -15.16
C ILE A 100 0.36 -5.71 -14.68
N ALA A 101 -0.50 -6.32 -13.87
CA ALA A 101 -1.67 -5.62 -13.36
C ALA A 101 -1.25 -4.54 -12.37
N LEU A 102 -0.38 -4.90 -11.44
CA LEU A 102 0.12 -3.94 -10.45
C LEU A 102 0.84 -2.79 -11.14
N GLU A 103 1.55 -3.10 -12.20
CA GLU A 103 2.27 -2.10 -12.98
C GLU A 103 1.29 -1.06 -13.55
N ARG A 104 0.33 -1.53 -14.34
CA ARG A 104 -0.64 -0.64 -14.97
C ARG A 104 -1.51 0.06 -13.92
N TYR A 105 -1.73 -0.65 -12.81
CA TYR A 105 -2.53 -0.13 -11.71
C TYR A 105 -1.96 1.20 -11.21
N LEU A 106 -0.69 1.20 -10.82
CA LEU A 106 -0.02 2.42 -10.36
C LEU A 106 -0.11 3.51 -11.42
N ASN A 107 0.22 3.18 -12.66
CA ASN A 107 0.27 4.14 -13.76
C ASN A 107 -0.99 5.01 -13.82
N GLY A 108 -2.12 4.45 -13.40
CA GLY A 108 -3.36 5.20 -13.36
C GLY A 108 -3.70 5.70 -11.97
N LEU A 109 -3.26 4.96 -10.96
CA LEU A 109 -3.59 5.25 -9.56
C LEU A 109 -2.73 6.35 -8.97
N PHE A 110 -1.81 6.89 -9.77
CA PHE A 110 -0.57 7.54 -9.32
C PHE A 110 0.56 6.50 -9.24
N GLY A 111 1.34 6.48 -10.30
CA GLY A 111 2.55 5.70 -10.35
C GLY A 111 3.42 6.15 -11.50
N ASP A 112 3.26 7.41 -11.88
CA ASP A 112 3.93 7.98 -12.98
C ASP A 112 4.33 9.37 -12.53
N MET A 1 -5.45 -15.68 -7.93
CA MET A 1 -4.40 -15.69 -6.89
C MET A 1 -3.79 -14.30 -6.83
N TYR A 2 -3.09 -13.98 -5.75
CA TYR A 2 -2.55 -12.65 -5.59
C TYR A 2 -1.04 -12.62 -5.83
N LEU A 3 -0.45 -11.45 -5.63
CA LEU A 3 1.00 -11.28 -5.74
C LEU A 3 1.65 -11.36 -4.37
N ARG A 4 2.95 -11.64 -4.36
CA ARG A 4 3.69 -11.74 -3.11
C ARG A 4 4.22 -10.36 -2.73
N PRO A 5 4.39 -10.09 -1.42
CA PRO A 5 4.84 -8.79 -0.93
C PRO A 5 6.17 -8.36 -1.56
N ASP A 6 7.10 -9.30 -1.61
CA ASP A 6 8.41 -9.06 -2.21
C ASP A 6 8.26 -8.70 -3.69
N GLU A 7 7.31 -9.32 -4.36
CA GLU A 7 7.07 -9.09 -5.78
C GLU A 7 6.55 -7.66 -5.99
N VAL A 8 5.65 -7.24 -5.10
CA VAL A 8 5.12 -5.88 -5.15
C VAL A 8 6.23 -4.86 -4.97
N ALA A 9 7.09 -5.10 -4.00
CA ALA A 9 8.21 -4.20 -3.71
C ALA A 9 9.13 -4.06 -4.93
N ARG A 10 9.41 -5.18 -5.60
CA ARG A 10 10.26 -5.17 -6.77
C ARG A 10 9.67 -4.29 -7.87
N VAL A 11 8.36 -4.38 -8.07
CA VAL A 11 7.68 -3.60 -9.10
C VAL A 11 7.82 -2.10 -8.78
N LEU A 12 7.71 -1.75 -7.51
CA LEU A 12 7.88 -0.37 -7.08
C LEU A 12 9.27 0.15 -7.43
N GLU A 13 10.29 -0.65 -7.10
CA GLU A 13 11.66 -0.29 -7.42
C GLU A 13 11.85 -0.14 -8.93
N LYS A 14 11.25 -1.06 -9.68
CA LYS A 14 11.33 -1.06 -11.13
C LYS A 14 10.75 0.23 -11.70
N ALA A 15 9.60 0.62 -11.17
CA ALA A 15 8.92 1.84 -11.60
C ALA A 15 9.77 3.08 -11.33
N GLY A 16 10.56 3.03 -10.25
CA GLY A 16 11.44 4.14 -9.92
C GLY A 16 11.19 4.72 -8.54
N PHE A 17 10.59 3.92 -7.67
CA PHE A 17 10.29 4.37 -6.31
C PHE A 17 11.50 4.25 -5.39
N THR A 18 11.41 4.88 -4.24
CA THR A 18 12.47 4.81 -3.24
C THR A 18 11.92 4.35 -1.89
N VAL A 19 12.80 3.92 -1.00
CA VAL A 19 12.38 3.36 0.28
C VAL A 19 12.15 4.47 1.32
N ASP A 20 11.10 4.30 2.13
CA ASP A 20 10.75 5.27 3.17
C ASP A 20 11.22 4.80 4.53
N VAL A 21 11.00 3.52 4.82
CA VAL A 21 11.30 2.96 6.13
C VAL A 21 11.25 1.43 6.07
N VAL A 22 11.90 0.75 6.98
CA VAL A 22 11.73 -0.70 7.08
C VAL A 22 11.22 -1.06 8.48
N THR A 23 10.17 -1.84 8.51
CA THR A 23 9.65 -2.38 9.75
C THR A 23 9.30 -3.83 9.51
N ASN A 24 9.26 -4.63 10.57
CA ASN A 24 8.96 -6.05 10.42
C ASN A 24 7.55 -6.23 9.86
N LYS A 25 6.72 -5.23 10.07
CA LYS A 25 5.34 -5.26 9.59
C LYS A 25 5.19 -4.76 8.16
N THR A 26 6.08 -3.87 7.71
CA THR A 26 5.90 -3.28 6.39
C THR A 26 7.17 -2.56 5.89
N TYR A 27 7.33 -2.58 4.57
CA TYR A 27 8.37 -1.80 3.91
C TYR A 27 7.80 -0.47 3.46
N GLY A 28 8.32 0.61 4.01
CA GLY A 28 7.89 1.92 3.61
C GLY A 28 8.46 2.29 2.27
N TYR A 29 7.64 2.86 1.41
CA TYR A 29 8.05 3.21 0.06
C TYR A 29 7.45 4.55 -0.34
N ARG A 30 8.19 5.35 -1.09
CA ARG A 30 7.73 6.69 -1.44
C ARG A 30 8.38 7.21 -2.72
N ARG A 31 7.66 8.10 -3.38
CA ARG A 31 8.19 8.86 -4.51
C ARG A 31 7.42 10.17 -4.64
N GLY A 32 8.04 11.26 -4.20
CA GLY A 32 7.36 12.53 -4.17
C GLY A 32 6.42 12.62 -2.99
N GLU A 33 5.15 12.94 -3.24
CA GLU A 33 4.14 12.91 -2.19
C GLU A 33 3.38 11.59 -2.25
N ASN A 34 3.89 10.67 -3.06
CA ASN A 34 3.26 9.37 -3.24
C ASN A 34 3.81 8.40 -2.22
N TYR A 35 3.00 8.08 -1.22
CA TYR A 35 3.43 7.19 -0.16
C TYR A 35 2.72 5.85 -0.26
N VAL A 36 3.53 4.79 -0.21
CA VAL A 36 3.01 3.43 -0.20
C VAL A 36 3.78 2.61 0.82
N TYR A 37 3.15 1.59 1.35
CA TYR A 37 3.79 0.73 2.34
C TYR A 37 3.53 -0.73 1.99
N VAL A 38 4.60 -1.45 1.71
CA VAL A 38 4.48 -2.86 1.38
C VAL A 38 4.34 -3.68 2.65
N ASN A 39 3.11 -4.07 2.94
CA ASN A 39 2.81 -4.84 4.14
C ASN A 39 3.54 -6.17 4.11
N ARG A 40 4.52 -6.32 5.00
CA ARG A 40 5.32 -7.53 5.06
C ARG A 40 4.52 -8.63 5.73
N GLU A 41 3.35 -8.26 6.22
CA GLU A 41 2.43 -9.22 6.82
C GLU A 41 1.62 -9.91 5.73
N ALA A 42 1.93 -9.56 4.47
CA ALA A 42 1.34 -10.24 3.33
C ALA A 42 1.86 -11.66 3.25
N ARG A 43 1.03 -12.60 3.63
CA ARG A 43 1.46 -14.00 3.70
C ARG A 43 1.46 -14.63 2.31
N MET A 44 0.35 -14.51 1.60
CA MET A 44 0.26 -15.04 0.24
C MET A 44 -0.39 -14.05 -0.71
N GLY A 45 -0.50 -12.79 -0.29
CA GLY A 45 -0.99 -11.76 -1.18
C GLY A 45 -2.29 -11.11 -0.73
N ARG A 46 -2.60 -11.22 0.54
CA ARG A 46 -3.79 -10.61 1.07
C ARG A 46 -3.36 -9.56 2.05
N THR A 47 -3.39 -8.36 1.52
CA THR A 47 -2.97 -7.12 2.19
C THR A 47 -1.46 -7.01 2.09
N ALA A 48 -1.02 -6.07 1.28
CA ALA A 48 0.39 -5.99 0.91
C ALA A 48 0.74 -4.61 0.36
N LEU A 49 -0.16 -3.99 -0.36
CA LEU A 49 0.08 -2.63 -0.82
C LEU A 49 -0.81 -1.65 -0.08
N ILE A 50 -0.21 -0.91 0.83
CA ILE A 50 -0.90 0.16 1.52
C ILE A 50 -0.55 1.47 0.84
N ILE A 51 -1.52 2.35 0.70
CA ILE A 51 -1.27 3.64 0.06
C ILE A 51 -1.80 4.77 0.92
N HIS A 52 -1.36 5.98 0.61
CA HIS A 52 -1.94 7.19 1.17
C HIS A 52 -3.45 7.19 0.93
N PRO A 53 -4.25 7.43 1.99
CA PRO A 53 -5.73 7.53 1.89
C PRO A 53 -6.19 8.59 0.89
N ARG A 54 -7.47 8.94 0.93
CA ARG A 54 -8.08 9.86 -0.03
C ARG A 54 -8.24 9.19 -1.40
N LEU A 55 -7.18 8.52 -1.84
CA LEU A 55 -7.15 7.81 -3.12
C LEU A 55 -7.94 6.51 -3.07
N LYS A 56 -8.65 6.31 -1.98
CA LYS A 56 -9.45 5.10 -1.80
C LYS A 56 -10.47 4.97 -2.93
N ASP A 57 -11.16 6.07 -3.23
CA ASP A 57 -12.17 6.10 -4.28
C ASP A 57 -11.56 5.83 -5.66
N ARG A 58 -10.50 6.57 -5.98
CA ARG A 58 -9.80 6.42 -7.25
C ARG A 58 -9.20 5.01 -7.38
N SER A 59 -8.33 4.66 -6.44
CA SER A 59 -7.56 3.42 -6.51
C SER A 59 -8.46 2.18 -6.52
N SER A 60 -9.67 2.33 -5.98
CA SER A 60 -10.62 1.22 -5.90
C SER A 60 -10.99 0.69 -7.28
N SER A 61 -10.94 1.56 -8.28
CA SER A 61 -11.31 1.17 -9.64
C SER A 61 -10.12 0.55 -10.38
N LEU A 62 -9.05 0.29 -9.65
CA LEU A 62 -7.84 -0.27 -10.24
C LEU A 62 -7.48 -1.62 -9.61
N ALA A 63 -7.53 -1.68 -8.28
CA ALA A 63 -7.06 -2.85 -7.56
C ALA A 63 -8.13 -3.43 -6.66
N ASP A 64 -7.84 -4.58 -6.07
CA ASP A 64 -8.77 -5.25 -5.17
C ASP A 64 -8.43 -4.93 -3.73
N PRO A 65 -9.37 -4.29 -3.01
CA PRO A 65 -9.23 -4.08 -1.57
C PRO A 65 -9.52 -5.38 -0.81
N ALA A 66 -8.50 -5.89 -0.14
CA ALA A 66 -8.64 -7.12 0.62
C ALA A 66 -9.47 -6.87 1.87
N SER A 67 -9.43 -5.63 2.32
CA SER A 67 -10.18 -5.20 3.49
C SER A 67 -10.88 -3.89 3.19
N ASP A 68 -10.51 -2.88 3.93
CA ASP A 68 -11.00 -1.53 3.73
C ASP A 68 -10.03 -0.54 4.33
N ILE A 69 -9.69 -0.80 5.57
CA ILE A 69 -8.74 0.03 6.30
C ILE A 69 -7.86 -0.84 7.18
N LYS A 70 -6.60 -0.47 7.28
CA LYS A 70 -5.64 -1.21 8.08
C LYS A 70 -4.91 -0.28 9.04
N THR A 71 -5.25 -0.42 10.30
CA THR A 71 -4.63 0.37 11.36
C THR A 71 -3.34 -0.30 11.83
N CYS A 72 -2.22 0.43 11.88
CA CYS A 72 -0.93 -0.22 12.15
C CYS A 72 0.20 0.77 12.46
N ASP A 73 -0.15 2.02 12.80
CA ASP A 73 0.83 3.04 13.24
C ASP A 73 1.78 3.51 12.12
N HIS A 74 2.24 2.60 11.29
CA HIS A 74 3.29 2.92 10.31
C HIS A 74 2.73 3.67 9.09
N TYR A 75 1.41 3.82 9.03
CA TYR A 75 0.79 4.50 7.89
C TYR A 75 0.33 5.89 8.29
N GLN A 76 1.31 6.76 8.54
CA GLN A 76 1.04 8.08 9.10
C GLN A 76 0.68 9.11 8.03
N ASN A 77 0.28 8.64 6.86
CA ASN A 77 -0.02 9.54 5.75
C ASN A 77 -1.20 10.44 6.07
N PHE A 78 -0.88 11.67 6.46
CA PHE A 78 -1.82 12.78 6.70
C PHE A 78 -3.09 12.40 7.49
N PRO A 79 -4.26 12.03 6.86
CA PRO A 79 -5.54 11.79 7.53
C PRO A 79 -5.44 11.37 9.01
N LEU A 80 -4.98 10.15 9.25
CA LEU A 80 -4.76 9.64 10.61
C LEU A 80 -6.10 9.43 11.33
N TYR A 81 -6.31 8.21 11.81
CA TYR A 81 -7.54 7.85 12.51
C TYR A 81 -7.51 8.42 13.92
N LEU A 82 -8.43 9.32 14.22
CA LEU A 82 -8.39 10.06 15.48
C LEU A 82 -9.26 9.39 16.55
N GLY A 83 -10.04 8.39 16.13
CA GLY A 83 -10.91 7.70 17.05
C GLY A 83 -10.16 6.77 18.00
N GLY A 84 -9.75 7.32 19.15
CA GLY A 84 -9.07 6.53 20.15
C GLY A 84 -8.14 7.37 21.01
N GLU A 85 -7.63 6.79 22.09
CA GLU A 85 -6.66 7.47 22.93
C GLU A 85 -5.43 7.77 22.10
N THR A 86 -4.88 6.71 21.52
CA THR A 86 -3.81 6.82 20.56
C THR A 86 -4.40 7.04 19.18
N HIS A 87 -3.87 8.02 18.47
CA HIS A 87 -4.33 8.28 17.12
C HIS A 87 -3.66 7.29 16.17
N GLU A 88 -4.45 6.62 15.37
CA GLU A 88 -4.01 5.45 14.66
C GLU A 88 -3.72 5.77 13.20
N HIS A 89 -2.51 5.48 12.80
CA HIS A 89 -2.07 5.80 11.46
C HIS A 89 -2.44 4.65 10.53
N TYR A 90 -3.49 4.84 9.75
CA TYR A 90 -4.07 3.76 8.96
C TYR A 90 -3.89 3.99 7.47
N GLY A 91 -4.02 2.91 6.71
CA GLY A 91 -3.99 2.99 5.26
C GLY A 91 -4.95 1.98 4.65
N ILE A 92 -5.13 2.05 3.34
CA ILE A 92 -6.04 1.13 2.67
C ILE A 92 -5.28 -0.08 2.13
N PRO A 93 -5.60 -1.28 2.65
CA PRO A 93 -4.98 -2.53 2.22
C PRO A 93 -5.48 -3.01 0.85
N HIS A 94 -4.59 -2.97 -0.13
CA HIS A 94 -4.93 -3.40 -1.48
C HIS A 94 -4.39 -4.80 -1.74
N GLY A 95 -4.48 -5.22 -3.00
CA GLY A 95 -4.04 -6.53 -3.41
C GLY A 95 -4.21 -6.67 -4.90
N PHE A 96 -3.47 -7.60 -5.50
CA PHE A 96 -3.43 -7.71 -6.95
C PHE A 96 -3.41 -9.16 -7.38
N SER A 97 -4.27 -9.50 -8.32
CA SER A 97 -4.31 -10.85 -8.84
C SER A 97 -3.29 -11.04 -9.97
N SER A 98 -2.67 -9.95 -10.41
CA SER A 98 -1.70 -10.02 -11.49
C SER A 98 -0.72 -8.85 -11.43
N ARG A 99 0.54 -9.10 -11.81
CA ARG A 99 1.58 -8.07 -11.80
C ARG A 99 1.20 -6.92 -12.72
N ILE A 100 0.62 -7.23 -13.87
CA ILE A 100 0.21 -6.20 -14.81
C ILE A 100 -0.82 -5.25 -14.18
N ALA A 101 -1.64 -5.76 -13.27
CA ALA A 101 -2.61 -4.92 -12.60
C ALA A 101 -1.91 -3.95 -11.66
N LEU A 102 -0.90 -4.44 -10.95
CA LEU A 102 -0.07 -3.59 -10.12
C LEU A 102 0.71 -2.60 -10.98
N GLU A 103 1.16 -3.08 -12.12
CA GLU A 103 1.87 -2.26 -13.10
C GLU A 103 1.00 -1.11 -13.57
N ARG A 104 -0.23 -1.43 -13.99
CA ARG A 104 -1.19 -0.43 -14.44
C ARG A 104 -1.69 0.40 -13.27
N TYR A 105 -1.67 -0.18 -12.08
CA TYR A 105 -2.08 0.52 -10.87
C TYR A 105 -1.20 1.75 -10.65
N LEU A 106 0.11 1.54 -10.68
CA LEU A 106 1.06 2.64 -10.54
C LEU A 106 0.87 3.65 -11.65
N ASN A 107 0.52 3.17 -12.84
CA ASN A 107 0.33 4.03 -14.00
C ASN A 107 -0.96 4.82 -13.93
N GLY A 108 -1.99 4.26 -13.31
CA GLY A 108 -3.26 4.92 -13.23
C GLY A 108 -3.40 5.79 -11.99
N LEU A 109 -2.84 5.32 -10.88
CA LEU A 109 -2.95 6.03 -9.62
C LEU A 109 -1.93 7.18 -9.53
N PHE A 110 -0.65 6.84 -9.52
CA PHE A 110 0.40 7.81 -9.26
C PHE A 110 0.92 8.44 -10.55
N GLY A 111 1.22 7.60 -11.54
CA GLY A 111 1.72 8.08 -12.81
C GLY A 111 0.61 8.34 -13.79
N ASP A 112 -0.45 8.96 -13.29
CA ASP A 112 -1.69 9.20 -14.04
C ASP A 112 -1.45 9.64 -15.45
N MET A 1 -3.16 -17.20 -7.96
CA MET A 1 -2.16 -16.69 -6.98
C MET A 1 -2.42 -15.23 -6.65
N TYR A 2 -1.61 -14.69 -5.75
CA TYR A 2 -1.60 -13.27 -5.45
C TYR A 2 -0.19 -12.74 -5.59
N LEU A 3 0.01 -11.50 -5.20
CA LEU A 3 1.33 -10.91 -5.21
C LEU A 3 1.92 -10.91 -3.81
N ARG A 4 3.01 -11.64 -3.62
CA ARG A 4 3.70 -11.65 -2.35
C ARG A 4 4.20 -10.25 -2.02
N PRO A 5 4.42 -9.95 -0.73
CA PRO A 5 4.99 -8.65 -0.32
C PRO A 5 6.32 -8.40 -1.03
N ASP A 6 7.03 -9.50 -1.29
CA ASP A 6 8.27 -9.50 -2.06
C ASP A 6 8.03 -8.97 -3.47
N GLU A 7 6.96 -9.44 -4.09
CA GLU A 7 6.64 -9.08 -5.47
C GLU A 7 6.17 -7.64 -5.54
N VAL A 8 5.37 -7.23 -4.57
CA VAL A 8 4.85 -5.86 -4.51
C VAL A 8 6.01 -4.86 -4.46
N ALA A 9 6.91 -5.05 -3.49
CA ALA A 9 8.06 -4.18 -3.35
C ALA A 9 8.94 -4.22 -4.60
N ARG A 10 9.04 -5.40 -5.20
CA ARG A 10 9.84 -5.61 -6.39
C ARG A 10 9.38 -4.68 -7.52
N VAL A 11 8.08 -4.68 -7.78
CA VAL A 11 7.52 -3.86 -8.86
C VAL A 11 7.64 -2.37 -8.53
N LEU A 12 7.48 -2.02 -7.26
CA LEU A 12 7.61 -0.63 -6.84
C LEU A 12 8.99 -0.10 -7.18
N GLU A 13 10.02 -0.89 -6.87
CA GLU A 13 11.39 -0.52 -7.17
C GLU A 13 11.59 -0.33 -8.67
N LYS A 14 10.95 -1.18 -9.46
CA LYS A 14 11.03 -1.11 -10.91
C LYS A 14 10.27 0.10 -11.45
N ALA A 15 9.29 0.55 -10.67
CA ALA A 15 8.48 1.70 -11.05
C ALA A 15 9.10 3.01 -10.58
N GLY A 16 10.40 3.00 -10.31
CA GLY A 16 11.12 4.22 -10.00
C GLY A 16 10.99 4.66 -8.55
N PHE A 17 10.31 3.86 -7.75
CA PHE A 17 10.08 4.21 -6.35
C PHE A 17 11.33 4.01 -5.51
N THR A 18 11.37 4.70 -4.38
CA THR A 18 12.46 4.58 -3.43
C THR A 18 11.91 4.26 -2.04
N VAL A 19 12.69 3.58 -1.21
CA VAL A 19 12.26 3.24 0.13
C VAL A 19 12.27 4.47 1.04
N ASP A 20 11.21 4.63 1.82
CA ASP A 20 11.10 5.73 2.77
C ASP A 20 11.48 5.26 4.16
N VAL A 21 10.68 4.35 4.68
CA VAL A 21 10.90 3.84 6.03
C VAL A 21 10.94 2.32 6.03
N VAL A 22 12.13 1.77 6.22
CA VAL A 22 12.30 0.33 6.26
C VAL A 22 12.10 -0.18 7.69
N THR A 23 11.04 -0.95 7.88
CA THR A 23 10.76 -1.56 9.17
C THR A 23 10.63 -3.06 9.00
N ASN A 24 10.78 -3.78 10.11
CA ASN A 24 10.82 -5.23 10.07
C ASN A 24 9.44 -5.82 9.79
N LYS A 25 8.42 -4.97 9.78
CA LYS A 25 7.05 -5.42 9.56
C LYS A 25 6.46 -4.71 8.35
N THR A 26 7.18 -3.72 7.83
CA THR A 26 6.63 -2.83 6.84
C THR A 26 7.72 -2.22 5.95
N TYR A 27 7.50 -2.24 4.64
CA TYR A 27 8.38 -1.53 3.73
C TYR A 27 7.73 -0.24 3.28
N GLY A 28 8.13 0.87 3.90
CA GLY A 28 7.65 2.16 3.49
C GLY A 28 8.24 2.57 2.17
N TYR A 29 7.41 2.86 1.20
CA TYR A 29 7.86 3.13 -0.15
C TYR A 29 7.28 4.44 -0.67
N ARG A 30 8.09 5.21 -1.38
CA ARG A 30 7.68 6.54 -1.81
C ARG A 30 8.24 6.94 -3.17
N ARG A 31 7.54 7.88 -3.79
CA ARG A 31 8.05 8.65 -4.92
C ARG A 31 7.24 9.93 -5.03
N GLY A 32 7.83 11.03 -4.59
CA GLY A 32 7.11 12.28 -4.52
C GLY A 32 6.26 12.36 -3.26
N GLU A 33 5.04 12.83 -3.38
CA GLU A 33 4.11 12.89 -2.26
C GLU A 33 3.33 11.57 -2.16
N ASN A 34 3.70 10.64 -3.01
CA ASN A 34 3.03 9.34 -3.06
C ASN A 34 3.73 8.36 -2.12
N TYR A 35 3.15 8.18 -0.96
CA TYR A 35 3.69 7.25 0.04
C TYR A 35 2.83 6.00 0.12
N VAL A 36 3.46 4.84 0.00
CA VAL A 36 2.77 3.56 0.14
C VAL A 36 3.56 2.67 1.10
N TYR A 37 2.91 1.65 1.64
CA TYR A 37 3.56 0.74 2.57
C TYR A 37 3.30 -0.70 2.18
N VAL A 38 4.36 -1.47 2.02
CA VAL A 38 4.24 -2.89 1.73
C VAL A 38 4.17 -3.66 3.04
N ASN A 39 3.03 -4.31 3.27
CA ASN A 39 2.82 -5.09 4.47
C ASN A 39 3.54 -6.42 4.37
N ARG A 40 4.55 -6.62 5.22
CA ARG A 40 5.39 -7.81 5.14
C ARG A 40 4.70 -9.02 5.74
N GLU A 41 3.60 -8.78 6.44
CA GLU A 41 2.87 -9.84 7.11
C GLU A 41 1.74 -10.36 6.22
N ALA A 42 1.92 -10.19 4.91
CA ALA A 42 0.97 -10.72 3.95
C ALA A 42 1.09 -12.24 3.87
N ARG A 43 0.31 -12.91 4.70
CA ARG A 43 0.39 -14.37 4.81
C ARG A 43 -0.21 -15.03 3.58
N MET A 44 -1.16 -14.35 2.95
CA MET A 44 -1.83 -14.91 1.78
C MET A 44 -1.74 -13.96 0.59
N GLY A 45 -0.97 -12.88 0.75
CA GLY A 45 -0.81 -11.92 -0.33
C GLY A 45 -2.08 -11.13 -0.63
N ARG A 46 -3.03 -11.21 0.28
CA ARG A 46 -4.30 -10.50 0.11
C ARG A 46 -4.21 -9.10 0.68
N THR A 47 -3.20 -8.86 1.49
CA THR A 47 -3.03 -7.62 2.18
C THR A 47 -1.54 -7.33 2.24
N ALA A 48 -1.10 -6.49 1.35
CA ALA A 48 0.33 -6.25 1.17
C ALA A 48 0.59 -4.93 0.45
N LEU A 49 -0.31 -4.52 -0.43
CA LEU A 49 -0.19 -3.20 -1.02
C LEU A 49 -1.10 -2.23 -0.29
N ILE A 50 -0.55 -1.63 0.74
CA ILE A 50 -1.28 -0.65 1.51
C ILE A 50 -0.79 0.73 1.15
N ILE A 51 -1.53 1.38 0.28
CA ILE A 51 -1.08 2.63 -0.33
C ILE A 51 -1.13 3.81 0.64
N HIS A 52 -2.24 4.54 0.60
CA HIS A 52 -2.37 5.78 1.33
C HIS A 52 -3.82 6.24 1.18
N PRO A 53 -4.40 6.86 2.22
CA PRO A 53 -5.72 7.50 2.11
C PRO A 53 -5.72 8.61 1.06
N ARG A 54 -6.74 9.47 1.06
CA ARG A 54 -6.88 10.54 0.07
C ARG A 54 -7.28 9.97 -1.29
N LEU A 55 -6.55 8.96 -1.74
CA LEU A 55 -6.76 8.33 -3.03
C LEU A 55 -7.79 7.22 -2.97
N LYS A 56 -8.55 7.18 -1.89
CA LYS A 56 -9.55 6.13 -1.68
C LYS A 56 -10.56 6.12 -2.83
N ASP A 57 -11.01 7.29 -3.24
CA ASP A 57 -12.00 7.40 -4.32
C ASP A 57 -11.42 6.92 -5.64
N ARG A 58 -10.27 7.47 -6.03
CA ARG A 58 -9.62 7.10 -7.27
C ARG A 58 -9.22 5.61 -7.27
N SER A 59 -8.59 5.17 -6.20
CA SER A 59 -8.14 3.79 -6.10
C SER A 59 -9.31 2.82 -6.17
N SER A 60 -10.43 3.19 -5.58
CA SER A 60 -11.63 2.37 -5.59
C SER A 60 -12.13 2.12 -7.02
N SER A 61 -11.68 2.94 -7.96
CA SER A 61 -12.10 2.82 -9.35
C SER A 61 -11.06 2.07 -10.18
N LEU A 62 -10.02 1.58 -9.53
CA LEU A 62 -8.95 0.88 -10.24
C LEU A 62 -8.55 -0.39 -9.50
N ALA A 63 -7.73 -0.22 -8.47
CA ALA A 63 -7.16 -1.34 -7.76
C ALA A 63 -8.11 -1.83 -6.67
N ASP A 64 -8.43 -3.11 -6.73
CA ASP A 64 -9.40 -3.71 -5.81
C ASP A 64 -8.86 -3.77 -4.38
N PRO A 65 -9.63 -3.23 -3.42
CA PRO A 65 -9.32 -3.36 -2.01
C PRO A 65 -9.78 -4.71 -1.47
N ALA A 66 -8.90 -5.41 -0.77
CA ALA A 66 -9.22 -6.72 -0.22
C ALA A 66 -10.15 -6.59 0.97
N SER A 67 -9.77 -5.72 1.89
CA SER A 67 -10.55 -5.47 3.08
C SER A 67 -11.26 -4.13 2.94
N ASP A 68 -10.76 -3.18 3.67
CA ASP A 68 -11.22 -1.83 3.63
C ASP A 68 -10.10 -0.92 4.13
N ILE A 69 -9.63 -1.22 5.32
CA ILE A 69 -8.51 -0.55 5.93
C ILE A 69 -7.78 -1.51 6.86
N LYS A 70 -6.48 -1.43 6.85
CA LYS A 70 -5.64 -2.27 7.70
C LYS A 70 -4.79 -1.39 8.57
N THR A 71 -4.93 -1.54 9.87
CA THR A 71 -4.26 -0.66 10.81
C THR A 71 -2.94 -1.25 11.30
N CYS A 72 -2.01 -0.34 11.57
CA CYS A 72 -0.65 -0.68 11.97
C CYS A 72 0.08 0.62 12.24
N ASP A 73 0.76 0.70 13.39
CA ASP A 73 1.29 1.97 13.90
C ASP A 73 2.34 2.61 13.00
N HIS A 74 2.68 1.95 11.90
CA HIS A 74 3.64 2.51 10.95
C HIS A 74 2.96 3.48 9.97
N TYR A 75 1.64 3.38 9.83
CA TYR A 75 0.94 4.15 8.81
C TYR A 75 0.34 5.45 9.39
N GLN A 76 1.19 6.44 9.63
CA GLN A 76 0.71 7.72 10.16
C GLN A 76 0.33 8.65 9.02
N ASN A 77 1.35 9.14 8.32
CA ASN A 77 1.19 10.10 7.22
C ASN A 77 0.59 11.42 7.67
N PHE A 78 -0.72 11.43 7.89
CA PHE A 78 -1.45 12.66 8.13
C PHE A 78 -2.80 12.41 8.81
N PRO A 79 -3.64 11.49 8.28
CA PRO A 79 -4.99 11.27 8.82
C PRO A 79 -5.00 10.67 10.22
N LEU A 80 -4.71 9.36 10.32
CA LEU A 80 -4.74 8.63 11.59
C LEU A 80 -6.19 8.50 12.11
N TYR A 81 -6.63 7.28 12.34
CA TYR A 81 -8.00 7.02 12.77
C TYR A 81 -8.24 7.68 14.13
N LEU A 82 -9.02 8.76 14.12
CA LEU A 82 -9.31 9.50 15.32
C LEU A 82 -10.44 8.81 16.09
N GLY A 83 -10.07 8.05 17.10
CA GLY A 83 -11.06 7.36 17.91
C GLY A 83 -10.59 7.16 19.33
N GLY A 84 -11.39 6.48 20.12
CA GLY A 84 -11.08 6.27 21.52
C GLY A 84 -10.50 4.89 21.79
N GLU A 85 -9.88 4.31 20.77
CA GLU A 85 -9.20 3.04 20.92
C GLU A 85 -7.75 3.30 21.28
N THR A 86 -7.02 3.78 20.29
CA THR A 86 -5.62 4.17 20.48
C THR A 86 -5.16 5.08 19.34
N HIS A 87 -6.12 5.57 18.54
CA HIS A 87 -5.83 6.26 17.29
C HIS A 87 -5.09 5.32 16.35
N GLU A 88 -5.80 4.77 15.39
CA GLU A 88 -5.27 3.69 14.59
C GLU A 88 -4.64 4.21 13.30
N HIS A 89 -3.36 3.96 13.17
CA HIS A 89 -2.63 4.26 11.96
C HIS A 89 -3.11 3.33 10.86
N TYR A 90 -3.98 3.82 9.99
CA TYR A 90 -4.67 2.94 9.05
C TYR A 90 -4.22 3.19 7.62
N GLY A 91 -4.17 2.11 6.85
CA GLY A 91 -3.94 2.21 5.44
C GLY A 91 -4.93 1.36 4.68
N ILE A 92 -4.98 1.51 3.37
CA ILE A 92 -5.94 0.77 2.56
C ILE A 92 -5.26 -0.44 1.92
N PRO A 93 -5.66 -1.65 2.33
CA PRO A 93 -5.05 -2.90 1.86
C PRO A 93 -5.55 -3.35 0.50
N HIS A 94 -4.62 -3.55 -0.43
CA HIS A 94 -4.96 -4.01 -1.77
C HIS A 94 -4.27 -5.34 -2.05
N GLY A 95 -4.54 -5.88 -3.22
CA GLY A 95 -3.91 -7.11 -3.63
C GLY A 95 -4.31 -7.47 -5.05
N PHE A 96 -3.52 -8.30 -5.70
CA PHE A 96 -3.71 -8.60 -7.11
C PHE A 96 -3.38 -10.05 -7.38
N SER A 97 -2.99 -10.34 -8.61
CA SER A 97 -2.61 -11.69 -8.98
C SER A 97 -1.61 -11.67 -10.15
N SER A 98 -1.13 -10.49 -10.49
CA SER A 98 -0.17 -10.35 -11.58
C SER A 98 0.66 -9.08 -11.38
N ARG A 99 1.96 -9.21 -11.56
CA ARG A 99 2.88 -8.08 -11.47
C ARG A 99 2.55 -7.02 -12.51
N ILE A 100 2.24 -7.45 -13.73
CA ILE A 100 1.90 -6.53 -14.81
C ILE A 100 0.66 -5.71 -14.46
N ALA A 101 -0.25 -6.32 -13.71
CA ALA A 101 -1.45 -5.63 -13.27
C ALA A 101 -1.08 -4.48 -12.35
N LEU A 102 -0.24 -4.77 -11.37
CA LEU A 102 0.25 -3.75 -10.44
C LEU A 102 0.90 -2.61 -11.20
N GLU A 103 1.64 -2.95 -12.25
CA GLU A 103 2.29 -1.97 -13.12
C GLU A 103 1.25 -0.98 -13.65
N ARG A 104 0.20 -1.52 -14.26
CA ARG A 104 -0.83 -0.71 -14.89
C ARG A 104 -1.65 0.06 -13.86
N TYR A 105 -1.79 -0.48 -12.67
CA TYR A 105 -2.51 0.21 -11.61
C TYR A 105 -1.70 1.36 -11.06
N LEU A 106 -0.40 1.16 -10.85
CA LEU A 106 0.49 2.25 -10.47
C LEU A 106 0.49 3.31 -11.56
N ASN A 107 0.37 2.84 -12.79
CA ASN A 107 0.32 3.68 -13.98
C ASN A 107 -0.86 4.64 -13.92
N GLY A 108 -2.04 4.08 -13.71
CA GLY A 108 -3.26 4.86 -13.70
C GLY A 108 -3.52 5.59 -12.38
N LEU A 109 -3.24 4.91 -11.27
CA LEU A 109 -3.54 5.46 -9.94
C LEU A 109 -2.58 6.58 -9.56
N PHE A 110 -1.29 6.30 -9.61
CA PHE A 110 -0.29 7.28 -9.22
C PHE A 110 0.20 8.05 -10.44
N GLY A 111 0.51 7.32 -11.50
CA GLY A 111 0.99 7.95 -12.72
C GLY A 111 2.48 8.19 -12.67
N ASP A 112 3.22 7.45 -13.49
CA ASP A 112 4.66 7.65 -13.59
C ASP A 112 4.98 8.99 -14.18
#